data_2M85
#
_entry.id   2M85
#
loop_
_entity.id
_entity.type
_entity.pdbx_description
1 polymer 'E3 ubiquitin-protein ligase SHPRH'
2 non-polymer 'ZINC ION'
#
_entity_poly.entity_id   1
_entity_poly.type   'polypeptide(L)'
_entity_poly.pdbx_seq_one_letter_code
;GSPNSRVDFNTSDYRFECICGELDQIDRKPRVQCLKCHLWQHAKCVNYDEKNLKIKPFYCPHCLVAMEPVSTR
;
_entity_poly.pdbx_strand_id   A
#
loop_
_chem_comp.id
_chem_comp.type
_chem_comp.name
_chem_comp.formula
ZN non-polymer 'ZINC ION' 'Zn 2'
#
# COMPACT_ATOMS: atom_id res chain seq x y z
N PHE A 9 5.64 -25.35 2.67
CA PHE A 9 6.86 -24.50 2.72
C PHE A 9 6.45 -23.03 2.48
N ASN A 10 6.58 -22.20 3.53
CA ASN A 10 6.15 -20.78 3.49
C ASN A 10 7.27 -19.91 2.89
N THR A 11 7.00 -19.32 1.71
CA THR A 11 7.94 -18.43 1.01
C THR A 11 7.39 -16.99 1.03
N SER A 12 6.11 -16.85 0.63
CA SER A 12 5.37 -15.58 0.65
C SER A 12 3.87 -15.90 0.85
N ASP A 13 3.36 -15.69 2.07
CA ASP A 13 1.93 -15.89 2.38
C ASP A 13 1.09 -14.79 1.69
N TYR A 14 0.00 -15.22 1.03
CA TYR A 14 -0.84 -14.36 0.18
C TYR A 14 -1.98 -13.73 0.99
N ARG A 15 -1.60 -12.90 1.98
CA ARG A 15 -2.54 -12.04 2.74
C ARG A 15 -2.26 -10.58 2.35
N PHE A 16 -3.23 -9.95 1.68
CA PHE A 16 -3.09 -8.58 1.13
C PHE A 16 -4.36 -7.77 1.43
N GLU A 17 -4.22 -6.79 2.33
CA GLU A 17 -5.32 -5.93 2.80
C GLU A 17 -4.72 -4.66 3.42
N CYS A 18 -5.52 -3.58 3.51
CA CYS A 18 -5.09 -2.35 4.18
C CYS A 18 -4.92 -2.57 5.68
N ILE A 19 -3.84 -1.99 6.24
CA ILE A 19 -3.39 -2.23 7.64
C ILE A 19 -4.43 -1.82 8.73
N CYS A 20 -5.48 -1.02 8.37
CA CYS A 20 -6.56 -0.63 9.33
C CYS A 20 -7.63 -1.73 9.43
N GLY A 21 -7.81 -2.48 8.33
CA GLY A 21 -8.77 -3.58 8.26
C GLY A 21 -10.23 -3.13 8.26
N GLU A 22 -10.52 -1.99 7.60
CA GLU A 22 -11.87 -1.43 7.49
C GLU A 22 -12.50 -1.84 6.13
N LEU A 23 -12.07 -1.17 5.05
CA LEU A 23 -12.48 -1.46 3.66
C LEU A 23 -11.26 -1.30 2.73
N ASP A 24 -11.51 -1.44 1.42
CA ASP A 24 -10.60 -0.97 0.36
C ASP A 24 -11.44 -0.65 -0.87
N GLN A 25 -11.96 0.59 -0.91
CA GLN A 25 -12.78 1.11 -2.02
C GLN A 25 -12.80 2.64 -1.99
N ILE A 26 -12.56 3.25 -3.16
CA ILE A 26 -12.31 4.72 -3.28
C ILE A 26 -13.62 5.52 -3.05
N ASP A 27 -14.77 4.80 -3.11
CA ASP A 27 -16.10 5.35 -2.74
C ASP A 27 -16.05 6.03 -1.35
N ARG A 28 -15.57 5.29 -0.35
CA ARG A 28 -15.46 5.76 1.03
C ARG A 28 -14.04 6.30 1.28
N LYS A 29 -13.05 5.41 1.19
CA LYS A 29 -11.65 5.74 1.47
C LYS A 29 -10.77 5.35 0.27
N PRO A 30 -9.97 6.30 -0.31
CA PRO A 30 -9.18 6.04 -1.52
C PRO A 30 -8.14 4.93 -1.29
N ARG A 31 -7.85 4.10 -2.31
CA ARG A 31 -6.98 2.92 -2.16
C ARG A 31 -5.89 2.85 -3.26
N VAL A 32 -4.66 2.53 -2.81
CA VAL A 32 -3.50 2.28 -3.67
C VAL A 32 -3.20 0.75 -3.75
N GLN A 33 -3.13 0.26 -5.00
CA GLN A 33 -2.82 -1.15 -5.28
C GLN A 33 -1.30 -1.28 -5.47
N CYS A 34 -0.59 -1.54 -4.36
CA CYS A 34 0.88 -1.60 -4.32
C CYS A 34 1.41 -2.72 -5.25
N LEU A 35 1.69 -2.32 -6.50
CA LEU A 35 2.10 -3.21 -7.61
C LEU A 35 3.37 -4.05 -7.27
N LYS A 36 4.23 -3.46 -6.42
CA LYS A 36 5.51 -4.06 -6.01
C LYS A 36 5.34 -5.35 -5.18
N CYS A 37 4.21 -5.50 -4.46
CA CYS A 37 3.96 -6.72 -3.65
C CYS A 37 2.47 -7.15 -3.70
N HIS A 38 1.71 -6.61 -4.70
CA HIS A 38 0.27 -6.92 -4.93
C HIS A 38 -0.57 -6.75 -3.63
N LEU A 39 -0.29 -5.66 -2.91
CA LEU A 39 -0.88 -5.37 -1.59
C LEU A 39 -1.90 -4.22 -1.77
N TRP A 40 -3.16 -4.42 -1.35
CA TRP A 40 -4.23 -3.43 -1.55
C TRP A 40 -4.39 -2.60 -0.27
N GLN A 41 -3.82 -1.38 -0.25
CA GLN A 41 -3.87 -0.48 0.93
C GLN A 41 -4.66 0.79 0.58
N HIS A 42 -5.01 1.60 1.59
CA HIS A 42 -5.63 2.92 1.36
C HIS A 42 -4.56 4.01 1.09
N ALA A 43 -4.88 4.93 0.16
CA ALA A 43 -4.08 6.12 -0.10
C ALA A 43 -3.95 6.98 1.18
N LYS A 44 -5.09 7.26 1.84
CA LYS A 44 -5.14 8.08 3.08
C LYS A 44 -4.67 7.29 4.34
N CYS A 45 -4.12 6.10 4.13
CA CYS A 45 -3.43 5.32 5.18
C CYS A 45 -1.92 5.22 4.90
N VAL A 46 -1.50 5.58 3.67
CA VAL A 46 -0.08 5.56 3.24
C VAL A 46 0.45 6.98 2.92
N ASN A 47 -0.31 8.03 3.38
CA ASN A 47 0.05 9.47 3.22
C ASN A 47 0.04 9.89 1.72
N TYR A 48 -0.89 9.32 0.96
CA TYR A 48 -1.05 9.51 -0.50
C TYR A 48 -2.51 9.93 -0.78
N ASP A 49 -2.85 10.31 -2.03
CA ASP A 49 -4.23 10.70 -2.41
C ASP A 49 -4.61 10.11 -3.78
N GLU A 50 -5.93 10.04 -4.05
CA GLU A 50 -6.47 9.41 -5.28
C GLU A 50 -6.31 10.32 -6.52
N LYS A 51 -6.16 11.64 -6.27
CA LYS A 51 -6.00 12.64 -7.35
C LYS A 51 -4.72 12.37 -8.17
N ASN A 52 -3.59 12.13 -7.47
CA ASN A 52 -2.30 11.79 -8.12
C ASN A 52 -2.11 10.27 -8.26
N LEU A 53 -3.08 9.48 -7.74
CA LEU A 53 -3.17 8.02 -8.00
C LEU A 53 -3.37 7.77 -9.51
N LYS A 54 -4.16 8.67 -10.14
CA LYS A 54 -4.33 8.71 -11.63
C LYS A 54 -2.98 8.83 -12.39
N ILE A 55 -1.99 9.51 -11.79
CA ILE A 55 -0.74 9.93 -12.48
C ILE A 55 0.48 9.08 -12.01
N LYS A 56 0.83 9.35 -10.77
CA LYS A 56 2.09 8.93 -10.11
C LYS A 56 2.04 7.48 -9.57
N PRO A 57 3.24 6.82 -9.39
CA PRO A 57 3.36 5.49 -8.70
C PRO A 57 2.88 5.53 -7.24
N PHE A 58 2.49 4.35 -6.72
CA PHE A 58 1.81 4.21 -5.43
C PHE A 58 2.15 2.86 -4.78
N TYR A 59 2.55 2.91 -3.49
CA TYR A 59 3.04 1.73 -2.75
C TYR A 59 2.56 1.75 -1.29
N CYS A 60 2.68 0.58 -0.64
CA CYS A 60 2.48 0.42 0.81
C CYS A 60 3.78 0.82 1.55
N PRO A 61 3.70 1.40 2.80
CA PRO A 61 4.87 1.97 3.54
C PRO A 61 6.05 0.97 3.70
N HIS A 62 5.74 -0.34 3.80
CA HIS A 62 6.76 -1.39 4.01
C HIS A 62 7.72 -1.50 2.80
N CYS A 63 7.20 -1.30 1.57
CA CYS A 63 8.03 -1.31 0.34
C CYS A 63 8.98 -0.11 0.29
N LEU A 64 8.56 1.03 0.86
CA LEU A 64 9.42 2.22 0.96
C LEU A 64 10.64 1.90 1.86
N VAL A 65 10.34 1.35 3.05
CA VAL A 65 11.35 0.96 4.06
C VAL A 65 12.28 -0.16 3.53
N ALA A 66 11.70 -1.07 2.72
CA ALA A 66 12.43 -2.24 2.16
C ALA A 66 13.42 -1.83 1.07
N MET A 67 13.08 -0.77 0.30
CA MET A 67 13.98 -0.17 -0.71
C MET A 67 15.14 0.60 -0.05
N GLU A 68 14.91 1.03 1.21
CA GLU A 68 15.93 1.71 2.02
C GLU A 68 16.82 0.68 2.74
N PRO A 69 18.16 1.00 2.95
CA PRO A 69 19.12 0.07 3.60
C PRO A 69 18.73 -0.30 5.05
N VAL A 70 19.14 -1.51 5.47
CA VAL A 70 18.86 -2.05 6.82
C VAL A 70 20.12 -1.94 7.71
N SER A 71 19.90 -1.61 9.00
CA SER A 71 20.97 -1.46 9.99
C SER A 71 21.48 -2.85 10.46
N THR A 72 22.40 -3.43 9.66
CA THR A 72 23.02 -4.73 9.93
C THR A 72 24.34 -4.87 9.14
N ARG A 73 25.14 -5.89 9.46
CA ARG A 73 26.39 -6.20 8.76
C ARG A 73 26.14 -7.29 7.69
ZN ZN B . -6.89 1.84 5.50
ZN ZN C . 4.12 -3.12 -1.03
N PHE A 9 -1.78 -28.97 11.15
CA PHE A 9 -1.81 -28.43 9.77
C PHE A 9 -1.48 -26.93 9.80
N ASN A 10 -0.22 -26.59 9.46
CA ASN A 10 0.26 -25.19 9.41
C ASN A 10 -0.23 -24.52 8.11
N THR A 11 -1.49 -24.04 8.14
CA THR A 11 -2.15 -23.43 6.98
C THR A 11 -1.53 -22.05 6.66
N SER A 12 -0.94 -21.92 5.46
CA SER A 12 -0.31 -20.68 5.00
C SER A 12 -1.37 -19.68 4.49
N ASP A 13 -1.05 -18.37 4.62
CA ASP A 13 -1.95 -17.28 4.20
C ASP A 13 -1.13 -16.12 3.61
N TYR A 14 -1.78 -15.30 2.77
CA TYR A 14 -1.18 -14.10 2.16
C TYR A 14 -2.16 -12.93 2.36
N ARG A 15 -2.05 -12.29 3.53
CA ARG A 15 -2.93 -11.19 3.93
C ARG A 15 -2.55 -9.88 3.22
N PHE A 16 -3.15 -9.66 2.04
CA PHE A 16 -2.91 -8.47 1.20
C PHE A 16 -4.02 -7.41 1.37
N GLU A 17 -4.58 -7.35 2.58
CA GLU A 17 -5.60 -6.34 2.97
C GLU A 17 -4.93 -5.07 3.57
N CYS A 18 -5.69 -3.96 3.66
CA CYS A 18 -5.23 -2.70 4.26
C CYS A 18 -5.04 -2.83 5.79
N ILE A 19 -4.07 -2.07 6.35
CA ILE A 19 -3.67 -2.16 7.77
C ILE A 19 -4.79 -1.69 8.76
N CYS A 20 -5.74 -0.85 8.29
CA CYS A 20 -6.87 -0.37 9.15
C CYS A 20 -7.97 -1.44 9.28
N GLY A 21 -7.94 -2.47 8.39
CA GLY A 21 -8.92 -3.56 8.40
C GLY A 21 -10.30 -3.19 7.85
N GLU A 22 -10.51 -1.91 7.51
CA GLU A 22 -11.79 -1.39 6.99
C GLU A 22 -11.93 -1.65 5.47
N LEU A 23 -13.12 -1.35 4.92
CA LEU A 23 -13.42 -1.55 3.48
C LEU A 23 -12.47 -0.74 2.60
N ASP A 24 -11.62 -1.46 1.85
CA ASP A 24 -10.60 -0.87 0.98
C ASP A 24 -11.17 -0.67 -0.44
N GLN A 25 -12.19 0.21 -0.54
CA GLN A 25 -12.79 0.63 -1.81
C GLN A 25 -12.71 2.16 -1.91
N ILE A 26 -12.57 2.68 -3.16
CA ILE A 26 -12.57 4.14 -3.46
C ILE A 26 -13.89 4.79 -3.00
N ASP A 27 -14.95 3.96 -3.05
CA ASP A 27 -16.34 4.31 -2.65
C ASP A 27 -16.38 4.93 -1.23
N ARG A 28 -15.63 4.32 -0.31
CA ARG A 28 -15.41 4.87 1.04
C ARG A 28 -14.31 5.93 0.97
N LYS A 29 -13.05 5.47 0.76
CA LYS A 29 -11.87 6.34 0.74
C LYS A 29 -10.91 5.89 -0.38
N PRO A 30 -10.09 6.82 -0.98
CA PRO A 30 -9.13 6.45 -2.07
C PRO A 30 -8.14 5.36 -1.63
N ARG A 31 -7.71 4.52 -2.59
CA ARG A 31 -6.90 3.33 -2.29
C ARG A 31 -5.76 3.15 -3.31
N VAL A 32 -4.60 2.75 -2.79
CA VAL A 32 -3.39 2.42 -3.55
C VAL A 32 -3.15 0.89 -3.56
N GLN A 33 -3.27 0.29 -4.75
CA GLN A 33 -3.03 -1.14 -4.98
C GLN A 33 -1.54 -1.35 -5.29
N CYS A 34 -0.75 -1.61 -4.21
CA CYS A 34 0.72 -1.70 -4.27
C CYS A 34 1.16 -2.87 -5.16
N LEU A 35 1.41 -2.54 -6.43
CA LEU A 35 1.69 -3.51 -7.51
C LEU A 35 2.95 -4.36 -7.24
N LYS A 36 3.90 -3.79 -6.48
CA LYS A 36 5.21 -4.43 -6.22
C LYS A 36 5.09 -5.67 -5.31
N CYS A 37 4.09 -5.68 -4.39
CA CYS A 37 3.89 -6.83 -3.45
C CYS A 37 2.40 -7.23 -3.37
N HIS A 38 1.60 -6.77 -4.37
CA HIS A 38 0.16 -7.13 -4.52
C HIS A 38 -0.66 -6.79 -3.25
N LEU A 39 -0.29 -5.67 -2.58
CA LEU A 39 -0.83 -5.31 -1.26
C LEU A 39 -1.86 -4.18 -1.45
N TRP A 40 -3.11 -4.45 -1.07
CA TRP A 40 -4.22 -3.49 -1.22
C TRP A 40 -4.27 -2.62 0.03
N GLN A 41 -4.19 -1.30 -0.13
CA GLN A 41 -4.17 -0.36 0.99
C GLN A 41 -4.84 0.94 0.56
N HIS A 42 -5.30 1.75 1.54
CA HIS A 42 -5.85 3.09 1.26
C HIS A 42 -4.72 4.07 1.00
N ALA A 43 -4.98 5.02 0.08
CA ALA A 43 -4.06 6.13 -0.19
C ALA A 43 -3.82 6.94 1.08
N LYS A 44 -4.92 7.27 1.77
CA LYS A 44 -4.90 8.10 2.98
C LYS A 44 -4.21 7.38 4.16
N CYS A 45 -4.19 6.02 4.11
CA CYS A 45 -3.56 5.19 5.15
C CYS A 45 -2.02 5.15 4.99
N VAL A 46 -1.52 5.30 3.74
CA VAL A 46 -0.06 5.30 3.46
C VAL A 46 0.51 6.73 3.33
N ASN A 47 -0.38 7.74 3.58
CA ASN A 47 -0.07 9.18 3.40
C ASN A 47 0.09 9.50 1.91
N TYR A 48 -1.06 9.57 1.22
CA TYR A 48 -1.15 9.68 -0.25
C TYR A 48 -2.61 10.10 -0.59
N ASP A 49 -2.86 10.63 -1.79
CA ASP A 49 -4.24 11.00 -2.22
C ASP A 49 -4.44 10.67 -3.71
N GLU A 50 -5.71 10.43 -4.09
CA GLU A 50 -6.07 9.87 -5.42
C GLU A 50 -5.80 10.84 -6.58
N LYS A 51 -5.72 12.14 -6.25
CA LYS A 51 -5.50 13.23 -7.23
C LYS A 51 -4.19 13.01 -8.03
N ASN A 52 -3.29 12.16 -7.47
CA ASN A 52 -2.05 11.73 -8.13
C ASN A 52 -1.89 10.19 -8.13
N LEU A 53 -2.91 9.45 -7.64
CA LEU A 53 -3.02 7.98 -7.84
C LEU A 53 -3.16 7.66 -9.34
N LYS A 54 -3.82 8.58 -10.04
CA LYS A 54 -3.98 8.51 -11.51
C LYS A 54 -2.75 9.05 -12.29
N ILE A 55 -1.70 9.54 -11.57
CA ILE A 55 -0.49 10.14 -12.21
C ILE A 55 0.77 9.36 -11.75
N LYS A 56 1.11 9.58 -10.48
CA LYS A 56 2.35 9.11 -9.84
C LYS A 56 2.24 7.65 -9.34
N PRO A 57 3.40 6.92 -9.23
CA PRO A 57 3.46 5.59 -8.57
C PRO A 57 2.93 5.58 -7.12
N PHE A 58 2.52 4.39 -6.67
CA PHE A 58 1.83 4.21 -5.39
C PHE A 58 2.23 2.85 -4.77
N TYR A 59 2.84 2.91 -3.56
CA TYR A 59 3.30 1.72 -2.83
C TYR A 59 2.95 1.81 -1.34
N CYS A 60 2.85 0.64 -0.70
CA CYS A 60 2.59 0.50 0.75
C CYS A 60 3.87 0.83 1.55
N PRO A 61 3.77 1.28 2.86
CA PRO A 61 4.91 1.90 3.62
C PRO A 61 6.17 1.01 3.69
N HIS A 62 5.97 -0.32 3.83
CA HIS A 62 7.07 -1.29 4.04
C HIS A 62 7.94 -1.44 2.78
N CYS A 63 7.35 -1.23 1.59
CA CYS A 63 8.11 -1.27 0.31
C CYS A 63 9.06 -0.07 0.19
N LEU A 64 8.63 1.11 0.71
CA LEU A 64 9.47 2.35 0.69
C LEU A 64 10.81 2.08 1.39
N VAL A 65 10.70 1.62 2.65
CA VAL A 65 11.86 1.30 3.51
C VAL A 65 12.72 0.14 2.94
N ALA A 66 12.04 -0.81 2.25
CA ALA A 66 12.68 -2.00 1.65
C ALA A 66 13.58 -1.62 0.45
N MET A 67 13.12 -0.64 -0.35
CA MET A 67 13.82 -0.18 -1.56
C MET A 67 14.92 0.84 -1.22
N GLU A 68 14.64 1.68 -0.21
CA GLU A 68 15.57 2.70 0.31
C GLU A 68 16.62 2.06 1.25
N PRO A 69 17.78 2.75 1.53
CA PRO A 69 18.79 2.28 2.53
C PRO A 69 18.15 1.96 3.90
N VAL A 70 18.49 0.78 4.44
CA VAL A 70 17.95 0.27 5.71
C VAL A 70 18.42 1.11 6.93
N SER A 71 17.66 1.01 8.03
CA SER A 71 17.97 1.70 9.28
C SER A 71 19.14 1.02 10.01
N THR A 72 19.78 1.77 10.93
CA THR A 72 20.97 1.30 11.66
C THR A 72 20.83 1.66 13.16
N ARG A 73 21.43 0.82 14.02
CA ARG A 73 21.42 1.03 15.47
C ARG A 73 22.57 1.97 15.89
ZN ZN B . -7.04 1.67 5.17
ZN ZN C . 4.10 -3.09 -1.01
N PHE A 9 -5.34 -25.34 -4.27
CA PHE A 9 -3.88 -25.60 -4.22
C PHE A 9 -3.23 -24.72 -3.14
N ASN A 10 -3.04 -25.28 -1.93
CA ASN A 10 -2.45 -24.57 -0.78
C ASN A 10 -0.91 -24.68 -0.82
N THR A 11 -0.27 -23.70 -1.49
CA THR A 11 1.19 -23.55 -1.50
C THR A 11 1.62 -22.48 -0.47
N SER A 12 1.38 -21.20 -0.82
CA SER A 12 1.69 -20.03 0.02
C SER A 12 0.75 -18.90 -0.36
N ASP A 13 -0.33 -18.73 0.41
CA ASP A 13 -1.31 -17.66 0.20
C ASP A 13 -0.76 -16.31 0.68
N TYR A 14 -1.48 -15.22 0.34
CA TYR A 14 -1.03 -13.85 0.61
C TYR A 14 -2.18 -13.04 1.22
N ARG A 15 -1.91 -12.39 2.37
CA ARG A 15 -2.88 -11.51 3.05
C ARG A 15 -2.77 -10.09 2.50
N PHE A 16 -3.27 -9.91 1.25
CA PHE A 16 -3.31 -8.59 0.59
C PHE A 16 -4.56 -7.81 1.04
N GLU A 17 -4.36 -6.94 2.04
CA GLU A 17 -5.39 -6.01 2.52
C GLU A 17 -4.72 -4.88 3.32
N CYS A 18 -5.42 -3.73 3.47
CA CYS A 18 -4.88 -2.53 4.12
C CYS A 18 -4.55 -2.77 5.61
N ILE A 19 -3.50 -2.05 6.11
CA ILE A 19 -2.97 -2.24 7.49
C ILE A 19 -3.98 -1.86 8.60
N CYS A 20 -4.95 -0.96 8.30
CA CYS A 20 -5.97 -0.54 9.29
C CYS A 20 -7.09 -1.60 9.44
N GLY A 21 -7.18 -2.51 8.43
CA GLY A 21 -8.13 -3.64 8.46
C GLY A 21 -9.60 -3.22 8.43
N GLU A 22 -9.93 -2.23 7.59
CA GLU A 22 -11.28 -1.64 7.51
C GLU A 22 -11.96 -1.93 6.15
N LEU A 23 -11.52 -1.22 5.09
CA LEU A 23 -12.08 -1.32 3.72
C LEU A 23 -10.95 -1.23 2.69
N ASP A 24 -11.32 -1.44 1.41
CA ASP A 24 -10.48 -1.11 0.25
C ASP A 24 -11.41 -0.71 -0.91
N GLN A 25 -11.77 0.59 -0.96
CA GLN A 25 -12.56 1.21 -2.05
C GLN A 25 -11.91 2.54 -2.46
N ILE A 26 -12.46 3.26 -3.46
CA ILE A 26 -11.91 4.58 -3.89
C ILE A 26 -12.84 5.73 -3.43
N ASP A 27 -14.16 5.46 -3.42
CA ASP A 27 -15.21 6.48 -3.17
C ASP A 27 -15.07 7.15 -1.77
N ARG A 28 -15.38 6.38 -0.72
CA ARG A 28 -15.41 6.90 0.67
C ARG A 28 -13.99 7.02 1.24
N LYS A 29 -13.25 5.90 1.20
CA LYS A 29 -11.86 5.83 1.70
C LYS A 29 -10.95 5.33 0.56
N PRO A 30 -10.28 6.27 -0.21
CA PRO A 30 -9.41 5.90 -1.36
C PRO A 30 -8.35 4.82 -1.05
N ARG A 31 -8.09 3.96 -2.06
CA ARG A 31 -7.21 2.78 -1.94
C ARG A 31 -6.05 2.84 -2.96
N VAL A 32 -4.83 2.50 -2.50
CA VAL A 32 -3.64 2.32 -3.35
C VAL A 32 -3.27 0.83 -3.46
N GLN A 33 -3.25 0.32 -4.68
CA GLN A 33 -2.95 -1.08 -4.98
C GLN A 33 -1.47 -1.21 -5.27
N CYS A 34 -0.68 -1.56 -4.23
CA CYS A 34 0.77 -1.63 -4.29
C CYS A 34 1.20 -2.76 -5.22
N LEU A 35 1.30 -2.42 -6.52
CA LEU A 35 1.57 -3.34 -7.64
C LEU A 35 2.91 -4.10 -7.46
N LYS A 36 3.86 -3.47 -6.75
CA LYS A 36 5.21 -4.02 -6.52
C LYS A 36 5.16 -5.33 -5.71
N CYS A 37 4.23 -5.42 -4.72
CA CYS A 37 4.10 -6.64 -3.86
C CYS A 37 2.66 -7.17 -3.85
N HIS A 38 1.81 -6.67 -4.80
CA HIS A 38 0.39 -7.10 -4.97
C HIS A 38 -0.40 -6.97 -3.66
N LEU A 39 -0.20 -5.83 -2.96
CA LEU A 39 -0.73 -5.61 -1.58
C LEU A 39 -1.71 -4.44 -1.64
N TRP A 40 -2.94 -4.68 -1.18
CA TRP A 40 -4.00 -3.65 -1.18
C TRP A 40 -3.83 -2.77 0.06
N GLN A 41 -3.98 -1.46 -0.12
CA GLN A 41 -3.83 -0.49 0.99
C GLN A 41 -4.74 0.71 0.70
N HIS A 42 -4.89 1.63 1.69
CA HIS A 42 -5.55 2.92 1.47
C HIS A 42 -4.53 4.00 1.14
N ALA A 43 -4.94 4.90 0.24
CA ALA A 43 -4.21 6.15 -0.04
C ALA A 43 -4.07 6.99 1.25
N LYS A 44 -5.17 7.06 1.99
CA LYS A 44 -5.28 7.84 3.25
C LYS A 44 -4.67 7.08 4.46
N CYS A 45 -3.98 5.96 4.19
CA CYS A 45 -3.19 5.22 5.21
C CYS A 45 -1.69 5.20 4.84
N VAL A 46 -1.35 5.75 3.64
CA VAL A 46 0.05 5.85 3.14
C VAL A 46 0.43 7.33 2.89
N ASN A 47 -0.46 8.26 3.32
CA ASN A 47 -0.27 9.73 3.17
C ASN A 47 -0.30 10.14 1.69
N TYR A 48 -1.44 9.88 1.05
CA TYR A 48 -1.62 9.97 -0.41
C TYR A 48 -3.14 10.12 -0.72
N ASP A 49 -3.49 10.26 -2.01
CA ASP A 49 -4.91 10.37 -2.44
C ASP A 49 -5.10 9.73 -3.83
N GLU A 50 -6.37 9.67 -4.29
CA GLU A 50 -6.73 8.98 -5.54
C GLU A 50 -6.46 9.86 -6.77
N LYS A 51 -6.44 11.20 -6.57
CA LYS A 51 -6.27 12.18 -7.67
C LYS A 51 -4.89 11.99 -8.32
N ASN A 52 -3.83 11.98 -7.48
CA ASN A 52 -2.45 11.75 -7.94
C ASN A 52 -2.15 10.26 -8.14
N LEU A 53 -3.12 9.37 -7.83
CA LEU A 53 -3.03 7.92 -8.15
C LEU A 53 -3.16 7.72 -9.67
N LYS A 54 -4.07 8.50 -10.30
CA LYS A 54 -4.24 8.50 -11.79
C LYS A 54 -2.99 9.04 -12.54
N ILE A 55 -2.03 9.66 -11.81
CA ILE A 55 -0.82 10.28 -12.40
C ILE A 55 0.42 9.45 -12.03
N LYS A 56 0.71 9.48 -10.73
CA LYS A 56 1.95 8.98 -10.11
C LYS A 56 1.84 7.50 -9.67
N PRO A 57 3.00 6.80 -9.44
CA PRO A 57 3.05 5.48 -8.74
C PRO A 57 2.53 5.55 -7.28
N PHE A 58 2.10 4.40 -6.75
CA PHE A 58 1.46 4.28 -5.43
C PHE A 58 1.83 2.93 -4.79
N TYR A 59 2.38 2.97 -3.56
CA TYR A 59 2.88 1.77 -2.86
C TYR A 59 2.47 1.78 -1.37
N CYS A 60 2.60 0.61 -0.74
CA CYS A 60 2.43 0.42 0.71
C CYS A 60 3.72 0.87 1.44
N PRO A 61 3.64 1.37 2.73
CA PRO A 61 4.80 1.95 3.46
C PRO A 61 5.97 0.94 3.65
N HIS A 62 5.59 -0.34 3.75
CA HIS A 62 6.54 -1.45 4.03
C HIS A 62 7.57 -1.61 2.90
N CYS A 63 7.14 -1.32 1.64
CA CYS A 63 8.06 -1.32 0.47
C CYS A 63 9.09 -0.19 0.55
N LEU A 64 8.68 0.96 1.12
CA LEU A 64 9.56 2.14 1.28
C LEU A 64 10.57 1.91 2.42
N VAL A 65 10.21 1.01 3.36
CA VAL A 65 11.10 0.58 4.47
C VAL A 65 12.03 -0.57 4.00
N ALA A 66 11.54 -1.35 3.03
CA ALA A 66 12.31 -2.45 2.40
C ALA A 66 13.46 -1.88 1.55
N MET A 67 13.13 -0.84 0.76
CA MET A 67 14.09 -0.16 -0.12
C MET A 67 14.92 0.86 0.68
N GLU A 68 14.22 1.94 1.14
CA GLU A 68 14.83 3.13 1.78
C GLU A 68 15.78 3.90 0.81
N PRO A 69 15.89 5.26 0.95
CA PRO A 69 16.95 6.06 0.31
C PRO A 69 18.36 5.48 0.59
N VAL A 70 19.21 5.44 -0.46
CA VAL A 70 20.58 4.84 -0.40
C VAL A 70 21.41 5.46 0.76
N SER A 71 21.54 4.68 1.85
CA SER A 71 22.20 5.10 3.10
C SER A 71 23.72 5.14 2.91
N THR A 72 24.21 6.29 2.42
CA THR A 72 25.62 6.51 2.06
C THR A 72 26.27 7.53 3.03
N ARG A 73 27.35 7.12 3.71
CA ARG A 73 28.10 7.97 4.65
C ARG A 73 29.00 8.99 3.88
ZN ZN B . -6.58 1.73 5.54
ZN ZN C . 4.22 -3.00 -1.19
N PHE A 9 1.61 -23.39 -3.93
CA PHE A 9 2.47 -23.49 -2.74
C PHE A 9 1.92 -22.60 -1.60
N ASN A 10 1.69 -23.19 -0.42
CA ASN A 10 1.29 -22.47 0.82
C ASN A 10 2.53 -22.08 1.66
N THR A 11 3.70 -22.01 1.00
CA THR A 11 5.00 -21.74 1.62
C THR A 11 5.03 -20.36 2.33
N SER A 12 4.22 -19.41 1.81
CA SER A 12 3.96 -18.12 2.46
C SER A 12 2.45 -17.86 2.44
N ASP A 13 1.90 -17.51 3.62
CA ASP A 13 0.49 -17.08 3.73
C ASP A 13 0.35 -15.70 3.07
N TYR A 14 -0.30 -15.67 1.89
CA TYR A 14 -0.39 -14.48 1.04
C TYR A 14 -1.36 -13.44 1.66
N ARG A 15 -0.81 -12.59 2.55
CA ARG A 15 -1.55 -11.57 3.28
C ARG A 15 -1.49 -10.22 2.54
N PHE A 16 -2.62 -9.84 1.91
CA PHE A 16 -2.77 -8.54 1.21
C PHE A 16 -4.09 -7.87 1.64
N GLU A 17 -3.97 -6.93 2.58
CA GLU A 17 -5.08 -6.10 3.08
C GLU A 17 -4.49 -4.80 3.68
N CYS A 18 -5.32 -3.73 3.74
CA CYS A 18 -4.94 -2.47 4.37
C CYS A 18 -4.76 -2.65 5.89
N ILE A 19 -3.76 -1.95 6.47
CA ILE A 19 -3.33 -2.15 7.87
C ILE A 19 -4.40 -1.70 8.92
N CYS A 20 -5.49 -1.04 8.46
CA CYS A 20 -6.65 -0.69 9.35
C CYS A 20 -7.70 -1.80 9.32
N GLY A 21 -7.80 -2.47 8.16
CA GLY A 21 -8.78 -3.55 7.95
C GLY A 21 -10.25 -3.11 8.03
N GLU A 22 -10.50 -1.79 7.86
CA GLU A 22 -11.86 -1.23 7.92
C GLU A 22 -12.58 -1.48 6.59
N LEU A 23 -12.08 -0.81 5.54
CA LEU A 23 -12.52 -0.97 4.14
C LEU A 23 -11.30 -1.00 3.21
N ASP A 24 -11.55 -1.01 1.88
CA ASP A 24 -10.51 -0.71 0.86
C ASP A 24 -11.18 -0.54 -0.50
N GLN A 25 -12.10 0.45 -0.60
CA GLN A 25 -12.79 0.84 -1.87
C GLN A 25 -12.62 2.36 -2.10
N ILE A 26 -12.38 2.76 -3.36
CA ILE A 26 -12.08 4.18 -3.73
C ILE A 26 -13.31 5.09 -3.47
N ASP A 27 -14.51 4.49 -3.54
CA ASP A 27 -15.80 5.18 -3.35
C ASP A 27 -15.82 5.97 -2.03
N ARG A 28 -15.48 5.27 -0.93
CA ARG A 28 -15.44 5.85 0.42
C ARG A 28 -14.08 6.52 0.67
N LYS A 29 -13.01 5.74 0.50
CA LYS A 29 -11.64 6.16 0.85
C LYS A 29 -10.67 5.86 -0.32
N PRO A 30 -9.84 6.85 -0.77
CA PRO A 30 -8.73 6.61 -1.73
C PRO A 30 -7.85 5.41 -1.31
N ARG A 31 -7.58 4.46 -2.24
CA ARG A 31 -6.85 3.21 -1.92
C ARG A 31 -5.87 2.79 -3.05
N VAL A 32 -4.60 2.57 -2.63
CA VAL A 32 -3.45 2.28 -3.50
C VAL A 32 -3.14 0.78 -3.57
N GLN A 33 -3.09 0.26 -4.80
CA GLN A 33 -2.77 -1.14 -5.10
C GLN A 33 -1.28 -1.24 -5.48
N CYS A 34 -0.45 -1.57 -4.47
CA CYS A 34 1.01 -1.71 -4.60
C CYS A 34 1.37 -2.82 -5.62
N LEU A 35 1.43 -2.42 -6.89
CA LEU A 35 1.54 -3.31 -8.06
C LEU A 35 2.75 -4.26 -8.02
N LYS A 36 3.84 -3.80 -7.37
CA LYS A 36 5.11 -4.53 -7.32
C LYS A 36 5.06 -5.75 -6.34
N CYS A 37 4.15 -5.74 -5.32
CA CYS A 37 3.96 -6.92 -4.41
C CYS A 37 2.47 -7.32 -4.26
N HIS A 38 1.60 -6.69 -5.10
CA HIS A 38 0.12 -6.90 -5.09
C HIS A 38 -0.49 -6.76 -3.68
N LEU A 39 -0.22 -5.60 -3.04
CA LEU A 39 -0.65 -5.31 -1.66
C LEU A 39 -1.72 -4.21 -1.71
N TRP A 40 -2.93 -4.51 -1.20
CA TRP A 40 -4.06 -3.54 -1.19
C TRP A 40 -3.96 -2.69 0.10
N GLN A 41 -3.83 -1.36 -0.05
CA GLN A 41 -3.81 -0.44 1.11
C GLN A 41 -4.56 0.86 0.75
N HIS A 42 -4.90 1.69 1.75
CA HIS A 42 -5.51 3.03 1.51
C HIS A 42 -4.41 4.08 1.27
N ALA A 43 -4.67 4.97 0.32
CA ALA A 43 -3.87 6.18 0.10
C ALA A 43 -3.88 7.07 1.36
N LYS A 44 -5.08 7.20 1.98
CA LYS A 44 -5.29 8.01 3.20
C LYS A 44 -4.81 7.27 4.49
N CYS A 45 -4.15 6.13 4.32
CA CYS A 45 -3.46 5.41 5.42
C CYS A 45 -1.94 5.40 5.20
N VAL A 46 -1.50 5.89 4.01
CA VAL A 46 -0.06 5.90 3.62
C VAL A 46 0.41 7.34 3.27
N ASN A 47 -0.44 8.36 3.62
CA ASN A 47 -0.17 9.80 3.35
C ASN A 47 -0.05 10.04 1.83
N TYR A 48 -1.22 10.00 1.17
CA TYR A 48 -1.36 10.00 -0.31
C TYR A 48 -2.86 10.19 -0.62
N ASP A 49 -3.22 10.53 -1.87
CA ASP A 49 -4.65 10.70 -2.27
C ASP A 49 -4.93 9.96 -3.60
N GLU A 50 -6.21 10.03 -4.06
CA GLU A 50 -6.64 9.34 -5.30
C GLU A 50 -6.35 10.17 -6.57
N LYS A 51 -6.34 11.51 -6.45
CA LYS A 51 -6.13 12.40 -7.61
C LYS A 51 -4.73 12.18 -8.21
N ASN A 52 -3.72 12.08 -7.32
CA ASN A 52 -2.32 11.81 -7.72
C ASN A 52 -2.06 10.28 -7.88
N LEU A 53 -3.06 9.46 -7.52
CA LEU A 53 -3.03 7.99 -7.76
C LEU A 53 -3.19 7.73 -9.27
N LYS A 54 -4.08 8.51 -9.92
CA LYS A 54 -4.32 8.45 -11.38
C LYS A 54 -3.11 8.98 -12.21
N ILE A 55 -2.14 9.65 -11.54
CA ILE A 55 -0.97 10.27 -12.20
C ILE A 55 0.31 9.46 -11.88
N LYS A 56 0.60 9.45 -10.59
CA LYS A 56 1.86 8.97 -9.99
C LYS A 56 1.82 7.45 -9.67
N PRO A 57 3.04 6.80 -9.55
CA PRO A 57 3.16 5.45 -8.96
C PRO A 57 2.78 5.43 -7.47
N PHE A 58 2.28 4.27 -7.02
CA PHE A 58 1.77 4.10 -5.65
C PHE A 58 2.16 2.70 -5.13
N TYR A 59 2.79 2.69 -3.94
CA TYR A 59 3.28 1.45 -3.30
C TYR A 59 2.90 1.46 -1.80
N CYS A 60 2.94 0.27 -1.19
CA CYS A 60 2.61 0.07 0.23
C CYS A 60 3.87 0.37 1.10
N PRO A 61 3.69 1.03 2.30
CA PRO A 61 4.81 1.61 3.11
C PRO A 61 5.93 0.61 3.49
N HIS A 62 5.59 -0.69 3.68
CA HIS A 62 6.60 -1.73 4.03
C HIS A 62 7.67 -1.90 2.90
N CYS A 63 7.24 -1.66 1.64
CA CYS A 63 8.15 -1.65 0.48
C CYS A 63 9.07 -0.41 0.50
N LEU A 64 8.52 0.73 0.97
CA LEU A 64 9.28 1.99 1.10
C LEU A 64 10.37 1.85 2.18
N VAL A 65 10.02 1.15 3.27
CA VAL A 65 10.94 0.84 4.38
C VAL A 65 12.03 -0.16 3.94
N ALA A 66 11.63 -1.10 3.06
CA ALA A 66 12.54 -2.11 2.50
C ALA A 66 13.57 -1.49 1.54
N MET A 67 13.20 -0.35 0.91
CA MET A 67 14.09 0.40 -0.01
C MET A 67 15.03 1.36 0.76
N GLU A 68 14.85 1.47 2.09
CA GLU A 68 15.73 2.27 2.97
C GLU A 68 16.74 1.34 3.69
N PRO A 69 17.94 1.86 4.11
CA PRO A 69 18.88 1.11 4.98
C PRO A 69 18.43 1.15 6.47
N VAL A 70 18.92 0.20 7.28
CA VAL A 70 18.55 0.09 8.71
C VAL A 70 19.23 1.20 9.55
N SER A 71 18.40 1.93 10.31
CA SER A 71 18.87 2.97 11.24
C SER A 71 19.32 2.33 12.55
N THR A 72 20.42 2.84 13.12
CA THR A 72 20.93 2.39 14.43
C THR A 72 20.03 2.95 15.55
N ARG A 73 19.53 2.06 16.42
CA ARG A 73 18.67 2.42 17.57
C ARG A 73 19.46 3.31 18.58
ZN ZN B . -6.82 1.79 5.52
ZN ZN C . 4.26 -3.46 -1.43
N PHE A 9 -0.11 -24.20 8.32
CA PHE A 9 -1.26 -23.27 8.28
C PHE A 9 -0.78 -21.90 7.78
N ASN A 10 -1.03 -21.62 6.49
CA ASN A 10 -0.78 -20.31 5.84
C ASN A 10 0.73 -19.97 5.78
N THR A 11 1.56 -21.01 5.52
CA THR A 11 3.05 -20.87 5.43
C THR A 11 3.47 -20.03 4.20
N SER A 12 2.63 -20.03 3.15
CA SER A 12 2.90 -19.30 1.89
C SER A 12 1.63 -18.56 1.40
N ASP A 13 0.68 -18.33 2.33
CA ASP A 13 -0.61 -17.70 2.01
C ASP A 13 -0.41 -16.18 1.89
N TYR A 14 -0.72 -15.65 0.71
CA TYR A 14 -0.50 -14.23 0.36
C TYR A 14 -1.65 -13.37 0.89
N ARG A 15 -1.50 -12.88 2.14
CA ARG A 15 -2.51 -12.07 2.82
C ARG A 15 -2.37 -10.58 2.46
N PHE A 16 -3.03 -10.19 1.37
CA PHE A 16 -3.17 -8.79 0.95
C PHE A 16 -4.45 -8.19 1.57
N GLU A 17 -4.30 -7.05 2.28
CA GLU A 17 -5.42 -6.33 2.95
C GLU A 17 -4.86 -5.01 3.53
N CYS A 18 -5.72 -3.98 3.66
CA CYS A 18 -5.29 -2.64 4.14
C CYS A 18 -5.08 -2.63 5.67
N ILE A 19 -4.01 -1.93 6.12
CA ILE A 19 -3.57 -1.91 7.55
C ILE A 19 -4.66 -1.43 8.56
N CYS A 20 -5.67 -0.65 8.10
CA CYS A 20 -6.78 -0.19 8.99
C CYS A 20 -7.72 -1.33 9.41
N GLY A 21 -7.66 -2.47 8.66
CA GLY A 21 -8.43 -3.69 8.97
C GLY A 21 -9.95 -3.48 8.89
N GLU A 22 -10.37 -2.65 7.92
CA GLU A 22 -11.78 -2.23 7.77
C GLU A 22 -12.26 -2.52 6.33
N LEU A 23 -11.77 -1.71 5.37
CA LEU A 23 -12.12 -1.80 3.94
C LEU A 23 -10.85 -1.48 3.12
N ASP A 24 -10.98 -1.54 1.78
CA ASP A 24 -9.99 -0.96 0.86
C ASP A 24 -10.63 -0.74 -0.53
N GLN A 25 -11.58 0.20 -0.57
CA GLN A 25 -12.32 0.55 -1.81
C GLN A 25 -12.57 2.08 -1.84
N ILE A 26 -12.56 2.68 -3.06
CA ILE A 26 -12.67 4.14 -3.27
C ILE A 26 -14.10 4.67 -2.93
N ASP A 27 -15.06 3.73 -2.70
CA ASP A 27 -16.48 4.04 -2.33
C ASP A 27 -16.58 5.19 -1.30
N ARG A 28 -15.76 5.09 -0.23
CA ARG A 28 -15.65 6.14 0.80
C ARG A 28 -14.24 6.78 0.71
N LYS A 29 -13.21 5.93 0.81
CA LYS A 29 -11.80 6.39 0.92
C LYS A 29 -10.97 5.87 -0.27
N PRO A 30 -10.16 6.75 -0.94
CA PRO A 30 -9.31 6.33 -2.08
C PRO A 30 -8.24 5.32 -1.64
N ARG A 31 -7.78 4.47 -2.58
CA ARG A 31 -6.82 3.41 -2.28
C ARG A 31 -5.73 3.27 -3.33
N VAL A 32 -4.52 2.92 -2.86
CA VAL A 32 -3.35 2.61 -3.69
C VAL A 32 -3.18 1.08 -3.77
N GLN A 33 -3.12 0.56 -4.97
CA GLN A 33 -2.94 -0.87 -5.23
C GLN A 33 -1.45 -1.12 -5.52
N CYS A 34 -0.70 -1.54 -4.47
CA CYS A 34 0.77 -1.61 -4.52
C CYS A 34 1.22 -2.76 -5.43
N LEU A 35 1.36 -2.43 -6.72
CA LEU A 35 1.72 -3.38 -7.81
C LEU A 35 3.04 -4.13 -7.55
N LYS A 36 3.96 -3.51 -6.78
CA LYS A 36 5.30 -4.04 -6.50
C LYS A 36 5.29 -5.26 -5.54
N CYS A 37 4.19 -5.45 -4.77
CA CYS A 37 4.04 -6.65 -3.88
C CYS A 37 2.59 -7.16 -3.83
N HIS A 38 1.72 -6.58 -4.68
CA HIS A 38 0.26 -6.89 -4.76
C HIS A 38 -0.45 -6.71 -3.38
N LEU A 39 -0.08 -5.63 -2.67
CA LEU A 39 -0.62 -5.34 -1.31
C LEU A 39 -1.54 -4.12 -1.43
N TRP A 40 -2.82 -4.31 -1.09
CA TRP A 40 -3.86 -3.29 -1.25
C TRP A 40 -3.93 -2.44 0.03
N GLN A 41 -3.76 -1.11 -0.10
CA GLN A 41 -3.75 -0.16 1.04
C GLN A 41 -4.35 1.18 0.61
N HIS A 42 -5.01 1.91 1.53
CA HIS A 42 -5.67 3.21 1.18
C HIS A 42 -4.65 4.31 0.92
N ALA A 43 -5.02 5.28 0.06
CA ALA A 43 -4.21 6.47 -0.20
C ALA A 43 -3.93 7.24 1.11
N LYS A 44 -5.00 7.56 1.84
CA LYS A 44 -4.91 8.29 3.13
C LYS A 44 -4.28 7.42 4.25
N CYS A 45 -4.21 6.09 4.05
CA CYS A 45 -3.55 5.17 5.02
C CYS A 45 -2.02 5.10 4.79
N VAL A 46 -1.54 5.59 3.62
CA VAL A 46 -0.10 5.53 3.23
C VAL A 46 0.49 6.94 3.01
N ASN A 47 -0.27 7.99 3.41
CA ASN A 47 0.07 9.43 3.18
C ASN A 47 0.08 9.75 1.66
N TYR A 48 -1.13 9.76 1.08
CA TYR A 48 -1.32 9.84 -0.39
C TYR A 48 -2.77 10.30 -0.68
N ASP A 49 -3.08 10.68 -1.94
CA ASP A 49 -4.45 11.07 -2.37
C ASP A 49 -4.66 10.70 -3.85
N GLU A 50 -5.92 10.40 -4.23
CA GLU A 50 -6.29 9.90 -5.58
C GLU A 50 -5.99 10.91 -6.70
N LYS A 51 -5.89 12.21 -6.30
CA LYS A 51 -5.45 13.34 -7.17
C LYS A 51 -4.24 12.93 -8.05
N ASN A 52 -3.31 12.16 -7.46
CA ASN A 52 -2.10 11.69 -8.14
C ASN A 52 -2.00 10.14 -8.17
N LEU A 53 -3.06 9.44 -7.73
CA LEU A 53 -3.20 7.97 -7.95
C LEU A 53 -3.32 7.69 -9.45
N LYS A 54 -4.16 8.51 -10.10
CA LYS A 54 -4.40 8.43 -11.56
C LYS A 54 -3.20 8.95 -12.39
N ILE A 55 -2.19 9.57 -11.73
CA ILE A 55 -1.00 10.13 -12.42
C ILE A 55 0.24 9.28 -12.08
N LYS A 56 0.70 9.44 -10.84
CA LYS A 56 2.02 8.98 -10.36
C LYS A 56 1.96 7.56 -9.74
N PRO A 57 3.12 6.81 -9.70
CA PRO A 57 3.27 5.52 -8.97
C PRO A 57 2.80 5.58 -7.50
N PHE A 58 2.38 4.41 -6.97
CA PHE A 58 1.76 4.28 -5.66
C PHE A 58 2.13 2.93 -5.01
N TYR A 59 2.63 2.99 -3.76
CA TYR A 59 3.12 1.81 -3.04
C TYR A 59 2.68 1.85 -1.56
N CYS A 60 2.68 0.66 -0.93
CA CYS A 60 2.40 0.49 0.51
C CYS A 60 3.65 0.89 1.33
N PRO A 61 3.50 1.40 2.62
CA PRO A 61 4.63 1.96 3.43
C PRO A 61 5.78 0.95 3.66
N HIS A 62 5.42 -0.34 3.62
CA HIS A 62 6.35 -1.46 3.83
C HIS A 62 7.45 -1.50 2.76
N CYS A 63 7.07 -1.30 1.48
CA CYS A 63 8.03 -1.33 0.34
C CYS A 63 9.07 -0.20 0.45
N LEU A 64 8.67 0.94 1.02
CA LEU A 64 9.57 2.09 1.23
C LEU A 64 10.72 1.71 2.18
N VAL A 65 10.36 1.05 3.29
CA VAL A 65 11.31 0.64 4.34
C VAL A 65 12.17 -0.56 3.87
N ALA A 66 11.58 -1.41 3.01
CA ALA A 66 12.21 -2.64 2.51
C ALA A 66 13.41 -2.35 1.59
N MET A 67 13.31 -1.26 0.79
CA MET A 67 14.40 -0.81 -0.12
C MET A 67 15.66 -0.40 0.67
N GLU A 68 15.46 0.08 1.90
CA GLU A 68 16.53 0.54 2.78
C GLU A 68 17.34 -0.66 3.32
N PRO A 69 18.67 -0.48 3.62
CA PRO A 69 19.54 -1.51 4.26
C PRO A 69 19.02 -2.01 5.64
N VAL A 70 19.69 -3.05 6.17
CA VAL A 70 19.32 -3.70 7.44
C VAL A 70 19.78 -2.87 8.67
N SER A 71 19.61 -3.43 9.89
CA SER A 71 19.99 -2.79 11.16
C SER A 71 21.50 -2.94 11.40
N THR A 72 22.15 -1.86 11.87
CA THR A 72 23.56 -1.86 12.26
C THR A 72 23.73 -2.61 13.60
N ARG A 73 24.30 -3.83 13.53
CA ARG A 73 24.58 -4.66 14.72
C ARG A 73 26.06 -4.49 15.13
ZN ZN B . -7.07 1.67 4.94
ZN ZN C . 4.16 -2.98 -1.32
N PHE A 9 -6.23 -29.14 5.16
CA PHE A 9 -5.92 -27.71 5.36
C PHE A 9 -4.50 -27.42 4.86
N ASN A 10 -4.28 -27.66 3.56
CA ASN A 10 -2.98 -27.45 2.90
C ASN A 10 -3.07 -26.26 1.93
N THR A 11 -2.65 -25.08 2.40
CA THR A 11 -2.72 -23.83 1.65
C THR A 11 -1.70 -22.82 2.20
N SER A 12 -1.24 -21.90 1.33
CA SER A 12 -0.29 -20.83 1.67
C SER A 12 -0.87 -19.48 1.23
N ASP A 13 -0.98 -18.52 2.18
CA ASP A 13 -1.73 -17.26 1.94
C ASP A 13 -0.91 -16.02 2.36
N TYR A 14 -0.57 -15.21 1.36
CA TYR A 14 -0.09 -13.83 1.55
C TYR A 14 -1.34 -12.92 1.53
N ARG A 15 -2.01 -12.81 2.70
CA ARG A 15 -3.21 -11.98 2.87
C ARG A 15 -2.89 -10.48 2.78
N PHE A 16 -2.80 -10.00 1.54
CA PHE A 16 -2.58 -8.59 1.18
C PHE A 16 -3.79 -7.73 1.61
N GLU A 17 -3.64 -7.06 2.76
CA GLU A 17 -4.69 -6.22 3.37
C GLU A 17 -4.07 -4.94 3.96
N CYS A 18 -4.86 -3.86 3.99
CA CYS A 18 -4.43 -2.53 4.46
C CYS A 18 -4.14 -2.53 5.97
N ILE A 19 -3.23 -1.62 6.40
CA ILE A 19 -2.76 -1.50 7.81
C ILE A 19 -3.91 -1.20 8.83
N CYS A 20 -5.04 -0.62 8.36
CA CYS A 20 -6.25 -0.44 9.20
C CYS A 20 -7.08 -1.73 9.27
N GLY A 21 -7.11 -2.45 8.13
CA GLY A 21 -7.92 -3.67 7.98
C GLY A 21 -9.42 -3.40 7.94
N GLU A 22 -9.83 -2.50 7.03
CA GLU A 22 -11.24 -2.06 6.89
C GLU A 22 -11.80 -2.42 5.49
N LEU A 23 -11.41 -1.66 4.44
CA LEU A 23 -11.89 -1.86 3.04
C LEU A 23 -10.69 -1.80 2.06
N ASP A 24 -10.98 -1.83 0.74
CA ASP A 24 -9.94 -1.69 -0.31
C ASP A 24 -10.41 -0.76 -1.45
N GLN A 25 -11.62 -0.18 -1.33
CA GLN A 25 -12.29 0.61 -2.41
C GLN A 25 -11.91 2.11 -2.41
N ILE A 26 -12.47 2.90 -3.38
CA ILE A 26 -12.21 4.37 -3.52
C ILE A 26 -13.30 5.18 -2.80
N ASP A 27 -14.56 4.76 -3.02
CA ASP A 27 -15.80 5.56 -2.83
C ASP A 27 -15.84 6.33 -1.49
N ARG A 28 -15.62 5.61 -0.40
CA ARG A 28 -15.60 6.18 0.95
C ARG A 28 -14.21 6.79 1.26
N LYS A 29 -13.18 5.96 1.05
CA LYS A 29 -11.79 6.32 1.32
C LYS A 29 -10.93 5.93 0.10
N PRO A 30 -10.20 6.89 -0.55
CA PRO A 30 -9.28 6.59 -1.67
C PRO A 30 -8.33 5.40 -1.40
N ARG A 31 -8.04 4.61 -2.44
CA ARG A 31 -7.23 3.37 -2.36
C ARG A 31 -5.88 3.53 -3.07
N VAL A 32 -4.95 2.61 -2.76
CA VAL A 32 -3.64 2.47 -3.42
C VAL A 32 -3.25 0.97 -3.43
N GLN A 33 -3.44 0.37 -4.59
CA GLN A 33 -3.17 -1.04 -4.83
C GLN A 33 -1.70 -1.20 -5.23
N CYS A 34 -0.84 -1.28 -4.19
CA CYS A 34 0.63 -1.29 -4.31
C CYS A 34 1.08 -2.41 -5.26
N LEU A 35 1.19 -2.04 -6.54
CA LEU A 35 1.37 -2.95 -7.69
C LEU A 35 2.64 -3.81 -7.59
N LYS A 36 3.64 -3.32 -6.83
CA LYS A 36 4.91 -4.03 -6.59
C LYS A 36 4.67 -5.34 -5.81
N CYS A 37 3.82 -5.30 -4.76
CA CYS A 37 3.60 -6.49 -3.88
C CYS A 37 2.10 -6.87 -3.80
N HIS A 38 1.29 -6.27 -4.72
CA HIS A 38 -0.18 -6.50 -4.81
C HIS A 38 -0.92 -6.24 -3.47
N LEU A 39 -0.49 -5.19 -2.74
CA LEU A 39 -1.05 -4.88 -1.41
C LEU A 39 -2.27 -3.95 -1.58
N TRP A 40 -3.43 -4.39 -1.07
CA TRP A 40 -4.69 -3.64 -1.18
C TRP A 40 -4.81 -2.65 -0.02
N GLN A 41 -4.35 -1.41 -0.25
CA GLN A 41 -4.25 -0.39 0.81
C GLN A 41 -5.16 0.81 0.49
N HIS A 42 -5.25 1.76 1.45
CA HIS A 42 -5.92 3.05 1.25
C HIS A 42 -4.86 4.16 1.09
N ALA A 43 -5.10 5.05 0.12
CA ALA A 43 -4.26 6.24 -0.11
C ALA A 43 -4.17 7.11 1.15
N LYS A 44 -5.32 7.45 1.74
CA LYS A 44 -5.42 8.31 2.94
C LYS A 44 -4.73 7.68 4.17
N CYS A 45 -4.70 6.33 4.22
CA CYS A 45 -4.02 5.57 5.29
C CYS A 45 -2.49 5.76 5.25
N VAL A 46 -1.94 6.08 4.07
CA VAL A 46 -0.48 6.32 3.87
C VAL A 46 -0.21 7.80 3.47
N ASN A 47 -1.19 8.69 3.81
CA ASN A 47 -1.12 10.16 3.60
C ASN A 47 -1.11 10.58 2.10
N TYR A 48 -1.36 9.61 1.22
CA TYR A 48 -1.42 9.78 -0.25
C TYR A 48 -2.88 10.14 -0.64
N ASP A 49 -3.17 10.31 -1.94
CA ASP A 49 -4.54 10.64 -2.41
C ASP A 49 -4.87 9.98 -3.76
N GLU A 50 -6.16 10.07 -4.13
CA GLU A 50 -6.72 9.49 -5.37
C GLU A 50 -6.28 10.26 -6.63
N LYS A 51 -6.09 11.60 -6.52
CA LYS A 51 -5.77 12.45 -7.70
C LYS A 51 -4.43 12.04 -8.32
N ASN A 52 -3.40 11.82 -7.48
CA ASN A 52 -2.07 11.33 -7.94
C ASN A 52 -1.99 9.79 -7.94
N LEU A 53 -3.07 9.10 -7.52
CA LEU A 53 -3.22 7.63 -7.72
C LEU A 53 -3.29 7.33 -9.23
N LYS A 54 -4.10 8.14 -9.96
CA LYS A 54 -4.20 8.03 -11.45
C LYS A 54 -2.86 8.30 -12.15
N ILE A 55 -2.14 9.34 -11.68
CA ILE A 55 -0.91 9.82 -12.32
C ILE A 55 0.31 8.99 -11.90
N LYS A 56 0.70 9.20 -10.64
CA LYS A 56 2.00 8.80 -10.07
C LYS A 56 2.00 7.37 -9.50
N PRO A 57 3.20 6.67 -9.48
CA PRO A 57 3.40 5.37 -8.80
C PRO A 57 3.03 5.41 -7.29
N PHE A 58 2.31 4.39 -6.84
CA PHE A 58 1.74 4.33 -5.48
C PHE A 58 2.16 3.02 -4.80
N TYR A 59 2.86 3.14 -3.64
CA TYR A 59 3.45 2.00 -2.92
C TYR A 59 3.18 2.09 -1.41
N CYS A 60 3.08 0.91 -0.77
CA CYS A 60 2.88 0.77 0.69
C CYS A 60 4.21 1.05 1.46
N PRO A 61 4.16 1.48 2.77
CA PRO A 61 5.38 1.84 3.56
C PRO A 61 6.33 0.65 3.75
N HIS A 62 5.78 -0.58 3.71
CA HIS A 62 6.57 -1.83 3.81
C HIS A 62 7.58 -1.92 2.66
N CYS A 63 7.16 -1.53 1.44
CA CYS A 63 8.04 -1.51 0.25
C CYS A 63 9.13 -0.41 0.38
N LEU A 64 8.75 0.75 0.95
CA LEU A 64 9.66 1.90 1.12
C LEU A 64 10.80 1.55 2.11
N VAL A 65 10.44 0.79 3.16
CA VAL A 65 11.37 0.32 4.21
C VAL A 65 12.03 -1.03 3.81
N ALA A 66 11.51 -1.69 2.75
CA ALA A 66 12.11 -2.91 2.20
C ALA A 66 13.31 -2.56 1.29
N MET A 67 13.21 -1.41 0.61
CA MET A 67 14.27 -0.91 -0.28
C MET A 67 15.31 -0.13 0.54
N GLU A 68 14.81 0.85 1.35
CA GLU A 68 15.64 1.72 2.23
C GLU A 68 16.54 2.69 1.42
N PRO A 69 17.14 3.75 2.07
CA PRO A 69 18.23 4.55 1.46
C PRO A 69 19.49 3.69 1.18
N VAL A 70 19.58 3.19 -0.05
CA VAL A 70 20.69 2.35 -0.52
C VAL A 70 21.88 3.21 -0.97
N SER A 71 21.59 4.46 -1.34
CA SER A 71 22.58 5.43 -1.82
C SER A 71 22.59 6.63 -0.87
N THR A 72 23.74 6.87 -0.22
CA THR A 72 23.91 7.97 0.76
C THR A 72 25.21 8.73 0.46
N ARG A 73 25.43 9.86 1.15
CA ARG A 73 26.57 10.77 0.92
C ARG A 73 27.89 10.16 1.48
ZN ZN B . -6.83 1.53 5.25
ZN ZN C . 4.06 -2.83 -1.30
N PHE A 9 0.27 -26.79 3.75
CA PHE A 9 0.07 -25.63 2.85
C PHE A 9 0.04 -24.33 3.68
N ASN A 10 1.24 -23.77 3.96
CA ASN A 10 1.41 -22.54 4.75
C ASN A 10 2.35 -21.55 4.02
N THR A 11 2.30 -20.27 4.44
CA THR A 11 3.17 -19.13 3.98
C THR A 11 2.90 -18.67 2.52
N SER A 12 2.23 -19.51 1.72
CA SER A 12 1.86 -19.21 0.33
C SER A 12 0.63 -18.29 0.28
N ASP A 13 -0.15 -18.30 1.38
CA ASP A 13 -1.30 -17.41 1.58
C ASP A 13 -0.78 -16.02 2.00
N TYR A 14 -0.89 -15.07 1.07
CA TYR A 14 -0.43 -13.68 1.27
C TYR A 14 -1.58 -12.84 1.80
N ARG A 15 -1.32 -12.10 2.88
CA ARG A 15 -2.33 -11.31 3.60
C ARG A 15 -2.33 -9.87 3.05
N PHE A 16 -2.87 -9.75 1.82
CA PHE A 16 -2.99 -8.45 1.09
C PHE A 16 -4.22 -7.66 1.57
N GLU A 17 -4.18 -7.29 2.85
CA GLU A 17 -5.21 -6.48 3.51
C GLU A 17 -4.60 -5.14 3.92
N CYS A 18 -5.41 -4.08 3.94
CA CYS A 18 -4.97 -2.78 4.43
C CYS A 18 -4.73 -2.86 5.94
N ILE A 19 -3.61 -2.27 6.41
CA ILE A 19 -3.15 -2.37 7.81
C ILE A 19 -4.23 -1.96 8.86
N CYS A 20 -5.18 -1.08 8.47
CA CYS A 20 -6.31 -0.69 9.35
C CYS A 20 -7.38 -1.80 9.39
N GLY A 21 -7.72 -2.33 8.19
CA GLY A 21 -8.85 -3.25 8.03
C GLY A 21 -10.18 -2.51 7.91
N GLU A 22 -10.44 -1.94 6.71
CA GLU A 22 -11.67 -1.17 6.39
C GLU A 22 -12.21 -1.57 5.00
N LEU A 23 -13.26 -0.86 4.54
CA LEU A 23 -13.74 -0.95 3.15
C LEU A 23 -12.73 -0.25 2.24
N ASP A 24 -12.06 -1.02 1.37
CA ASP A 24 -10.96 -0.53 0.52
C ASP A 24 -11.49 -0.15 -0.88
N GLN A 25 -12.70 0.45 -0.91
CA GLN A 25 -13.33 0.97 -2.14
C GLN A 25 -12.99 2.46 -2.29
N ILE A 26 -12.82 2.94 -3.54
CA ILE A 26 -12.41 4.33 -3.84
C ILE A 26 -13.49 5.33 -3.39
N ASP A 27 -14.77 4.94 -3.66
CA ASP A 27 -15.96 5.72 -3.30
C ASP A 27 -15.94 6.15 -1.82
N ARG A 28 -15.58 5.21 -0.95
CA ARG A 28 -15.54 5.44 0.50
C ARG A 28 -14.22 6.09 0.91
N LYS A 29 -13.10 5.44 0.57
CA LYS A 29 -11.76 5.87 0.97
C LYS A 29 -10.79 5.77 -0.24
N PRO A 30 -10.04 6.86 -0.60
CA PRO A 30 -8.91 6.78 -1.56
C PRO A 30 -7.92 5.66 -1.18
N ARG A 31 -7.63 4.75 -2.13
CA ARG A 31 -6.88 3.51 -1.85
C ARG A 31 -5.82 3.18 -2.92
N VAL A 32 -4.67 2.62 -2.46
CA VAL A 32 -3.52 2.29 -3.32
C VAL A 32 -3.24 0.77 -3.34
N GLN A 33 -3.33 0.19 -4.55
CA GLN A 33 -3.02 -1.22 -4.81
C GLN A 33 -1.54 -1.32 -5.19
N CYS A 34 -0.69 -1.47 -4.15
CA CYS A 34 0.77 -1.50 -4.28
C CYS A 34 1.21 -2.60 -5.25
N LEU A 35 1.38 -2.18 -6.51
CA LEU A 35 1.63 -3.05 -7.66
C LEU A 35 2.93 -3.86 -7.50
N LYS A 36 3.94 -3.25 -6.88
CA LYS A 36 5.29 -3.84 -6.74
C LYS A 36 5.31 -5.15 -5.93
N CYS A 37 4.38 -5.31 -4.95
CA CYS A 37 4.37 -6.54 -4.09
C CYS A 37 2.96 -7.18 -4.01
N HIS A 38 1.97 -6.63 -4.77
CA HIS A 38 0.55 -7.03 -4.69
C HIS A 38 0.02 -6.91 -3.24
N LEU A 39 -0.16 -5.67 -2.78
CA LEU A 39 -0.56 -5.36 -1.39
C LEU A 39 -1.61 -4.24 -1.45
N TRP A 40 -2.84 -4.56 -1.03
CA TRP A 40 -3.98 -3.62 -1.13
C TRP A 40 -4.05 -2.80 0.16
N GLN A 41 -3.89 -1.48 0.04
CA GLN A 41 -3.91 -0.55 1.18
C GLN A 41 -4.69 0.72 0.80
N HIS A 42 -4.90 1.61 1.79
CA HIS A 42 -5.49 2.95 1.53
C HIS A 42 -4.38 3.96 1.29
N ALA A 43 -4.69 4.95 0.44
CA ALA A 43 -3.80 6.06 0.13
C ALA A 43 -3.52 6.90 1.39
N LYS A 44 -4.59 7.23 2.11
CA LYS A 44 -4.52 8.02 3.36
C LYS A 44 -3.83 7.23 4.50
N CYS A 45 -3.84 5.89 4.40
CA CYS A 45 -3.16 5.01 5.38
C CYS A 45 -1.63 4.95 5.12
N VAL A 46 -1.20 5.34 3.90
CA VAL A 46 0.23 5.35 3.50
C VAL A 46 0.73 6.80 3.27
N ASN A 47 -0.14 7.78 3.62
CA ASN A 47 0.06 9.22 3.36
C ASN A 47 0.18 9.49 1.83
N TYR A 48 -0.98 9.51 1.17
CA TYR A 48 -1.12 9.65 -0.29
C TYR A 48 -2.61 9.99 -0.57
N ASP A 49 -2.99 10.14 -1.85
CA ASP A 49 -4.39 10.52 -2.22
C ASP A 49 -4.78 9.96 -3.59
N GLU A 50 -6.05 10.20 -3.97
CA GLU A 50 -6.62 9.69 -5.21
C GLU A 50 -6.27 10.57 -6.43
N LYS A 51 -5.95 11.86 -6.18
CA LYS A 51 -5.69 12.87 -7.24
C LYS A 51 -4.50 12.42 -8.11
N ASN A 52 -3.40 12.05 -7.42
CA ASN A 52 -2.18 11.52 -8.08
C ASN A 52 -2.24 9.99 -8.27
N LEU A 53 -3.26 9.32 -7.68
CA LEU A 53 -3.49 7.86 -7.86
C LEU A 53 -3.85 7.51 -9.32
N LYS A 54 -4.52 8.45 -10.03
CA LYS A 54 -4.82 8.26 -11.48
C LYS A 54 -3.56 8.28 -12.38
N ILE A 55 -2.47 8.95 -11.96
CA ILE A 55 -1.29 9.21 -12.83
C ILE A 55 0.05 8.71 -12.24
N LYS A 56 0.39 9.17 -11.04
CA LYS A 56 1.69 8.89 -10.39
C LYS A 56 1.71 7.51 -9.67
N PRO A 57 2.94 6.88 -9.55
CA PRO A 57 3.12 5.58 -8.81
C PRO A 57 2.72 5.64 -7.32
N PHE A 58 2.33 4.48 -6.77
CA PHE A 58 1.76 4.36 -5.42
C PHE A 58 2.19 3.03 -4.77
N TYR A 59 2.74 3.10 -3.53
CA TYR A 59 3.33 1.94 -2.83
C TYR A 59 2.96 1.93 -1.34
N CYS A 60 3.04 0.73 -0.73
CA CYS A 60 2.76 0.50 0.70
C CYS A 60 4.04 0.79 1.55
N PRO A 61 3.92 1.15 2.88
CA PRO A 61 5.06 1.58 3.74
C PRO A 61 6.19 0.54 3.86
N HIS A 62 5.83 -0.76 3.73
CA HIS A 62 6.80 -1.87 3.81
C HIS A 62 7.79 -1.82 2.61
N CYS A 63 7.29 -1.41 1.43
CA CYS A 63 8.13 -1.22 0.22
C CYS A 63 9.02 0.01 0.35
N LEU A 64 8.54 1.03 1.09
CA LEU A 64 9.31 2.26 1.36
C LEU A 64 10.53 1.93 2.24
N VAL A 65 10.31 1.10 3.27
CA VAL A 65 11.38 0.64 4.19
C VAL A 65 12.24 -0.46 3.53
N ALA A 66 11.66 -1.17 2.54
CA ALA A 66 12.39 -2.17 1.73
C ALA A 66 13.42 -1.48 0.83
N MET A 67 13.09 -0.28 0.33
CA MET A 67 14.00 0.55 -0.47
C MET A 67 15.11 1.16 0.41
N GLU A 68 14.85 1.31 1.72
CA GLU A 68 15.84 1.79 2.68
C GLU A 68 16.96 0.73 2.91
N PRO A 69 18.26 1.15 3.00
CA PRO A 69 19.40 0.22 3.15
C PRO A 69 19.42 -0.45 4.54
N VAL A 70 19.32 -1.79 4.56
CA VAL A 70 19.42 -2.58 5.78
C VAL A 70 20.88 -2.59 6.29
N SER A 71 21.05 -2.61 7.61
CA SER A 71 22.36 -2.49 8.27
C SER A 71 22.27 -2.96 9.72
N THR A 72 23.41 -3.38 10.29
CA THR A 72 23.49 -3.82 11.69
C THR A 72 24.06 -2.69 12.56
N ARG A 73 23.39 -2.42 13.69
CA ARG A 73 23.79 -1.39 14.67
C ARG A 73 24.26 -2.08 15.97
ZN ZN B . -6.66 1.52 5.45
ZN ZN C . 4.29 -2.95 -1.35
N PHE A 9 -9.82 -16.64 7.51
CA PHE A 9 -8.98 -17.85 7.44
C PHE A 9 -7.56 -17.53 7.91
N ASN A 10 -7.04 -18.33 8.87
CA ASN A 10 -5.66 -18.19 9.39
C ASN A 10 -4.64 -18.60 8.31
N THR A 11 -4.28 -17.63 7.45
CA THR A 11 -3.41 -17.80 6.28
C THR A 11 -2.56 -16.53 6.09
N SER A 12 -1.27 -16.71 5.81
CA SER A 12 -0.30 -15.61 5.58
C SER A 12 -0.07 -15.38 4.08
N ASP A 13 -0.28 -16.45 3.28
CA ASP A 13 -0.04 -16.44 1.82
C ASP A 13 -1.05 -15.53 1.11
N TYR A 14 -0.54 -14.55 0.34
CA TYR A 14 -1.34 -13.62 -0.49
C TYR A 14 -2.42 -12.87 0.34
N ARG A 15 -2.09 -12.52 1.59
CA ARG A 15 -2.95 -11.71 2.43
C ARG A 15 -2.74 -10.23 2.00
N PHE A 16 -3.59 -9.79 1.06
CA PHE A 16 -3.56 -8.42 0.50
C PHE A 16 -4.71 -7.58 1.10
N GLU A 17 -4.42 -6.89 2.22
CA GLU A 17 -5.43 -6.10 2.94
C GLU A 17 -4.75 -4.85 3.53
N CYS A 18 -5.54 -3.77 3.64
CA CYS A 18 -5.08 -2.49 4.16
C CYS A 18 -4.81 -2.57 5.67
N ILE A 19 -3.63 -2.03 6.09
CA ILE A 19 -3.11 -2.07 7.48
C ILE A 19 -4.15 -1.73 8.59
N CYS A 20 -5.13 -0.83 8.28
CA CYS A 20 -6.19 -0.44 9.25
C CYS A 20 -7.20 -1.59 9.45
N GLY A 21 -7.74 -2.10 8.34
CA GLY A 21 -8.87 -3.03 8.36
C GLY A 21 -10.24 -2.36 8.39
N GLU A 22 -10.34 -1.13 7.80
CA GLU A 22 -11.62 -0.42 7.60
C GLU A 22 -12.41 -1.13 6.47
N LEU A 23 -11.88 -0.94 5.25
CA LEU A 23 -12.40 -1.37 3.94
C LEU A 23 -11.20 -1.40 2.98
N ASP A 24 -11.44 -1.57 1.66
CA ASP A 24 -10.43 -1.21 0.64
C ASP A 24 -11.08 -1.14 -0.75
N GLN A 25 -11.98 -0.14 -0.92
CA GLN A 25 -12.68 0.15 -2.21
C GLN A 25 -12.68 1.67 -2.45
N ILE A 26 -12.55 2.09 -3.73
CA ILE A 26 -12.61 3.51 -4.12
C ILE A 26 -14.07 3.97 -4.08
N ASP A 27 -14.53 4.36 -2.88
CA ASP A 27 -15.92 4.78 -2.65
C ASP A 27 -15.94 5.92 -1.62
N ARG A 28 -15.78 5.57 -0.33
CA ARG A 28 -15.67 6.55 0.76
C ARG A 28 -14.21 6.95 0.96
N LYS A 29 -13.34 5.93 1.01
CA LYS A 29 -11.90 6.11 1.17
C LYS A 29 -11.19 5.62 -0.10
N PRO A 30 -10.21 6.39 -0.66
CA PRO A 30 -9.44 5.95 -1.85
C PRO A 30 -8.44 4.84 -1.47
N ARG A 31 -8.02 4.01 -2.45
CA ARG A 31 -7.15 2.85 -2.18
C ARG A 31 -6.11 2.65 -3.28
N VAL A 32 -4.84 2.66 -2.84
CA VAL A 32 -3.65 2.43 -3.66
C VAL A 32 -3.33 0.93 -3.75
N GLN A 33 -3.08 0.47 -4.96
CA GLN A 33 -2.75 -0.92 -5.26
C GLN A 33 -1.24 -1.04 -5.43
N CYS A 34 -0.53 -1.43 -4.35
CA CYS A 34 0.95 -1.49 -4.33
C CYS A 34 1.46 -2.55 -5.31
N LEU A 35 1.69 -2.11 -6.55
CA LEU A 35 2.04 -2.95 -7.71
C LEU A 35 3.32 -3.78 -7.50
N LYS A 36 4.23 -3.26 -6.64
CA LYS A 36 5.54 -3.87 -6.35
C LYS A 36 5.40 -5.22 -5.59
N CYS A 37 4.32 -5.41 -4.81
CA CYS A 37 4.10 -6.68 -4.04
C CYS A 37 2.63 -7.12 -4.09
N HIS A 38 1.80 -6.42 -4.90
CA HIS A 38 0.34 -6.62 -5.02
C HIS A 38 -0.36 -6.64 -3.63
N LEU A 39 -0.07 -5.58 -2.84
CA LEU A 39 -0.63 -5.39 -1.48
C LEU A 39 -1.59 -4.19 -1.54
N TRP A 40 -2.86 -4.40 -1.18
CA TRP A 40 -3.90 -3.37 -1.27
C TRP A 40 -3.89 -2.52 0.01
N GLN A 41 -3.93 -1.19 -0.16
CA GLN A 41 -3.93 -0.24 0.97
C GLN A 41 -4.72 1.00 0.60
N HIS A 42 -5.27 1.73 1.60
CA HIS A 42 -5.90 3.05 1.37
C HIS A 42 -4.83 4.11 1.11
N ALA A 43 -5.15 5.07 0.22
CA ALA A 43 -4.27 6.20 -0.07
C ALA A 43 -3.98 7.03 1.20
N LYS A 44 -5.06 7.42 1.91
CA LYS A 44 -4.96 8.26 3.14
C LYS A 44 -4.34 7.50 4.33
N CYS A 45 -4.30 6.15 4.26
CA CYS A 45 -3.64 5.31 5.29
C CYS A 45 -2.11 5.33 5.14
N VAL A 46 -1.61 5.76 3.96
CA VAL A 46 -0.17 5.88 3.68
C VAL A 46 0.19 7.35 3.38
N ASN A 47 -0.70 8.28 3.81
CA ASN A 47 -0.57 9.78 3.66
C ASN A 47 -0.67 10.26 2.20
N TYR A 48 -0.98 9.34 1.29
CA TYR A 48 -1.10 9.59 -0.16
C TYR A 48 -2.56 10.02 -0.49
N ASP A 49 -2.82 10.44 -1.73
CA ASP A 49 -4.19 10.85 -2.15
C ASP A 49 -4.55 10.23 -3.52
N GLU A 50 -5.80 10.46 -3.97
CA GLU A 50 -6.31 9.83 -5.20
C GLU A 50 -5.96 10.65 -6.45
N LYS A 51 -5.76 11.97 -6.30
CA LYS A 51 -5.41 12.87 -7.44
C LYS A 51 -4.18 12.35 -8.18
N ASN A 52 -3.11 12.07 -7.41
CA ASN A 52 -1.85 11.52 -7.96
C ASN A 52 -1.88 9.98 -8.09
N LEU A 53 -2.92 9.31 -7.56
CA LEU A 53 -3.12 7.85 -7.71
C LEU A 53 -3.37 7.51 -9.20
N LYS A 54 -4.19 8.35 -9.86
CA LYS A 54 -4.55 8.18 -11.29
C LYS A 54 -3.42 8.59 -12.27
N ILE A 55 -2.21 8.93 -11.77
CA ILE A 55 -1.06 9.33 -12.63
C ILE A 55 0.30 8.81 -12.08
N LYS A 56 0.67 9.24 -10.87
CA LYS A 56 1.97 8.93 -10.25
C LYS A 56 1.97 7.57 -9.51
N PRO A 57 3.19 6.93 -9.32
CA PRO A 57 3.35 5.64 -8.58
C PRO A 57 2.84 5.69 -7.12
N PHE A 58 2.48 4.51 -6.58
CA PHE A 58 1.89 4.36 -5.23
C PHE A 58 2.25 2.99 -4.64
N TYR A 59 2.71 2.98 -3.37
CA TYR A 59 3.24 1.76 -2.70
C TYR A 59 2.75 1.67 -1.24
N CYS A 60 2.90 0.47 -0.65
CA CYS A 60 2.66 0.23 0.79
C CYS A 60 3.96 0.55 1.57
N PRO A 61 3.88 1.06 2.85
CA PRO A 61 5.06 1.49 3.65
C PRO A 61 6.15 0.41 3.81
N HIS A 62 5.73 -0.87 3.81
CA HIS A 62 6.65 -2.02 3.90
C HIS A 62 7.70 -1.99 2.75
N CYS A 63 7.23 -1.71 1.52
CA CYS A 63 8.11 -1.60 0.32
C CYS A 63 8.97 -0.33 0.38
N LEU A 64 8.46 0.74 1.02
CA LEU A 64 9.22 1.99 1.19
C LEU A 64 10.46 1.75 2.09
N VAL A 65 10.25 0.95 3.16
CA VAL A 65 11.33 0.54 4.08
C VAL A 65 12.31 -0.42 3.37
N ALA A 66 11.75 -1.29 2.51
CA ALA A 66 12.51 -2.34 1.78
C ALA A 66 13.39 -1.74 0.66
N MET A 67 12.96 -0.60 0.09
CA MET A 67 13.70 0.11 -0.99
C MET A 67 14.80 1.00 -0.38
N GLU A 68 14.49 1.63 0.77
CA GLU A 68 15.44 2.45 1.51
C GLU A 68 16.43 1.55 2.30
N PRO A 69 17.68 2.04 2.61
CA PRO A 69 18.60 1.34 3.53
C PRO A 69 18.08 1.42 4.99
N VAL A 70 18.38 0.38 5.80
CA VAL A 70 18.00 0.34 7.22
C VAL A 70 18.86 1.37 8.02
N SER A 71 18.35 2.61 8.06
CA SER A 71 19.08 3.76 8.62
C SER A 71 18.08 4.75 9.24
N THR A 72 18.27 5.07 10.52
CA THR A 72 17.45 6.06 11.22
C THR A 72 18.08 7.46 11.06
N ARG A 73 17.41 8.31 10.30
CA ARG A 73 17.85 9.69 10.01
C ARG A 73 16.81 10.69 10.58
ZN ZN B . -6.90 1.69 5.37
ZN ZN C . 4.18 -3.26 -1.20
N PHE A 9 3.15 -27.82 -2.08
CA PHE A 9 2.42 -26.85 -2.93
C PHE A 9 2.12 -25.57 -2.12
N ASN A 10 1.47 -25.72 -0.95
CA ASN A 10 1.06 -24.58 -0.09
C ASN A 10 2.16 -24.25 0.93
N THR A 11 3.15 -23.45 0.48
CA THR A 11 4.30 -23.01 1.29
C THR A 11 3.94 -21.82 2.18
N SER A 12 3.14 -20.87 1.62
CA SER A 12 2.74 -19.64 2.32
C SER A 12 1.42 -19.09 1.76
N ASP A 13 0.68 -18.35 2.61
CA ASP A 13 -0.57 -17.64 2.23
C ASP A 13 -0.32 -16.11 2.23
N TYR A 14 -1.21 -15.36 1.57
CA TYR A 14 -1.01 -13.93 1.29
C TYR A 14 -2.08 -13.07 1.99
N ARG A 15 -1.62 -12.08 2.76
CA ARG A 15 -2.47 -11.17 3.54
C ARG A 15 -2.33 -9.77 2.93
N PHE A 16 -3.16 -9.50 1.90
CA PHE A 16 -3.03 -8.30 1.04
C PHE A 16 -4.11 -7.24 1.38
N GLU A 17 -4.54 -7.22 2.64
CA GLU A 17 -5.57 -6.26 3.13
C GLU A 17 -4.90 -4.98 3.68
N CYS A 18 -5.68 -3.86 3.71
CA CYS A 18 -5.19 -2.57 4.26
C CYS A 18 -4.92 -2.68 5.77
N ILE A 19 -3.90 -1.93 6.25
CA ILE A 19 -3.43 -1.96 7.65
C ILE A 19 -4.50 -1.49 8.68
N CYS A 20 -5.51 -0.71 8.23
CA CYS A 20 -6.64 -0.29 9.11
C CYS A 20 -7.73 -1.39 9.16
N GLY A 21 -7.72 -2.28 8.15
CA GLY A 21 -8.65 -3.42 8.07
C GLY A 21 -10.10 -3.04 7.76
N GLU A 22 -10.31 -1.80 7.29
CA GLU A 22 -11.65 -1.28 6.97
C GLU A 22 -12.07 -1.75 5.57
N LEU A 23 -11.49 -1.12 4.53
CA LEU A 23 -11.80 -1.39 3.11
C LEU A 23 -10.49 -1.43 2.31
N ASP A 24 -10.63 -1.67 0.99
CA ASP A 24 -9.56 -1.47 -0.01
C ASP A 24 -10.19 -0.85 -1.27
N GLN A 25 -11.39 -0.25 -1.10
CA GLN A 25 -12.14 0.46 -2.17
C GLN A 25 -12.02 1.98 -1.98
N ILE A 26 -12.33 2.74 -3.06
CA ILE A 26 -12.41 4.21 -3.03
C ILE A 26 -13.66 4.68 -2.25
N ASP A 27 -14.63 3.74 -2.08
CA ASP A 27 -15.96 3.92 -1.45
C ASP A 27 -16.01 5.03 -0.37
N ARG A 28 -15.29 4.84 0.74
CA ARG A 28 -15.15 5.88 1.77
C ARG A 28 -13.89 6.72 1.48
N LYS A 29 -12.72 6.09 1.60
CA LYS A 29 -11.41 6.71 1.34
C LYS A 29 -10.80 6.08 0.09
N PRO A 30 -10.01 6.85 -0.75
CA PRO A 30 -9.34 6.27 -1.94
C PRO A 30 -8.33 5.17 -1.59
N ARG A 31 -7.94 4.38 -2.60
CA ARG A 31 -7.10 3.18 -2.41
C ARG A 31 -5.83 3.23 -3.26
N VAL A 32 -4.84 2.39 -2.89
CA VAL A 32 -3.60 2.17 -3.63
C VAL A 32 -3.29 0.64 -3.71
N GLN A 33 -3.28 0.11 -4.94
CA GLN A 33 -2.89 -1.28 -5.22
C GLN A 33 -1.37 -1.35 -5.42
N CYS A 34 -0.65 -1.86 -4.41
CA CYS A 34 0.82 -1.96 -4.46
C CYS A 34 1.22 -3.11 -5.39
N LEU A 35 1.40 -2.77 -6.67
CA LEU A 35 1.79 -3.72 -7.75
C LEU A 35 3.14 -4.42 -7.47
N LYS A 36 3.96 -3.78 -6.60
CA LYS A 36 5.28 -4.29 -6.18
C LYS A 36 5.17 -5.63 -5.40
N CYS A 37 4.08 -5.82 -4.62
CA CYS A 37 3.93 -7.04 -3.77
C CYS A 37 2.45 -7.47 -3.63
N HIS A 38 1.58 -7.00 -4.55
CA HIS A 38 0.12 -7.30 -4.58
C HIS A 38 -0.58 -6.87 -3.27
N LEU A 39 -0.08 -5.83 -2.59
CA LEU A 39 -0.62 -5.40 -1.26
C LEU A 39 -1.64 -4.28 -1.50
N TRP A 40 -2.92 -4.57 -1.24
CA TRP A 40 -3.99 -3.57 -1.42
C TRP A 40 -4.07 -2.73 -0.14
N GLN A 41 -4.25 -1.43 -0.29
CA GLN A 41 -4.24 -0.47 0.82
C GLN A 41 -5.16 0.73 0.48
N HIS A 42 -5.31 1.67 1.42
CA HIS A 42 -5.90 3.00 1.14
C HIS A 42 -4.79 4.02 0.84
N ALA A 43 -5.08 4.96 -0.07
CA ALA A 43 -4.19 6.09 -0.35
C ALA A 43 -4.03 6.95 0.91
N LYS A 44 -5.15 7.28 1.55
CA LYS A 44 -5.21 8.17 2.71
C LYS A 44 -4.83 7.44 4.04
N CYS A 45 -4.35 6.19 3.93
CA CYS A 45 -3.71 5.46 5.05
C CYS A 45 -2.17 5.50 4.91
N VAL A 46 -1.67 5.96 3.73
CA VAL A 46 -0.22 5.96 3.40
C VAL A 46 0.25 7.38 2.96
N ASN A 47 -0.49 8.43 3.39
CA ASN A 47 -0.14 9.86 3.16
C ASN A 47 -0.14 10.22 1.66
N TYR A 48 -1.09 9.62 0.95
CA TYR A 48 -1.20 9.66 -0.53
C TYR A 48 -2.63 10.08 -0.88
N ASP A 49 -2.83 10.86 -1.95
CA ASP A 49 -4.19 11.28 -2.40
C ASP A 49 -4.55 10.64 -3.73
N GLU A 50 -5.87 10.58 -4.04
CA GLU A 50 -6.36 10.09 -5.35
C GLU A 50 -5.99 11.09 -6.47
N LYS A 51 -5.80 12.36 -6.06
CA LYS A 51 -5.41 13.48 -6.95
C LYS A 51 -4.05 13.19 -7.63
N ASN A 52 -3.22 12.35 -6.98
CA ASN A 52 -1.93 11.88 -7.52
C ASN A 52 -1.90 10.35 -7.74
N LEU A 53 -3.03 9.65 -7.44
CA LEU A 53 -3.21 8.21 -7.78
C LEU A 53 -3.27 8.00 -9.29
N LYS A 54 -4.05 8.89 -9.94
CA LYS A 54 -4.32 8.83 -11.40
C LYS A 54 -3.05 9.05 -12.27
N ILE A 55 -1.98 9.61 -11.67
CA ILE A 55 -0.75 9.99 -12.40
C ILE A 55 0.51 9.24 -11.87
N LYS A 56 0.84 9.42 -10.58
CA LYS A 56 2.09 8.86 -9.99
C LYS A 56 1.95 7.37 -9.63
N PRO A 57 3.09 6.61 -9.59
CA PRO A 57 3.15 5.25 -8.98
C PRO A 57 2.75 5.25 -7.49
N PHE A 58 2.21 4.10 -7.05
CA PHE A 58 1.67 3.93 -5.70
C PHE A 58 2.07 2.56 -5.16
N TYR A 59 2.65 2.57 -3.95
CA TYR A 59 3.13 1.38 -3.26
C TYR A 59 2.72 1.45 -1.78
N CYS A 60 2.71 0.28 -1.13
CA CYS A 60 2.43 0.18 0.32
C CYS A 60 3.70 0.59 1.11
N PRO A 61 3.54 1.15 2.36
CA PRO A 61 4.68 1.78 3.10
C PRO A 61 5.82 0.81 3.43
N HIS A 62 5.49 -0.49 3.65
CA HIS A 62 6.48 -1.53 3.97
C HIS A 62 7.53 -1.69 2.84
N CYS A 63 7.08 -1.48 1.57
CA CYS A 63 7.97 -1.50 0.39
C CYS A 63 8.93 -0.30 0.39
N LEU A 64 8.42 0.90 0.75
CA LEU A 64 9.25 2.13 0.80
C LEU A 64 10.33 1.99 1.88
N VAL A 65 9.95 1.41 3.03
CA VAL A 65 10.85 1.22 4.18
C VAL A 65 11.83 0.04 3.90
N ALA A 66 11.43 -0.91 3.04
CA ALA A 66 12.30 -2.02 2.61
C ALA A 66 13.38 -1.51 1.62
N MET A 67 12.97 -0.58 0.75
CA MET A 67 13.86 0.02 -0.26
C MET A 67 14.75 1.11 0.38
N GLU A 68 14.16 2.30 0.63
CA GLU A 68 14.82 3.49 1.24
C GLU A 68 16.09 3.98 0.48
N PRO A 69 16.36 5.33 0.51
CA PRO A 69 17.68 5.89 0.10
C PRO A 69 18.75 5.62 1.17
N VAL A 70 20.02 5.50 0.75
CA VAL A 70 21.16 5.36 1.67
C VAL A 70 21.49 6.74 2.30
N SER A 71 20.72 7.08 3.35
CA SER A 71 20.72 8.41 3.96
C SER A 71 21.18 8.30 5.42
N THR A 72 22.48 8.54 5.66
CA THR A 72 23.09 8.46 7.00
C THR A 72 22.77 9.72 7.82
N ARG A 73 22.17 9.51 9.00
CA ARG A 73 21.67 10.58 9.87
C ARG A 73 22.44 10.59 11.21
ZN ZN B . -7.02 1.80 5.20
ZN ZN C . 4.18 -3.42 -1.22
N PHE A 9 5.15 -25.46 4.07
CA PHE A 9 4.10 -25.49 5.12
C PHE A 9 3.91 -24.09 5.75
N ASN A 10 4.68 -23.08 5.27
CA ASN A 10 4.69 -21.72 5.84
C ASN A 10 3.34 -21.00 5.59
N THR A 11 2.83 -21.15 4.36
CA THR A 11 1.56 -20.55 3.92
C THR A 11 1.02 -21.33 2.70
N SER A 12 -0.07 -20.84 2.10
CA SER A 12 -0.60 -21.34 0.83
C SER A 12 -1.20 -20.18 -0.01
N ASP A 13 -1.25 -18.98 0.59
CA ASP A 13 -1.89 -17.79 -0.02
C ASP A 13 -1.25 -16.50 0.51
N TYR A 14 -1.77 -15.35 0.05
CA TYR A 14 -1.38 -14.02 0.55
C TYR A 14 -2.63 -13.26 1.01
N ARG A 15 -2.52 -12.59 2.18
CA ARG A 15 -3.64 -11.87 2.82
C ARG A 15 -3.47 -10.37 2.55
N PHE A 16 -3.81 -9.97 1.32
CA PHE A 16 -3.59 -8.59 0.82
C PHE A 16 -4.71 -7.63 1.26
N GLU A 17 -4.48 -6.94 2.39
CA GLU A 17 -5.39 -5.92 2.95
C GLU A 17 -4.57 -4.84 3.70
N CYS A 18 -5.19 -3.65 3.86
CA CYS A 18 -4.58 -2.48 4.51
C CYS A 18 -4.23 -2.71 5.99
N ILE A 19 -3.28 -1.89 6.50
CA ILE A 19 -2.82 -1.94 7.91
C ILE A 19 -3.94 -1.58 8.93
N CYS A 20 -4.93 -0.76 8.51
CA CYS A 20 -6.08 -0.42 9.39
C CYS A 20 -7.20 -1.49 9.31
N GLY A 21 -7.03 -2.46 8.39
CA GLY A 21 -7.97 -3.60 8.25
C GLY A 21 -9.34 -3.23 7.66
N GLU A 22 -9.50 -1.98 7.20
CA GLU A 22 -10.79 -1.46 6.71
C GLU A 22 -10.94 -1.68 5.19
N LEU A 23 -12.19 -1.49 4.71
CA LEU A 23 -12.60 -1.73 3.30
C LEU A 23 -11.72 -0.97 2.31
N ASP A 24 -10.96 -1.69 1.49
CA ASP A 24 -10.13 -1.10 0.43
C ASP A 24 -10.98 -0.98 -0.84
N GLN A 25 -11.89 -0.01 -0.80
CA GLN A 25 -12.75 0.38 -1.92
C GLN A 25 -12.77 1.91 -2.05
N ILE A 26 -12.67 2.39 -3.29
CA ILE A 26 -12.63 3.83 -3.62
C ILE A 26 -14.05 4.45 -3.43
N ASP A 27 -15.06 3.55 -3.37
CA ASP A 27 -16.48 3.89 -3.12
C ASP A 27 -16.66 4.67 -1.79
N ARG A 28 -15.78 4.41 -0.80
CA ARG A 28 -15.78 5.11 0.49
C ARG A 28 -14.56 6.05 0.57
N LYS A 29 -13.35 5.48 0.65
CA LYS A 29 -12.09 6.25 0.69
C LYS A 29 -11.14 5.78 -0.42
N PRO A 30 -10.30 6.69 -1.00
CA PRO A 30 -9.30 6.30 -2.02
C PRO A 30 -8.33 5.25 -1.46
N ARG A 31 -7.99 4.27 -2.31
CA ARG A 31 -7.13 3.16 -1.91
C ARG A 31 -6.13 2.83 -3.03
N VAL A 32 -4.84 2.83 -2.66
CA VAL A 32 -3.73 2.52 -3.54
C VAL A 32 -3.50 1.00 -3.65
N GLN A 33 -3.38 0.53 -4.89
CA GLN A 33 -3.09 -0.88 -5.21
C GLN A 33 -1.58 -1.02 -5.37
N CYS A 34 -0.88 -1.36 -4.27
CA CYS A 34 0.59 -1.38 -4.21
C CYS A 34 1.17 -2.45 -5.16
N LEU A 35 1.53 -2.00 -6.38
CA LEU A 35 1.98 -2.84 -7.51
C LEU A 35 3.16 -3.76 -7.16
N LYS A 36 4.02 -3.29 -6.24
CA LYS A 36 5.28 -3.97 -5.88
C LYS A 36 5.03 -5.27 -5.07
N CYS A 37 3.87 -5.39 -4.40
CA CYS A 37 3.55 -6.58 -3.59
C CYS A 37 2.06 -6.98 -3.71
N HIS A 38 1.35 -6.40 -4.71
CA HIS A 38 -0.10 -6.65 -4.98
C HIS A 38 -0.95 -6.53 -3.68
N LEU A 39 -0.59 -5.54 -2.86
CA LEU A 39 -1.17 -5.33 -1.52
C LEU A 39 -2.09 -4.12 -1.57
N TRP A 40 -3.32 -4.28 -1.09
CA TRP A 40 -4.34 -3.22 -1.15
C TRP A 40 -4.25 -2.38 0.13
N GLN A 41 -4.10 -1.08 -0.01
CA GLN A 41 -3.99 -0.15 1.12
C GLN A 41 -4.68 1.16 0.77
N HIS A 42 -5.08 1.95 1.77
CA HIS A 42 -5.70 3.27 1.55
C HIS A 42 -4.62 4.32 1.20
N ALA A 43 -5.02 5.29 0.36
CA ALA A 43 -4.15 6.41 -0.03
C ALA A 43 -3.73 7.23 1.21
N LYS A 44 -4.73 7.67 2.00
CA LYS A 44 -4.52 8.47 3.21
C LYS A 44 -3.75 7.68 4.30
N CYS A 45 -3.81 6.33 4.23
CA CYS A 45 -3.10 5.45 5.19
C CYS A 45 -1.58 5.35 4.91
N VAL A 46 -1.17 5.74 3.68
CA VAL A 46 0.27 5.71 3.26
C VAL A 46 0.81 7.14 2.98
N ASN A 47 0.00 8.17 3.35
CA ASN A 47 0.25 9.59 3.00
C ASN A 47 0.20 9.77 1.48
N TYR A 48 -1.03 9.81 0.93
CA TYR A 48 -1.28 9.84 -0.51
C TYR A 48 -2.76 10.27 -0.74
N ASP A 49 -3.12 10.59 -1.99
CA ASP A 49 -4.51 10.96 -2.35
C ASP A 49 -4.78 10.52 -3.81
N GLU A 50 -6.07 10.29 -4.12
CA GLU A 50 -6.52 9.74 -5.43
C GLU A 50 -6.15 10.65 -6.63
N LYS A 51 -6.08 11.98 -6.40
CA LYS A 51 -5.80 12.99 -7.46
C LYS A 51 -4.56 12.61 -8.31
N ASN A 52 -3.55 12.09 -7.63
CA ASN A 52 -2.27 11.67 -8.24
C ASN A 52 -2.11 10.14 -8.27
N LEU A 53 -3.13 9.41 -7.79
CA LEU A 53 -3.24 7.94 -7.98
C LEU A 53 -3.45 7.65 -9.48
N LYS A 54 -4.15 8.57 -10.16
CA LYS A 54 -4.32 8.52 -11.63
C LYS A 54 -3.08 9.06 -12.41
N ILE A 55 -1.98 9.42 -11.70
CA ILE A 55 -0.78 10.08 -12.32
C ILE A 55 0.52 9.36 -11.91
N LYS A 56 0.94 9.61 -10.65
CA LYS A 56 2.21 9.07 -10.08
C LYS A 56 1.99 7.67 -9.45
N PRO A 57 3.08 6.86 -9.21
CA PRO A 57 2.98 5.51 -8.57
C PRO A 57 2.70 5.59 -7.06
N PHE A 58 2.38 4.44 -6.46
CA PHE A 58 1.90 4.36 -5.07
C PHE A 58 2.30 3.02 -4.42
N TYR A 59 2.86 3.11 -3.20
CA TYR A 59 3.44 1.97 -2.47
C TYR A 59 2.99 2.00 -0.99
N CYS A 60 2.77 0.81 -0.42
CA CYS A 60 2.57 0.64 1.03
C CYS A 60 3.91 0.93 1.76
N PRO A 61 3.90 1.48 3.03
CA PRO A 61 5.14 1.91 3.74
C PRO A 61 6.17 0.77 3.94
N HIS A 62 5.69 -0.49 3.90
CA HIS A 62 6.55 -1.68 4.05
C HIS A 62 7.51 -1.81 2.84
N CYS A 63 7.03 -1.43 1.63
CA CYS A 63 7.87 -1.43 0.41
C CYS A 63 8.90 -0.29 0.44
N LEU A 64 8.60 0.79 1.18
CA LEU A 64 9.57 1.90 1.39
C LEU A 64 10.73 1.42 2.27
N VAL A 65 10.38 0.66 3.32
CA VAL A 65 11.34 0.03 4.27
C VAL A 65 12.06 -1.17 3.62
N ALA A 66 11.47 -1.72 2.54
CA ALA A 66 12.07 -2.82 1.77
C ALA A 66 13.17 -2.31 0.82
N MET A 67 12.86 -1.23 0.06
CA MET A 67 13.78 -0.64 -0.93
C MET A 67 14.95 0.07 -0.21
N GLU A 68 14.59 1.10 0.59
CA GLU A 68 15.53 1.89 1.42
C GLU A 68 16.56 2.70 0.62
N PRO A 69 17.00 3.87 1.17
CA PRO A 69 18.24 4.52 0.75
C PRO A 69 19.44 3.73 1.34
N VAL A 70 20.32 3.21 0.47
CA VAL A 70 21.43 2.31 0.87
C VAL A 70 22.33 2.93 1.96
N SER A 71 22.76 2.09 2.93
CA SER A 71 23.60 2.51 4.05
C SER A 71 25.00 2.92 3.55
N THR A 72 25.24 4.23 3.51
CA THR A 72 26.50 4.85 3.08
C THR A 72 26.61 6.26 3.68
N ARG A 73 27.79 6.88 3.55
CA ARG A 73 28.02 8.26 3.98
C ARG A 73 28.07 9.18 2.74
ZN ZN B . -6.46 1.84 5.61
ZN ZN C . 3.84 -2.91 -0.97
N PHE A 9 -3.40 -19.97 13.51
CA PHE A 9 -2.49 -18.79 13.47
C PHE A 9 -1.28 -19.06 12.55
N ASN A 10 -0.79 -20.32 12.57
CA ASN A 10 0.36 -20.75 11.74
C ASN A 10 -0.06 -20.96 10.27
N THR A 11 0.30 -19.99 9.41
CA THR A 11 0.03 -20.05 7.96
C THR A 11 0.92 -19.02 7.23
N SER A 12 1.40 -19.37 6.01
CA SER A 12 2.22 -18.48 5.16
C SER A 12 1.35 -17.76 4.11
N ASP A 13 0.02 -17.76 4.32
CA ASP A 13 -0.96 -17.10 3.42
C ASP A 13 -0.74 -15.58 3.36
N TYR A 14 -0.98 -15.00 2.18
CA TYR A 14 -0.83 -13.56 1.94
C TYR A 14 -2.17 -12.85 2.18
N ARG A 15 -2.38 -12.37 3.40
CA ARG A 15 -3.50 -11.48 3.73
C ARG A 15 -3.18 -10.06 3.21
N PHE A 16 -3.39 -9.87 1.90
CA PHE A 16 -3.14 -8.59 1.20
C PHE A 16 -4.24 -7.56 1.57
N GLU A 17 -4.10 -6.99 2.78
CA GLU A 17 -5.09 -6.09 3.39
C GLU A 17 -4.44 -4.76 3.80
N CYS A 18 -5.26 -3.75 4.11
CA CYS A 18 -4.76 -2.46 4.60
C CYS A 18 -4.67 -2.46 6.13
N ILE A 19 -3.66 -1.72 6.66
CA ILE A 19 -3.33 -1.62 8.10
C ILE A 19 -4.54 -1.25 9.01
N CYS A 20 -5.52 -0.50 8.46
CA CYS A 20 -6.72 -0.07 9.22
C CYS A 20 -7.80 -1.17 9.19
N GLY A 21 -8.05 -1.73 7.99
CA GLY A 21 -9.07 -2.77 7.79
C GLY A 21 -10.46 -2.23 7.43
N GLU A 22 -10.52 -1.13 6.63
CA GLU A 22 -11.79 -0.52 6.18
C GLU A 22 -12.33 -1.24 4.90
N LEU A 23 -11.72 -0.94 3.72
CA LEU A 23 -12.17 -1.40 2.38
C LEU A 23 -10.96 -1.58 1.44
N ASP A 24 -11.20 -2.26 0.30
CA ASP A 24 -10.27 -2.24 -0.86
C ASP A 24 -10.96 -1.52 -2.07
N GLN A 25 -12.18 -1.00 -1.83
CA GLN A 25 -12.91 -0.10 -2.76
C GLN A 25 -12.50 1.36 -2.49
N ILE A 26 -12.64 2.25 -3.53
CA ILE A 26 -12.53 3.70 -3.31
C ILE A 26 -13.77 4.12 -2.48
N ASP A 27 -14.95 4.18 -3.15
CA ASP A 27 -16.27 4.46 -2.53
C ASP A 27 -16.30 5.79 -1.73
N ARG A 28 -15.69 5.79 -0.54
CA ARG A 28 -15.35 7.01 0.23
C ARG A 28 -13.82 7.16 0.25
N LYS A 29 -13.15 6.17 0.87
CA LYS A 29 -11.70 6.23 1.17
C LYS A 29 -10.86 5.73 -0.02
N PRO A 30 -9.90 6.56 -0.53
CA PRO A 30 -9.07 6.19 -1.69
C PRO A 30 -8.09 5.03 -1.37
N ARG A 31 -7.82 4.16 -2.35
CA ARG A 31 -7.06 2.90 -2.12
C ARG A 31 -5.94 2.71 -3.16
N VAL A 32 -4.74 2.36 -2.66
CA VAL A 32 -3.53 2.20 -3.48
C VAL A 32 -3.15 0.70 -3.62
N GLN A 33 -3.13 0.24 -4.89
CA GLN A 33 -2.76 -1.14 -5.26
C GLN A 33 -1.25 -1.19 -5.38
N CYS A 34 -0.58 -1.54 -4.28
CA CYS A 34 0.88 -1.67 -4.25
C CYS A 34 1.33 -2.83 -5.15
N LEU A 35 1.53 -2.49 -6.44
CA LEU A 35 1.85 -3.47 -7.51
C LEU A 35 3.19 -4.21 -7.26
N LYS A 36 4.05 -3.57 -6.45
CA LYS A 36 5.37 -4.10 -6.06
C LYS A 36 5.25 -5.37 -5.17
N CYS A 37 4.07 -5.59 -4.52
CA CYS A 37 3.82 -6.82 -3.73
C CYS A 37 2.32 -7.23 -3.74
N HIS A 38 1.54 -6.66 -4.72
CA HIS A 38 0.08 -6.93 -4.89
C HIS A 38 -0.71 -6.71 -3.57
N LEU A 39 -0.38 -5.62 -2.87
CA LEU A 39 -0.92 -5.33 -1.53
C LEU A 39 -2.01 -4.24 -1.66
N TRP A 40 -3.22 -4.55 -1.18
CA TRP A 40 -4.39 -3.66 -1.32
C TRP A 40 -4.50 -2.77 -0.07
N GLN A 41 -3.93 -1.56 -0.17
CA GLN A 41 -3.89 -0.60 0.95
C GLN A 41 -4.68 0.67 0.59
N HIS A 42 -4.66 1.69 1.46
CA HIS A 42 -5.31 2.99 1.19
C HIS A 42 -4.29 4.10 0.97
N ALA A 43 -4.70 5.13 0.21
CA ALA A 43 -3.89 6.32 -0.03
C ALA A 43 -3.59 7.06 1.28
N LYS A 44 -4.64 7.58 1.93
CA LYS A 44 -4.50 8.44 3.15
C LYS A 44 -3.89 7.65 4.34
N CYS A 45 -4.02 6.32 4.32
CA CYS A 45 -3.42 5.44 5.37
C CYS A 45 -1.88 5.36 5.24
N VAL A 46 -1.36 5.62 4.03
CA VAL A 46 0.11 5.59 3.73
C VAL A 46 0.63 7.01 3.41
N ASN A 47 -0.18 8.05 3.77
CA ASN A 47 0.13 9.49 3.57
C ASN A 47 0.22 9.90 2.08
N TYR A 48 -0.41 9.09 1.23
CA TYR A 48 -0.59 9.35 -0.21
C TYR A 48 -2.00 9.93 -0.44
N ASP A 49 -2.30 10.50 -1.62
CA ASP A 49 -3.64 11.09 -1.90
C ASP A 49 -4.22 10.55 -3.22
N GLU A 50 -5.50 10.90 -3.51
CA GLU A 50 -6.22 10.33 -4.67
C GLU A 50 -6.03 11.15 -5.96
N LYS A 51 -5.69 12.44 -5.82
CA LYS A 51 -5.44 13.34 -6.98
C LYS A 51 -4.28 12.80 -7.84
N ASN A 52 -3.25 12.22 -7.17
CA ASN A 52 -2.11 11.58 -7.86
C ASN A 52 -2.23 10.03 -7.88
N LEU A 53 -3.27 9.47 -7.25
CA LEU A 53 -3.59 8.02 -7.33
C LEU A 53 -4.00 7.70 -8.79
N LYS A 54 -4.75 8.62 -9.39
CA LYS A 54 -5.19 8.52 -10.80
C LYS A 54 -4.09 8.96 -11.80
N ILE A 55 -2.86 9.24 -11.32
CA ILE A 55 -1.71 9.65 -12.18
C ILE A 55 -0.48 8.78 -11.87
N LYS A 56 0.13 9.09 -10.73
CA LYS A 56 1.46 8.60 -10.30
C LYS A 56 1.39 7.19 -9.65
N PRO A 57 2.52 6.40 -9.69
CA PRO A 57 2.63 5.09 -8.96
C PRO A 57 2.46 5.22 -7.44
N PHE A 58 2.02 4.12 -6.81
CA PHE A 58 1.72 4.06 -5.38
C PHE A 58 2.14 2.70 -4.79
N TYR A 59 2.64 2.73 -3.55
CA TYR A 59 3.14 1.53 -2.85
C TYR A 59 2.76 1.57 -1.35
N CYS A 60 2.90 0.41 -0.68
CA CYS A 60 2.67 0.26 0.78
C CYS A 60 3.99 0.54 1.53
N PRO A 61 3.93 1.11 2.79
CA PRO A 61 5.14 1.62 3.52
C PRO A 61 6.23 0.56 3.79
N HIS A 62 5.83 -0.72 3.81
CA HIS A 62 6.77 -1.87 4.01
C HIS A 62 7.78 -1.92 2.85
N CYS A 63 7.26 -1.71 1.62
CA CYS A 63 8.10 -1.61 0.42
C CYS A 63 9.00 -0.36 0.46
N LEU A 64 8.44 0.79 0.93
CA LEU A 64 9.17 2.08 1.00
C LEU A 64 10.45 1.95 1.86
N VAL A 65 10.29 1.35 3.06
CA VAL A 65 11.41 1.10 3.99
C VAL A 65 12.46 0.16 3.36
N ALA A 66 11.97 -0.87 2.65
CA ALA A 66 12.82 -1.89 1.99
C ALA A 66 13.57 -1.31 0.78
N MET A 67 13.03 -0.23 0.21
CA MET A 67 13.63 0.48 -0.95
C MET A 67 14.77 1.42 -0.49
N GLU A 68 14.71 1.87 0.76
CA GLU A 68 15.72 2.76 1.36
C GLU A 68 16.95 1.93 1.82
N PRO A 69 18.20 2.50 1.73
CA PRO A 69 19.42 1.84 2.26
C PRO A 69 19.57 2.05 3.79
N VAL A 70 20.06 1.01 4.51
CA VAL A 70 20.33 1.10 5.96
C VAL A 70 21.63 1.89 6.21
N SER A 71 21.59 2.80 7.20
CA SER A 71 22.72 3.69 7.54
C SER A 71 23.74 2.95 8.42
N THR A 72 25.03 3.21 8.14
CA THR A 72 26.16 2.67 8.94
C THR A 72 26.32 3.48 10.25
N ARG A 73 26.79 2.81 11.33
CA ARG A 73 26.99 3.47 12.65
C ARG A 73 28.23 4.41 12.60
ZN ZN B . -6.74 1.83 5.21
ZN ZN C . 4.11 -3.31 -1.02
N PHE A 9 -8.05 -28.25 2.08
CA PHE A 9 -6.92 -28.42 1.13
C PHE A 9 -5.78 -27.47 1.51
N ASN A 10 -4.54 -27.83 1.11
CA ASN A 10 -3.34 -27.00 1.37
C ASN A 10 -3.27 -25.85 0.35
N THR A 11 -4.02 -24.78 0.66
CA THR A 11 -4.18 -23.62 -0.21
C THR A 11 -4.07 -22.32 0.64
N SER A 12 -3.05 -21.49 0.34
CA SER A 12 -2.83 -20.20 1.04
C SER A 12 -2.33 -19.14 0.04
N ASP A 13 -2.67 -17.87 0.32
CA ASP A 13 -2.24 -16.69 -0.47
C ASP A 13 -1.61 -15.64 0.45
N TYR A 14 -1.14 -14.55 -0.17
CA TYR A 14 -0.74 -13.34 0.54
C TYR A 14 -2.00 -12.59 0.99
N ARG A 15 -2.01 -12.12 2.23
CA ARG A 15 -3.14 -11.38 2.80
C ARG A 15 -3.12 -9.93 2.26
N PHE A 16 -3.68 -9.75 1.04
CA PHE A 16 -3.75 -8.43 0.38
C PHE A 16 -4.84 -7.56 1.04
N GLU A 17 -4.50 -7.02 2.23
CA GLU A 17 -5.42 -6.25 3.10
C GLU A 17 -4.72 -4.97 3.58
N CYS A 18 -5.51 -3.97 3.99
CA CYS A 18 -4.98 -2.70 4.49
C CYS A 18 -4.60 -2.81 5.98
N ILE A 19 -3.55 -2.08 6.40
CA ILE A 19 -3.02 -2.13 7.79
C ILE A 19 -4.06 -1.68 8.85
N CYS A 20 -5.00 -0.79 8.47
CA CYS A 20 -6.07 -0.33 9.39
C CYS A 20 -7.22 -1.36 9.48
N GLY A 21 -7.30 -2.27 8.48
CA GLY A 21 -8.39 -3.25 8.40
C GLY A 21 -9.72 -2.62 8.00
N GLU A 22 -9.73 -2.04 6.79
CA GLU A 22 -10.87 -1.23 6.28
C GLU A 22 -10.91 -1.36 4.73
N LEU A 23 -12.11 -1.08 4.14
CA LEU A 23 -12.43 -1.24 2.69
C LEU A 23 -11.32 -0.74 1.74
N ASP A 24 -10.90 -1.60 0.81
CA ASP A 24 -9.82 -1.32 -0.17
C ASP A 24 -10.38 -0.72 -1.49
N GLN A 25 -11.40 0.14 -1.36
CA GLN A 25 -12.14 0.73 -2.50
C GLN A 25 -12.30 2.27 -2.32
N ILE A 26 -12.35 3.01 -3.47
CA ILE A 26 -12.42 4.50 -3.49
C ILE A 26 -13.84 5.00 -3.09
N ASP A 27 -14.80 4.04 -3.02
CA ASP A 27 -16.22 4.27 -2.66
C ASP A 27 -16.39 5.17 -1.42
N ARG A 28 -15.49 5.01 -0.45
CA ARG A 28 -15.44 5.87 0.75
C ARG A 28 -14.12 6.65 0.77
N LYS A 29 -12.98 5.94 0.77
CA LYS A 29 -11.64 6.54 0.96
C LYS A 29 -10.70 6.23 -0.22
N PRO A 30 -9.76 7.16 -0.58
CA PRO A 30 -8.67 6.89 -1.56
C PRO A 30 -7.87 5.62 -1.20
N ARG A 31 -7.58 4.78 -2.20
CA ARG A 31 -6.93 3.47 -2.00
C ARG A 31 -5.82 3.24 -3.04
N VAL A 32 -4.86 2.37 -2.70
CA VAL A 32 -3.71 2.08 -3.56
C VAL A 32 -3.51 0.56 -3.73
N GLN A 33 -3.37 0.13 -5.00
CA GLN A 33 -3.01 -1.24 -5.38
C GLN A 33 -1.47 -1.33 -5.42
N CYS A 34 -0.85 -1.72 -4.30
CA CYS A 34 0.61 -1.86 -4.20
C CYS A 34 1.11 -2.98 -5.13
N LEU A 35 1.43 -2.57 -6.38
CA LEU A 35 1.84 -3.46 -7.48
C LEU A 35 3.12 -4.27 -7.13
N LYS A 36 3.95 -3.68 -6.27
CA LYS A 36 5.26 -4.21 -5.90
C LYS A 36 5.18 -5.49 -5.04
N CYS A 37 4.02 -5.72 -4.37
CA CYS A 37 3.85 -6.95 -3.54
C CYS A 37 2.39 -7.46 -3.58
N HIS A 38 1.59 -6.96 -4.56
CA HIS A 38 0.15 -7.32 -4.74
C HIS A 38 -0.62 -7.20 -3.41
N LEU A 39 -0.77 -5.94 -2.96
CA LEU A 39 -1.27 -5.63 -1.60
C LEU A 39 -2.24 -4.44 -1.72
N TRP A 40 -3.50 -4.64 -1.27
CA TRP A 40 -4.54 -3.60 -1.35
C TRP A 40 -4.50 -2.78 -0.07
N GLN A 41 -4.40 -1.45 -0.19
CA GLN A 41 -4.24 -0.54 0.96
C GLN A 41 -5.04 0.75 0.70
N HIS A 42 -5.04 1.68 1.68
CA HIS A 42 -5.51 3.07 1.47
C HIS A 42 -4.34 3.99 1.12
N ALA A 43 -4.63 5.01 0.33
CA ALA A 43 -3.69 6.10 0.01
C ALA A 43 -3.33 6.90 1.29
N LYS A 44 -4.37 7.27 2.06
CA LYS A 44 -4.22 8.01 3.34
C LYS A 44 -3.48 7.18 4.41
N CYS A 45 -3.44 5.84 4.25
CA CYS A 45 -2.74 4.92 5.18
C CYS A 45 -1.26 4.74 4.81
N VAL A 46 -0.84 5.26 3.64
CA VAL A 46 0.55 5.18 3.16
C VAL A 46 1.15 6.58 2.95
N ASN A 47 0.37 7.62 3.33
CA ASN A 47 0.68 9.06 3.11
C ASN A 47 0.66 9.36 1.60
N TYR A 48 -0.58 9.46 1.05
CA TYR A 48 -0.82 9.56 -0.41
C TYR A 48 -2.31 9.95 -0.61
N ASP A 49 -2.72 10.25 -1.86
CA ASP A 49 -4.10 10.69 -2.17
C ASP A 49 -4.57 10.12 -3.52
N GLU A 50 -5.88 10.27 -3.81
CA GLU A 50 -6.50 9.74 -5.05
C GLU A 50 -6.15 10.59 -6.29
N LYS A 51 -5.96 11.91 -6.09
CA LYS A 51 -5.70 12.86 -7.20
C LYS A 51 -4.40 12.48 -7.96
N ASN A 52 -3.35 12.07 -7.21
CA ASN A 52 -2.09 11.59 -7.81
C ASN A 52 -2.07 10.05 -7.93
N LEU A 53 -3.12 9.36 -7.44
CA LEU A 53 -3.35 7.90 -7.71
C LEU A 53 -3.60 7.66 -9.21
N LYS A 54 -4.24 8.65 -9.86
CA LYS A 54 -4.44 8.63 -11.34
C LYS A 54 -3.16 9.00 -12.13
N ILE A 55 -2.05 9.38 -11.45
CA ILE A 55 -0.82 9.89 -12.11
C ILE A 55 0.42 9.03 -11.72
N LYS A 56 0.81 9.21 -10.47
CA LYS A 56 2.07 8.73 -9.87
C LYS A 56 2.02 7.27 -9.37
N PRO A 57 3.22 6.60 -9.15
CA PRO A 57 3.32 5.26 -8.46
C PRO A 57 2.77 5.29 -7.02
N PHE A 58 2.33 4.12 -6.53
CA PHE A 58 1.66 3.98 -5.23
C PHE A 58 1.98 2.61 -4.60
N TYR A 59 2.36 2.63 -3.30
CA TYR A 59 2.86 1.45 -2.57
C TYR A 59 2.35 1.44 -1.12
N CYS A 60 2.35 0.25 -0.49
CA CYS A 60 2.07 0.08 0.95
C CYS A 60 3.33 0.44 1.79
N PRO A 61 3.18 0.86 3.11
CA PRO A 61 4.25 1.58 3.87
C PRO A 61 5.59 0.81 4.00
N HIS A 62 5.53 -0.52 4.15
CA HIS A 62 6.76 -1.34 4.29
C HIS A 62 7.61 -1.27 3.00
N CYS A 63 6.95 -1.37 1.83
CA CYS A 63 7.63 -1.23 0.52
C CYS A 63 8.29 0.15 0.37
N LEU A 64 7.64 1.20 0.93
CA LEU A 64 8.17 2.58 0.90
C LEU A 64 9.52 2.61 1.68
N VAL A 65 9.50 2.06 2.89
CA VAL A 65 10.67 2.04 3.81
C VAL A 65 11.68 0.90 3.44
N ALA A 66 11.30 0.04 2.45
CA ALA A 66 12.16 -1.08 1.98
C ALA A 66 12.94 -0.70 0.71
N MET A 67 12.37 0.22 -0.11
CA MET A 67 13.03 0.76 -1.33
C MET A 67 14.14 1.77 -0.95
N GLU A 68 14.08 2.25 0.30
CA GLU A 68 15.06 3.19 0.89
C GLU A 68 15.64 2.57 2.18
N PRO A 69 16.80 3.08 2.71
CA PRO A 69 17.32 2.67 4.04
C PRO A 69 16.57 3.39 5.18
N VAL A 70 16.70 2.84 6.40
CA VAL A 70 16.18 3.47 7.63
C VAL A 70 17.07 4.65 8.06
N SER A 71 16.52 5.52 8.94
CA SER A 71 17.22 6.71 9.43
C SER A 71 18.22 6.34 10.54
N THR A 72 19.42 5.90 10.11
CA THR A 72 20.52 5.49 11.00
C THR A 72 21.20 6.73 11.61
N ARG A 73 21.39 6.70 12.95
CA ARG A 73 21.99 7.80 13.71
C ARG A 73 23.53 7.82 13.51
ZN ZN B . -6.47 1.76 5.47
ZN ZN C . 3.74 -3.42 -0.81
N PHE A 9 8.14 -16.58 12.58
CA PHE A 9 8.05 -18.06 12.50
C PHE A 9 7.23 -18.47 11.25
N ASN A 10 5.91 -18.17 11.27
CA ASN A 10 4.96 -18.50 10.17
C ASN A 10 4.29 -17.22 9.67
N THR A 11 4.66 -16.76 8.45
CA THR A 11 4.09 -15.53 7.83
C THR A 11 4.28 -15.52 6.29
N SER A 12 4.46 -16.73 5.69
CA SER A 12 4.57 -16.90 4.22
C SER A 12 3.24 -16.59 3.49
N ASP A 13 2.13 -16.55 4.26
CA ASP A 13 0.81 -16.19 3.73
C ASP A 13 0.73 -14.67 3.51
N TYR A 14 0.44 -14.29 2.26
CA TYR A 14 0.40 -12.87 1.84
C TYR A 14 -0.95 -12.25 2.20
N ARG A 15 -1.00 -11.60 3.37
CA ARG A 15 -2.19 -10.91 3.86
C ARG A 15 -2.29 -9.56 3.16
N PHE A 16 -2.81 -9.56 1.91
CA PHE A 16 -3.00 -8.32 1.13
C PHE A 16 -4.23 -7.55 1.66
N GLU A 17 -3.99 -6.90 2.81
CA GLU A 17 -5.00 -6.16 3.58
C GLU A 17 -4.37 -4.85 4.08
N CYS A 18 -5.22 -3.83 4.29
CA CYS A 18 -4.78 -2.53 4.82
C CYS A 18 -4.70 -2.59 6.36
N ILE A 19 -3.76 -1.81 6.94
CA ILE A 19 -3.47 -1.82 8.40
C ILE A 19 -4.70 -1.41 9.25
N CYS A 20 -5.59 -0.57 8.71
CA CYS A 20 -6.83 -0.15 9.44
C CYS A 20 -7.89 -1.28 9.44
N GLY A 21 -7.84 -2.15 8.41
CA GLY A 21 -8.81 -3.24 8.24
C GLY A 21 -10.20 -2.75 7.84
N GLU A 22 -10.32 -2.26 6.59
CA GLU A 22 -11.58 -1.67 6.05
C GLU A 22 -11.86 -2.19 4.62
N LEU A 23 -12.90 -1.59 4.00
CA LEU A 23 -13.24 -1.74 2.57
C LEU A 23 -12.11 -1.22 1.65
N ASP A 24 -12.17 -1.59 0.35
CA ASP A 24 -11.16 -1.19 -0.66
C ASP A 24 -11.80 -0.30 -1.75
N GLN A 25 -12.92 0.35 -1.43
CA GLN A 25 -13.64 1.21 -2.38
C GLN A 25 -13.24 2.70 -2.20
N ILE A 26 -13.14 3.41 -3.35
CA ILE A 26 -12.73 4.84 -3.41
C ILE A 26 -13.82 5.75 -2.78
N ASP A 27 -15.08 5.29 -2.87
CA ASP A 27 -16.26 5.95 -2.28
C ASP A 27 -16.06 6.22 -0.77
N ARG A 28 -15.43 5.25 -0.10
CA ARG A 28 -15.13 5.33 1.33
C ARG A 28 -13.85 6.15 1.55
N LYS A 29 -12.72 5.60 1.09
CA LYS A 29 -11.39 6.23 1.18
C LYS A 29 -10.61 5.98 -0.13
N PRO A 30 -9.75 6.94 -0.62
CA PRO A 30 -8.77 6.64 -1.69
C PRO A 30 -7.85 5.46 -1.30
N ARG A 31 -7.52 4.56 -2.26
CA ARG A 31 -6.76 3.31 -1.96
C ARG A 31 -5.67 3.00 -3.00
N VAL A 32 -4.56 2.40 -2.52
CA VAL A 32 -3.36 2.09 -3.34
C VAL A 32 -3.11 0.57 -3.37
N GLN A 33 -3.07 0.02 -4.59
CA GLN A 33 -2.79 -1.40 -4.85
C GLN A 33 -1.33 -1.54 -5.27
N CYS A 34 -0.47 -1.87 -4.30
CA CYS A 34 0.99 -1.95 -4.49
C CYS A 34 1.34 -3.06 -5.50
N LEU A 35 1.47 -2.64 -6.76
CA LEU A 35 1.80 -3.49 -7.93
C LEU A 35 3.10 -4.31 -7.72
N LYS A 36 4.07 -3.73 -6.98
CA LYS A 36 5.39 -4.34 -6.76
C LYS A 36 5.32 -5.70 -6.01
N CYS A 37 4.35 -5.86 -5.08
CA CYS A 37 4.29 -7.08 -4.21
C CYS A 37 2.84 -7.58 -4.00
N HIS A 38 1.89 -7.02 -4.79
CA HIS A 38 0.44 -7.35 -4.72
C HIS A 38 -0.13 -7.17 -3.29
N LEU A 39 0.10 -5.97 -2.70
CA LEU A 39 -0.33 -5.63 -1.33
C LEU A 39 -1.35 -4.50 -1.39
N TRP A 40 -2.59 -4.77 -0.94
CA TRP A 40 -3.69 -3.79 -1.00
C TRP A 40 -3.68 -2.92 0.28
N GLN A 41 -3.76 -1.60 0.10
CA GLN A 41 -3.76 -0.62 1.20
C GLN A 41 -4.67 0.56 0.82
N HIS A 42 -4.86 1.52 1.76
CA HIS A 42 -5.44 2.83 1.44
C HIS A 42 -4.32 3.85 1.19
N ALA A 43 -4.64 4.83 0.35
CA ALA A 43 -3.79 5.95 0.06
C ALA A 43 -3.65 6.85 1.30
N LYS A 44 -4.80 7.20 1.90
CA LYS A 44 -4.86 8.16 3.01
C LYS A 44 -4.28 7.56 4.31
N CYS A 45 -4.24 6.21 4.40
CA CYS A 45 -3.60 5.50 5.53
C CYS A 45 -2.06 5.59 5.44
N VAL A 46 -1.54 5.95 4.25
CA VAL A 46 -0.09 6.15 4.02
C VAL A 46 0.20 7.60 3.52
N ASN A 47 -0.80 8.52 3.77
CA ASN A 47 -0.74 9.98 3.48
C ASN A 47 -0.79 10.34 1.96
N TYR A 48 -0.93 9.32 1.12
CA TYR A 48 -1.03 9.45 -0.35
C TYR A 48 -2.50 9.85 -0.68
N ASP A 49 -2.75 10.45 -1.86
CA ASP A 49 -4.14 10.85 -2.26
C ASP A 49 -4.51 10.33 -3.64
N GLU A 50 -5.84 10.42 -3.92
CA GLU A 50 -6.44 9.97 -5.19
C GLU A 50 -6.04 10.85 -6.39
N LYS A 51 -5.81 12.16 -6.14
CA LYS A 51 -5.46 13.14 -7.21
C LYS A 51 -4.28 12.63 -8.08
N ASN A 52 -3.25 12.10 -7.39
CA ASN A 52 -2.03 11.57 -8.02
C ASN A 52 -2.01 10.03 -8.05
N LEU A 53 -3.06 9.39 -7.52
CA LEU A 53 -3.32 7.94 -7.70
C LEU A 53 -3.69 7.67 -9.18
N LYS A 54 -4.32 8.68 -9.80
CA LYS A 54 -4.66 8.69 -11.23
C LYS A 54 -3.52 9.28 -12.12
N ILE A 55 -2.29 9.41 -11.57
CA ILE A 55 -1.12 9.94 -12.32
C ILE A 55 0.12 9.07 -12.05
N LYS A 56 0.61 9.19 -10.81
CA LYS A 56 1.89 8.65 -10.34
C LYS A 56 1.77 7.20 -9.84
N PRO A 57 2.89 6.40 -9.88
CA PRO A 57 2.99 5.07 -9.22
C PRO A 57 2.70 5.13 -7.70
N PHE A 58 2.21 4.00 -7.16
CA PHE A 58 1.72 3.91 -5.76
C PHE A 58 2.13 2.57 -5.13
N TYR A 59 2.69 2.63 -3.90
CA TYR A 59 3.27 1.45 -3.21
C TYR A 59 2.87 1.43 -1.72
N CYS A 60 2.97 0.23 -1.13
CA CYS A 60 2.64 -0.02 0.29
C CYS A 60 3.84 0.37 1.20
N PRO A 61 3.61 0.70 2.54
CA PRO A 61 4.66 1.24 3.43
C PRO A 61 5.91 0.34 3.56
N HIS A 62 5.72 -0.99 3.56
CA HIS A 62 6.83 -1.97 3.71
C HIS A 62 7.85 -1.88 2.54
N CYS A 63 7.35 -1.66 1.31
CA CYS A 63 8.22 -1.50 0.11
C CYS A 63 9.02 -0.19 0.18
N LEU A 64 8.39 0.86 0.76
CA LEU A 64 9.04 2.17 0.93
C LEU A 64 10.24 2.04 1.91
N VAL A 65 9.97 1.35 3.05
CA VAL A 65 10.96 1.08 4.10
C VAL A 65 12.07 0.12 3.60
N ALA A 66 11.71 -0.78 2.68
CA ALA A 66 12.67 -1.73 2.07
C ALA A 66 13.69 -1.00 1.18
N MET A 67 13.25 0.12 0.56
CA MET A 67 14.12 0.98 -0.27
C MET A 67 14.97 1.95 0.61
N GLU A 68 14.54 2.16 1.88
CA GLU A 68 15.27 3.03 2.83
C GLU A 68 16.59 2.37 3.31
N PRO A 69 17.67 3.17 3.56
CA PRO A 69 18.97 2.66 4.06
C PRO A 69 18.95 2.26 5.54
N VAL A 70 20.01 1.53 5.92
CA VAL A 70 20.19 0.91 7.24
C VAL A 70 21.21 1.74 8.07
N SER A 71 21.34 1.43 9.39
CA SER A 71 22.33 2.06 10.30
C SER A 71 23.76 2.01 9.71
N THR A 72 24.34 3.19 9.45
CA THR A 72 25.65 3.35 8.79
C THR A 72 26.65 4.04 9.75
N ARG A 73 27.88 3.49 9.84
CA ARG A 73 28.97 4.09 10.63
C ARG A 73 29.66 5.19 9.79
ZN ZN B . -6.79 1.76 5.45
ZN ZN C . 4.49 -3.52 -1.51
N PHE A 9 -6.31 -30.19 -3.68
CA PHE A 9 -6.66 -28.80 -3.31
C PHE A 9 -5.63 -28.27 -2.29
N ASN A 10 -4.66 -27.48 -2.79
CA ASN A 10 -3.58 -26.85 -1.99
C ASN A 10 -3.62 -25.34 -2.26
N THR A 11 -3.77 -24.53 -1.19
CA THR A 11 -3.82 -23.06 -1.30
C THR A 11 -2.97 -22.40 -0.19
N SER A 12 -1.79 -21.90 -0.57
CA SER A 12 -0.95 -21.06 0.30
C SER A 12 -1.33 -19.60 0.05
N ASP A 13 -2.42 -19.17 0.71
CA ASP A 13 -3.00 -17.85 0.50
C ASP A 13 -2.07 -16.75 1.03
N TYR A 14 -1.94 -15.69 0.24
CA TYR A 14 -1.07 -14.55 0.53
C TYR A 14 -1.82 -13.48 1.33
N ARG A 15 -1.10 -12.78 2.22
CA ARG A 15 -1.69 -11.73 3.07
C ARG A 15 -1.70 -10.39 2.30
N PHE A 16 -2.91 -9.90 1.96
CA PHE A 16 -3.13 -8.60 1.31
C PHE A 16 -4.32 -7.87 1.99
N GLU A 17 -3.98 -6.89 2.84
CA GLU A 17 -4.96 -6.16 3.67
C GLU A 17 -4.43 -4.76 3.99
N CYS A 18 -5.34 -3.78 4.05
CA CYS A 18 -5.01 -2.43 4.51
C CYS A 18 -4.90 -2.43 6.04
N ILE A 19 -3.85 -1.77 6.55
CA ILE A 19 -3.48 -1.73 8.00
C ILE A 19 -4.64 -1.35 8.96
N CYS A 20 -5.69 -0.66 8.48
CA CYS A 20 -6.86 -0.28 9.33
C CYS A 20 -7.87 -1.44 9.44
N GLY A 21 -8.00 -2.23 8.38
CA GLY A 21 -8.91 -3.38 8.35
C GLY A 21 -10.40 -3.02 8.24
N GLU A 22 -10.70 -1.97 7.43
CA GLU A 22 -12.08 -1.48 7.19
C GLU A 22 -12.58 -1.90 5.79
N LEU A 23 -12.09 -1.19 4.74
CA LEU A 23 -12.48 -1.40 3.31
C LEU A 23 -11.22 -1.33 2.44
N ASP A 24 -11.37 -1.45 1.11
CA ASP A 24 -10.31 -1.10 0.16
C ASP A 24 -10.85 -1.12 -1.28
N GLN A 25 -11.79 -0.21 -1.55
CA GLN A 25 -12.37 0.03 -2.90
C GLN A 25 -12.45 1.55 -3.09
N ILE A 26 -12.53 2.03 -4.36
CA ILE A 26 -12.60 3.49 -4.65
C ILE A 26 -14.05 3.98 -4.41
N ASP A 27 -14.33 4.17 -3.11
CA ASP A 27 -15.59 4.69 -2.57
C ASP A 27 -15.37 4.87 -1.06
N ARG A 28 -16.03 5.89 -0.46
CA ARG A 28 -15.79 6.35 0.93
C ARG A 28 -14.36 6.95 1.07
N LYS A 29 -13.35 6.04 1.04
CA LYS A 29 -11.92 6.38 1.17
C LYS A 29 -11.17 5.91 -0.09
N PRO A 30 -10.14 6.68 -0.58
CA PRO A 30 -9.31 6.26 -1.72
C PRO A 30 -8.36 5.12 -1.34
N ARG A 31 -7.94 4.32 -2.34
CA ARG A 31 -7.12 3.12 -2.12
C ARG A 31 -6.09 2.95 -3.24
N VAL A 32 -4.92 2.47 -2.85
CA VAL A 32 -3.76 2.23 -3.72
C VAL A 32 -3.35 0.75 -3.68
N GLN A 33 -3.36 0.12 -4.86
CA GLN A 33 -2.99 -1.29 -5.04
C GLN A 33 -1.48 -1.39 -5.30
N CYS A 34 -0.72 -1.77 -4.28
CA CYS A 34 0.75 -1.79 -4.34
C CYS A 34 1.21 -2.94 -5.26
N LEU A 35 1.36 -2.61 -6.55
CA LEU A 35 1.69 -3.58 -7.63
C LEU A 35 3.02 -4.31 -7.37
N LYS A 36 3.93 -3.65 -6.62
CA LYS A 36 5.25 -4.17 -6.26
C LYS A 36 5.15 -5.48 -5.43
N CYS A 37 4.07 -5.67 -4.65
CA CYS A 37 3.92 -6.86 -3.77
C CYS A 37 2.46 -7.32 -3.66
N HIS A 38 1.57 -6.79 -4.53
CA HIS A 38 0.12 -7.12 -4.55
C HIS A 38 -0.56 -6.85 -3.18
N LEU A 39 -0.11 -5.79 -2.48
CA LEU A 39 -0.59 -5.46 -1.12
C LEU A 39 -1.56 -4.28 -1.24
N TRP A 40 -2.80 -4.50 -0.82
CA TRP A 40 -3.86 -3.50 -0.93
C TRP A 40 -3.85 -2.60 0.32
N GLN A 41 -3.78 -1.27 0.14
CA GLN A 41 -3.81 -0.31 1.26
C GLN A 41 -4.45 0.99 0.79
N HIS A 42 -5.22 1.66 1.69
CA HIS A 42 -5.84 2.96 1.39
C HIS A 42 -4.77 4.03 1.14
N ALA A 43 -5.08 4.98 0.24
CA ALA A 43 -4.19 6.09 -0.07
C ALA A 43 -3.91 6.92 1.20
N LYS A 44 -5.00 7.35 1.87
CA LYS A 44 -4.92 8.22 3.05
C LYS A 44 -4.29 7.50 4.27
N CYS A 45 -4.44 6.16 4.34
CA CYS A 45 -3.84 5.35 5.43
C CYS A 45 -2.30 5.31 5.33
N VAL A 46 -1.76 5.65 4.13
CA VAL A 46 -0.30 5.72 3.89
C VAL A 46 0.13 7.17 3.55
N ASN A 47 -0.80 8.14 3.77
CA ASN A 47 -0.57 9.61 3.56
C ASN A 47 -0.39 9.98 2.06
N TYR A 48 -0.83 9.07 1.18
CA TYR A 48 -0.94 9.30 -0.27
C TYR A 48 -2.38 9.82 -0.54
N ASP A 49 -2.66 10.33 -1.75
CA ASP A 49 -3.99 10.86 -2.10
C ASP A 49 -4.43 10.36 -3.47
N GLU A 50 -5.72 10.55 -3.81
CA GLU A 50 -6.29 10.04 -5.07
C GLU A 50 -5.90 10.94 -6.27
N LYS A 51 -5.74 12.27 -6.04
CA LYS A 51 -5.45 13.24 -7.13
C LYS A 51 -4.14 12.89 -7.86
N ASN A 52 -3.12 12.43 -7.10
CA ASN A 52 -1.82 12.01 -7.68
C ASN A 52 -1.79 10.48 -7.94
N LEU A 53 -2.88 9.77 -7.58
CA LEU A 53 -3.07 8.34 -7.93
C LEU A 53 -3.27 8.21 -9.45
N LYS A 54 -4.06 9.15 -10.01
CA LYS A 54 -4.30 9.24 -11.47
C LYS A 54 -2.99 9.48 -12.28
N ILE A 55 -1.96 10.03 -11.62
CA ILE A 55 -0.67 10.37 -12.27
C ILE A 55 0.40 9.35 -11.86
N LYS A 56 0.82 9.48 -10.61
CA LYS A 56 2.00 8.84 -10.02
C LYS A 56 1.77 7.36 -9.66
N PRO A 57 2.88 6.55 -9.62
CA PRO A 57 2.88 5.18 -9.02
C PRO A 57 2.58 5.22 -7.50
N PHE A 58 2.10 4.11 -6.96
CA PHE A 58 1.63 4.01 -5.57
C PHE A 58 2.04 2.67 -4.95
N TYR A 59 2.62 2.74 -3.73
CA TYR A 59 3.15 1.56 -3.01
C TYR A 59 2.81 1.64 -1.50
N CYS A 60 2.83 0.47 -0.85
CA CYS A 60 2.62 0.35 0.61
C CYS A 60 3.94 0.71 1.36
N PRO A 61 3.87 1.28 2.61
CA PRO A 61 5.04 1.88 3.32
C PRO A 61 6.26 0.94 3.48
N HIS A 62 5.99 -0.37 3.72
CA HIS A 62 7.05 -1.37 3.92
C HIS A 62 7.94 -1.51 2.66
N CYS A 63 7.36 -1.32 1.46
CA CYS A 63 8.11 -1.36 0.18
C CYS A 63 9.08 -0.18 0.06
N LEU A 64 8.70 0.97 0.63
CA LEU A 64 9.57 2.17 0.67
C LEU A 64 10.75 1.89 1.63
N VAL A 65 10.44 1.21 2.75
CA VAL A 65 11.45 0.81 3.76
C VAL A 65 12.27 -0.41 3.25
N ALA A 66 11.78 -1.10 2.21
CA ALA A 66 12.48 -2.25 1.58
C ALA A 66 13.43 -1.78 0.48
N MET A 67 13.07 -0.67 -0.18
CA MET A 67 13.91 -0.05 -1.23
C MET A 67 15.05 0.75 -0.60
N GLU A 68 14.68 1.71 0.29
CA GLU A 68 15.62 2.56 1.07
C GLU A 68 16.46 3.51 0.18
N PRO A 69 16.66 4.80 0.60
CA PRO A 69 17.54 5.73 -0.11
C PRO A 69 19.03 5.40 0.19
N VAL A 70 19.71 4.82 -0.82
CA VAL A 70 21.09 4.34 -0.70
C VAL A 70 22.08 5.52 -0.59
N SER A 71 23.08 5.36 0.29
CA SER A 71 24.15 6.35 0.50
C SER A 71 25.21 6.19 -0.59
N THR A 72 25.09 7.03 -1.64
CA THR A 72 26.02 7.05 -2.78
C THR A 72 26.25 8.51 -3.18
N ARG A 73 27.52 8.93 -3.31
CA ARG A 73 27.88 10.30 -3.71
C ARG A 73 27.45 10.58 -5.17
ZN ZN B . -7.17 1.74 5.36
ZN ZN C . 4.14 -3.21 -1.16
N PHE A 9 2.53 -17.20 14.28
CA PHE A 9 1.68 -17.48 13.10
C PHE A 9 2.58 -17.53 11.85
N ASN A 10 2.85 -18.74 11.34
CA ASN A 10 3.66 -18.94 10.12
C ASN A 10 2.82 -18.63 8.88
N THR A 11 2.75 -17.33 8.53
CA THR A 11 1.95 -16.84 7.39
C THR A 11 2.65 -17.16 6.07
N SER A 12 2.45 -18.39 5.59
CA SER A 12 2.98 -18.87 4.31
C SER A 12 2.20 -18.24 3.14
N ASP A 13 0.94 -17.88 3.42
CA ASP A 13 0.06 -17.16 2.49
C ASP A 13 0.28 -15.64 2.62
N TYR A 14 -0.24 -14.92 1.63
CA TYR A 14 -0.15 -13.44 1.58
C TYR A 14 -1.51 -12.86 1.96
N ARG A 15 -1.62 -12.28 3.16
CA ARG A 15 -2.83 -11.59 3.62
C ARG A 15 -2.78 -10.14 3.10
N PHE A 16 -2.94 -10.01 1.76
CA PHE A 16 -2.83 -8.72 1.06
C PHE A 16 -4.08 -7.85 1.29
N GLU A 17 -3.96 -6.94 2.26
CA GLU A 17 -5.03 -5.98 2.61
C GLU A 17 -4.42 -4.83 3.45
N CYS A 18 -5.19 -3.74 3.63
CA CYS A 18 -4.71 -2.56 4.37
C CYS A 18 -4.52 -2.86 5.86
N ILE A 19 -3.51 -2.19 6.43
CA ILE A 19 -3.08 -2.31 7.85
C ILE A 19 -4.22 -2.09 8.87
N CYS A 20 -5.27 -1.32 8.51
CA CYS A 20 -6.37 -0.96 9.45
C CYS A 20 -7.49 -2.02 9.48
N GLY A 21 -7.68 -2.75 8.36
CA GLY A 21 -8.82 -3.68 8.23
C GLY A 21 -10.15 -2.93 8.06
N GLU A 22 -10.31 -2.32 6.88
CA GLU A 22 -11.45 -1.43 6.53
C GLU A 22 -11.63 -1.49 4.98
N LEU A 23 -12.85 -1.17 4.48
CA LEU A 23 -13.19 -1.22 3.03
C LEU A 23 -12.24 -0.36 2.17
N ASP A 24 -11.40 -1.05 1.38
CA ASP A 24 -10.44 -0.40 0.47
C ASP A 24 -11.12 -0.12 -0.89
N GLN A 25 -12.03 0.85 -0.85
CA GLN A 25 -12.75 1.34 -2.04
C GLN A 25 -12.72 2.88 -2.07
N ILE A 26 -12.38 3.42 -3.24
CA ILE A 26 -12.11 4.88 -3.42
C ILE A 26 -13.42 5.69 -3.28
N ASP A 27 -14.54 5.02 -3.60
CA ASP A 27 -15.91 5.57 -3.49
C ASP A 27 -16.22 6.05 -2.07
N ARG A 28 -15.61 5.37 -1.07
CA ARG A 28 -15.73 5.75 0.35
C ARG A 28 -14.43 6.45 0.81
N LYS A 29 -13.32 5.69 0.82
CA LYS A 29 -11.98 6.19 1.21
C LYS A 29 -10.95 5.90 0.12
N PRO A 30 -10.22 6.94 -0.43
CA PRO A 30 -9.13 6.74 -1.41
C PRO A 30 -8.12 5.65 -0.97
N ARG A 31 -7.82 4.73 -1.89
CA ARG A 31 -6.99 3.54 -1.61
C ARG A 31 -5.91 3.37 -2.68
N VAL A 32 -4.70 2.98 -2.26
CA VAL A 32 -3.58 2.67 -3.17
C VAL A 32 -3.46 1.16 -3.36
N GLN A 33 -2.92 0.77 -4.50
CA GLN A 33 -2.49 -0.61 -4.75
C GLN A 33 -0.96 -0.67 -4.59
N CYS A 34 -0.38 -1.87 -4.62
CA CYS A 34 1.08 -2.03 -4.72
C CYS A 34 1.40 -3.20 -5.63
N LEU A 35 1.61 -2.88 -6.92
CA LEU A 35 1.96 -3.84 -7.97
C LEU A 35 3.19 -4.70 -7.60
N LYS A 36 4.16 -4.05 -6.92
CA LYS A 36 5.45 -4.64 -6.54
C LYS A 36 5.32 -5.96 -5.77
N CYS A 37 4.41 -6.01 -4.76
CA CYS A 37 4.24 -7.20 -3.89
C CYS A 37 2.76 -7.62 -3.81
N HIS A 38 1.92 -7.03 -4.70
CA HIS A 38 0.46 -7.30 -4.80
C HIS A 38 -0.28 -7.02 -3.47
N LEU A 39 0.16 -5.96 -2.76
CA LEU A 39 -0.37 -5.57 -1.42
C LEU A 39 -1.30 -4.36 -1.63
N TRP A 40 -2.52 -4.43 -1.09
CA TRP A 40 -3.51 -3.35 -1.22
C TRP A 40 -3.59 -2.55 0.10
N GLN A 41 -3.69 -1.21 0.02
CA GLN A 41 -3.78 -0.35 1.21
C GLN A 41 -4.64 0.91 0.92
N HIS A 42 -4.97 1.68 1.98
CA HIS A 42 -5.61 3.00 1.81
C HIS A 42 -4.53 4.07 1.58
N ALA A 43 -4.87 5.07 0.76
CA ALA A 43 -4.05 6.24 0.50
C ALA A 43 -3.95 7.11 1.78
N LYS A 44 -5.11 7.29 2.45
CA LYS A 44 -5.20 8.11 3.68
C LYS A 44 -4.82 7.31 4.95
N CYS A 45 -4.25 6.11 4.78
CA CYS A 45 -3.61 5.34 5.89
C CYS A 45 -2.07 5.39 5.76
N VAL A 46 -1.56 5.93 4.62
CA VAL A 46 -0.10 5.90 4.29
C VAL A 46 0.44 7.30 3.92
N ASN A 47 -0.44 8.33 4.05
CA ASN A 47 -0.20 9.70 3.52
C ASN A 47 -0.04 9.67 1.98
N TYR A 48 -1.20 9.69 1.30
CA TYR A 48 -1.31 9.69 -0.17
C TYR A 48 -2.77 10.04 -0.50
N ASP A 49 -3.09 10.23 -1.79
CA ASP A 49 -4.46 10.57 -2.23
C ASP A 49 -4.77 10.00 -3.61
N GLU A 50 -6.06 10.01 -3.98
CA GLU A 50 -6.53 9.46 -5.25
C GLU A 50 -6.19 10.41 -6.43
N LYS A 51 -5.99 11.70 -6.12
CA LYS A 51 -5.76 12.76 -7.13
C LYS A 51 -4.52 12.43 -7.98
N ASN A 52 -3.39 12.18 -7.31
CA ASN A 52 -2.13 11.79 -7.98
C ASN A 52 -2.03 10.27 -8.18
N LEU A 53 -3.02 9.50 -7.68
CA LEU A 53 -3.10 8.04 -7.89
C LEU A 53 -3.40 7.72 -9.37
N LYS A 54 -4.26 8.56 -10.00
CA LYS A 54 -4.59 8.46 -11.44
C LYS A 54 -3.37 8.76 -12.36
N ILE A 55 -2.31 9.39 -11.79
CA ILE A 55 -1.11 9.79 -12.56
C ILE A 55 0.09 8.90 -12.16
N LYS A 56 0.54 9.15 -10.94
CA LYS A 56 1.75 8.60 -10.32
C LYS A 56 1.58 7.14 -9.84
N PRO A 57 2.69 6.34 -9.83
CA PRO A 57 2.72 4.95 -9.27
C PRO A 57 2.33 4.88 -7.78
N PHE A 58 2.00 3.67 -7.33
CA PHE A 58 1.43 3.39 -6.00
C PHE A 58 2.14 2.18 -5.38
N TYR A 59 2.77 2.38 -4.22
CA TYR A 59 3.48 1.32 -3.48
C TYR A 59 3.13 1.42 -1.99
N CYS A 60 2.93 0.26 -1.35
CA CYS A 60 2.66 0.15 0.08
C CYS A 60 3.91 0.61 0.90
N PRO A 61 3.71 1.25 2.11
CA PRO A 61 4.81 1.84 2.92
C PRO A 61 5.89 0.82 3.33
N HIS A 62 5.51 -0.47 3.42
CA HIS A 62 6.46 -1.55 3.74
C HIS A 62 7.55 -1.66 2.67
N CYS A 63 7.16 -1.57 1.38
CA CYS A 63 8.11 -1.56 0.24
C CYS A 63 9.02 -0.33 0.29
N LEU A 64 8.41 0.84 0.53
CA LEU A 64 9.11 2.14 0.52
C LEU A 64 10.26 2.16 1.55
N VAL A 65 9.92 1.77 2.80
CA VAL A 65 10.87 1.69 3.92
C VAL A 65 11.87 0.52 3.75
N ALA A 66 11.41 -0.58 3.11
CA ALA A 66 12.28 -1.75 2.82
C ALA A 66 13.35 -1.42 1.77
N MET A 67 13.05 -0.47 0.86
CA MET A 67 13.99 -0.04 -0.18
C MET A 67 14.88 1.10 0.37
N GLU A 68 14.34 2.35 0.41
CA GLU A 68 15.07 3.59 0.85
C GLU A 68 16.41 3.83 0.07
N PRO A 69 16.94 5.11 0.05
CA PRO A 69 18.32 5.38 -0.40
C PRO A 69 19.36 4.80 0.59
N VAL A 70 20.42 4.15 0.07
CA VAL A 70 21.47 3.53 0.92
C VAL A 70 22.33 4.62 1.60
N SER A 71 22.67 4.39 2.88
CA SER A 71 23.45 5.33 3.69
C SER A 71 24.90 5.39 3.17
N THR A 72 25.30 6.56 2.65
CA THR A 72 26.61 6.77 2.03
C THR A 72 27.57 7.41 3.04
N ARG A 73 28.87 7.04 2.95
CA ARG A 73 29.90 7.50 3.89
C ARG A 73 30.47 8.86 3.39
ZN ZN B . -6.72 1.55 5.77
ZN ZN C . 4.43 -3.48 -1.47
N PHE A 9 -1.80 -25.70 3.23
CA PHE A 9 -1.60 -24.57 2.30
C PHE A 9 -0.73 -25.04 1.13
N ASN A 10 0.51 -25.48 1.46
CA ASN A 10 1.50 -26.03 0.48
C ASN A 10 1.90 -24.97 -0.59
N THR A 11 1.79 -23.68 -0.19
CA THR A 11 2.09 -22.51 -1.04
C THR A 11 2.03 -21.23 -0.18
N SER A 12 2.45 -20.09 -0.77
CA SER A 12 2.42 -18.78 -0.09
C SER A 12 1.18 -17.98 -0.54
N ASP A 13 0.38 -17.48 0.43
CA ASP A 13 -0.85 -16.74 0.15
C ASP A 13 -0.62 -15.21 0.35
N TYR A 14 -0.96 -14.41 -0.67
CA TYR A 14 -0.78 -12.95 -0.65
C TYR A 14 -1.96 -12.27 0.07
N ARG A 15 -1.68 -11.75 1.27
CA ARG A 15 -2.65 -11.02 2.11
C ARG A 15 -2.78 -9.55 1.64
N PHE A 16 -3.33 -9.35 0.42
CA PHE A 16 -3.50 -8.01 -0.16
C PHE A 16 -4.75 -7.30 0.39
N GLU A 17 -4.58 -6.68 1.57
CA GLU A 17 -5.61 -5.91 2.28
C GLU A 17 -4.92 -4.82 3.13
N CYS A 18 -5.65 -3.74 3.43
CA CYS A 18 -5.11 -2.59 4.17
C CYS A 18 -4.89 -2.91 5.67
N ILE A 19 -3.73 -2.43 6.20
CA ILE A 19 -3.25 -2.68 7.60
C ILE A 19 -4.32 -2.42 8.70
N CYS A 20 -5.17 -1.40 8.48
CA CYS A 20 -6.13 -0.92 9.50
C CYS A 20 -7.35 -1.88 9.66
N GLY A 21 -7.76 -2.50 8.54
CA GLY A 21 -8.94 -3.39 8.54
C GLY A 21 -10.28 -2.63 8.54
N GLU A 22 -10.25 -1.33 8.15
CA GLU A 22 -11.48 -0.51 7.97
C GLU A 22 -12.26 -1.03 6.75
N LEU A 23 -11.66 -0.80 5.57
CA LEU A 23 -12.19 -1.13 4.23
C LEU A 23 -10.99 -1.32 3.28
N ASP A 24 -11.28 -1.49 1.98
CA ASP A 24 -10.30 -1.26 0.91
C ASP A 24 -11.07 -0.96 -0.40
N GLN A 25 -11.51 0.30 -0.52
CA GLN A 25 -12.30 0.82 -1.66
C GLN A 25 -11.82 2.25 -2.00
N ILE A 26 -12.24 2.79 -3.16
CA ILE A 26 -11.90 4.18 -3.57
C ILE A 26 -13.14 5.11 -3.44
N ASP A 27 -14.35 4.49 -3.40
CA ASP A 27 -15.65 5.21 -3.36
C ASP A 27 -15.74 6.23 -2.20
N ARG A 28 -15.79 5.73 -0.95
CA ARG A 28 -15.96 6.57 0.24
C ARG A 28 -14.60 7.17 0.63
N LYS A 29 -13.66 6.31 1.03
CA LYS A 29 -12.25 6.67 1.25
C LYS A 29 -11.43 6.16 0.06
N PRO A 30 -10.32 6.81 -0.36
CA PRO A 30 -9.46 6.29 -1.46
C PRO A 30 -8.54 5.13 -1.01
N ARG A 31 -8.16 4.26 -1.97
CA ARG A 31 -7.15 3.21 -1.73
C ARG A 31 -6.14 3.12 -2.89
N VAL A 32 -4.85 3.05 -2.53
CA VAL A 32 -3.74 2.92 -3.47
C VAL A 32 -3.15 1.50 -3.41
N GLN A 33 -2.83 0.94 -4.57
CA GLN A 33 -2.33 -0.43 -4.69
C GLN A 33 -0.80 -0.45 -4.49
N CYS A 34 -0.22 -1.63 -4.67
CA CYS A 34 1.24 -1.81 -4.75
C CYS A 34 1.52 -3.02 -5.63
N LEU A 35 1.70 -2.76 -6.93
CA LEU A 35 2.00 -3.78 -7.95
C LEU A 35 3.32 -4.53 -7.64
N LYS A 36 4.22 -3.86 -6.90
CA LYS A 36 5.57 -4.37 -6.56
C LYS A 36 5.52 -5.67 -5.70
N CYS A 37 4.54 -5.75 -4.76
CA CYS A 37 4.43 -6.93 -3.85
C CYS A 37 3.01 -7.52 -3.84
N HIS A 38 2.12 -7.02 -4.74
CA HIS A 38 0.69 -7.40 -4.80
C HIS A 38 0.02 -7.16 -3.43
N LEU A 39 -0.24 -5.88 -3.14
CA LEU A 39 -0.76 -5.42 -1.83
C LEU A 39 -1.61 -4.17 -2.05
N TRP A 40 -2.90 -4.24 -1.74
CA TRP A 40 -3.84 -3.12 -1.90
C TRP A 40 -4.04 -2.49 -0.52
N GLN A 41 -3.95 -1.15 -0.44
CA GLN A 41 -3.96 -0.40 0.83
C GLN A 41 -4.75 0.91 0.65
N HIS A 42 -5.21 1.55 1.75
CA HIS A 42 -5.82 2.89 1.68
C HIS A 42 -4.76 3.95 1.36
N ALA A 43 -5.18 5.00 0.64
CA ALA A 43 -4.33 6.15 0.36
C ALA A 43 -3.98 6.90 1.66
N LYS A 44 -5.02 7.21 2.46
CA LYS A 44 -4.89 8.02 3.68
C LYS A 44 -4.14 7.28 4.82
N CYS A 45 -4.10 5.94 4.76
CA CYS A 45 -3.35 5.10 5.73
C CYS A 45 -1.83 5.12 5.43
N VAL A 46 -1.47 5.52 4.19
CA VAL A 46 -0.05 5.58 3.74
C VAL A 46 0.36 7.03 3.42
N ASN A 47 -0.55 8.00 3.71
CA ASN A 47 -0.32 9.46 3.53
C ASN A 47 -0.23 9.85 2.03
N TYR A 48 -0.85 9.03 1.17
CA TYR A 48 -0.98 9.24 -0.29
C TYR A 48 -2.44 9.68 -0.57
N ASP A 49 -2.83 9.81 -1.85
CA ASP A 49 -4.20 10.26 -2.23
C ASP A 49 -4.61 9.73 -3.61
N GLU A 50 -5.91 9.90 -3.94
CA GLU A 50 -6.47 9.45 -5.23
C GLU A 50 -6.18 10.43 -6.40
N LYS A 51 -6.00 11.73 -6.08
CA LYS A 51 -5.84 12.79 -7.11
C LYS A 51 -4.59 12.53 -7.98
N ASN A 52 -3.48 12.15 -7.32
CA ASN A 52 -2.23 11.78 -8.02
C ASN A 52 -2.15 10.26 -8.28
N LEU A 53 -3.18 9.50 -7.85
CA LEU A 53 -3.28 8.05 -8.10
C LEU A 53 -3.63 7.77 -9.58
N LYS A 54 -4.35 8.71 -10.21
CA LYS A 54 -4.59 8.69 -11.69
C LYS A 54 -3.28 8.88 -12.49
N ILE A 55 -2.25 9.50 -11.87
CA ILE A 55 -0.99 9.87 -12.56
C ILE A 55 0.14 8.91 -12.13
N LYS A 56 0.59 9.15 -10.88
CA LYS A 56 1.79 8.60 -10.27
C LYS A 56 1.65 7.12 -9.86
N PRO A 57 2.77 6.34 -9.93
CA PRO A 57 2.85 4.94 -9.41
C PRO A 57 2.43 4.80 -7.91
N PHE A 58 1.64 3.76 -7.64
CA PHE A 58 1.08 3.47 -6.30
C PHE A 58 1.91 2.39 -5.59
N TYR A 59 2.43 2.70 -4.38
CA TYR A 59 3.23 1.74 -3.57
C TYR A 59 2.89 1.83 -2.07
N CYS A 60 2.87 0.64 -1.41
CA CYS A 60 2.60 0.49 0.04
C CYS A 60 3.83 0.91 0.88
N PRO A 61 3.65 1.27 2.21
CA PRO A 61 4.73 1.87 3.04
C PRO A 61 5.85 0.86 3.38
N HIS A 62 5.49 -0.43 3.44
CA HIS A 62 6.43 -1.52 3.78
C HIS A 62 7.57 -1.62 2.74
N CYS A 63 7.25 -1.43 1.45
CA CYS A 63 8.25 -1.42 0.37
C CYS A 63 9.19 -0.20 0.48
N LEU A 64 8.61 0.97 0.85
CA LEU A 64 9.36 2.23 1.03
C LEU A 64 10.41 2.09 2.15
N VAL A 65 9.98 1.52 3.29
CA VAL A 65 10.82 1.31 4.48
C VAL A 65 11.90 0.23 4.22
N ALA A 66 11.51 -0.82 3.46
CA ALA A 66 12.41 -1.94 3.11
C ALA A 66 13.60 -1.46 2.25
N MET A 67 13.34 -0.51 1.33
CA MET A 67 14.35 -0.03 0.38
C MET A 67 15.05 1.24 0.93
N GLU A 68 14.36 2.41 0.88
CA GLU A 68 14.90 3.75 1.28
C GLU A 68 16.17 4.16 0.48
N PRO A 69 16.50 5.49 0.41
CA PRO A 69 17.83 5.97 -0.07
C PRO A 69 18.98 5.41 0.79
N VAL A 70 20.04 4.92 0.14
CA VAL A 70 21.14 4.18 0.78
C VAL A 70 22.33 5.12 1.10
N SER A 71 23.35 4.59 1.80
CA SER A 71 24.56 5.35 2.19
C SER A 71 25.31 5.88 0.94
N THR A 72 25.06 7.16 0.60
CA THR A 72 25.64 7.84 -0.58
C THR A 72 25.98 9.31 -0.21
N ARG A 73 27.08 9.83 -0.82
CA ARG A 73 27.64 11.17 -0.57
C ARG A 73 28.23 11.27 0.86
ZN ZN B . -6.69 1.56 5.79
ZN ZN C . 4.49 -3.16 -1.43
N PHE A 9 3.30 -21.30 12.42
CA PHE A 9 2.73 -20.42 11.39
C PHE A 9 2.30 -21.27 10.17
N ASN A 10 1.03 -21.71 10.19
CA ASN A 10 0.40 -22.47 9.09
C ASN A 10 -0.07 -21.50 7.99
N THR A 11 -0.24 -22.03 6.77
CA THR A 11 -0.70 -21.31 5.57
C THR A 11 0.21 -20.10 5.21
N SER A 12 1.21 -20.35 4.34
CA SER A 12 2.17 -19.33 3.87
C SER A 12 1.63 -18.59 2.62
N ASP A 13 0.30 -18.43 2.58
CA ASP A 13 -0.43 -17.79 1.47
C ASP A 13 -0.45 -16.26 1.66
N TYR A 14 -0.48 -15.52 0.55
CA TYR A 14 -0.45 -14.04 0.55
C TYR A 14 -1.87 -13.46 0.78
N ARG A 15 -2.18 -13.16 2.05
CA ARG A 15 -3.42 -12.46 2.44
C ARG A 15 -3.15 -10.94 2.42
N PHE A 16 -3.60 -10.28 1.34
CA PHE A 16 -3.37 -8.85 1.10
C PHE A 16 -4.63 -8.01 1.40
N GLU A 17 -4.45 -7.03 2.30
CA GLU A 17 -5.46 -6.04 2.69
C GLU A 17 -4.72 -4.90 3.42
N CYS A 18 -5.40 -3.76 3.64
CA CYS A 18 -4.77 -2.59 4.30
C CYS A 18 -4.31 -2.91 5.73
N ILE A 19 -3.28 -2.16 6.19
CA ILE A 19 -2.77 -2.26 7.57
C ILE A 19 -3.87 -2.02 8.63
N CYS A 20 -4.87 -1.14 8.33
CA CYS A 20 -6.10 -1.02 9.17
C CYS A 20 -7.17 -2.01 8.67
N GLY A 21 -7.46 -1.93 7.35
CA GLY A 21 -8.43 -2.81 6.69
C GLY A 21 -9.88 -2.44 6.98
N GLU A 22 -10.34 -1.29 6.45
CA GLU A 22 -11.75 -0.85 6.59
C GLU A 22 -12.53 -1.25 5.33
N LEU A 23 -12.36 -0.46 4.24
CA LEU A 23 -12.83 -0.77 2.87
C LEU A 23 -11.86 -0.14 1.86
N ASP A 24 -11.07 -0.96 1.18
CA ASP A 24 -10.06 -0.49 0.20
C ASP A 24 -10.72 -0.35 -1.19
N GLN A 25 -11.69 0.59 -1.24
CA GLN A 25 -12.47 0.93 -2.43
C GLN A 25 -12.67 2.46 -2.47
N ILE A 26 -12.59 3.06 -3.67
CA ILE A 26 -12.80 4.54 -3.85
C ILE A 26 -14.27 4.89 -3.52
N ASP A 27 -15.14 3.86 -3.64
CA ASP A 27 -16.56 3.87 -3.23
C ASP A 27 -16.72 4.44 -1.80
N ARG A 28 -15.75 4.12 -0.92
CA ARG A 28 -15.69 4.63 0.46
C ARG A 28 -14.55 5.67 0.60
N LYS A 29 -13.28 5.21 0.52
CA LYS A 29 -12.08 6.04 0.78
C LYS A 29 -11.01 5.86 -0.33
N PRO A 30 -10.14 6.91 -0.61
CA PRO A 30 -8.96 6.76 -1.50
C PRO A 30 -8.04 5.59 -1.09
N ARG A 31 -7.55 4.82 -2.07
CA ARG A 31 -6.87 3.53 -1.82
C ARG A 31 -5.75 3.27 -2.85
N VAL A 32 -4.59 2.81 -2.34
CA VAL A 32 -3.39 2.51 -3.13
C VAL A 32 -3.14 0.99 -3.19
N GLN A 33 -3.23 0.45 -4.40
CA GLN A 33 -3.01 -0.97 -4.67
C GLN A 33 -1.54 -1.17 -5.07
N CYS A 34 -0.71 -1.56 -4.09
CA CYS A 34 0.75 -1.62 -4.24
C CYS A 34 1.14 -2.81 -5.11
N LEU A 35 1.15 -2.54 -6.44
CA LEU A 35 1.39 -3.53 -7.51
C LEU A 35 2.72 -4.31 -7.34
N LYS A 36 3.67 -3.68 -6.63
CA LYS A 36 5.02 -4.23 -6.38
C LYS A 36 4.97 -5.52 -5.53
N CYS A 37 4.09 -5.56 -4.51
CA CYS A 37 3.94 -6.74 -3.63
C CYS A 37 2.47 -7.21 -3.57
N HIS A 38 1.64 -6.64 -4.48
CA HIS A 38 0.18 -6.94 -4.61
C HIS A 38 -0.57 -6.71 -3.27
N LEU A 39 -0.12 -5.72 -2.48
CA LEU A 39 -0.64 -5.46 -1.13
C LEU A 39 -1.53 -4.22 -1.21
N TRP A 40 -2.82 -4.40 -0.90
CA TRP A 40 -3.81 -3.32 -1.01
C TRP A 40 -3.76 -2.47 0.26
N GLN A 41 -3.87 -1.15 0.11
CA GLN A 41 -3.88 -0.23 1.24
C GLN A 41 -4.76 0.99 0.91
N HIS A 42 -5.02 1.83 1.92
CA HIS A 42 -5.64 3.16 1.73
C HIS A 42 -4.55 4.19 1.42
N ALA A 43 -4.88 5.15 0.55
CA ALA A 43 -4.00 6.27 0.21
C ALA A 43 -3.69 7.13 1.46
N LYS A 44 -4.74 7.39 2.26
CA LYS A 44 -4.64 8.18 3.50
C LYS A 44 -4.03 7.35 4.66
N CYS A 45 -3.69 6.08 4.40
CA CYS A 45 -2.99 5.21 5.38
C CYS A 45 -1.49 5.09 5.04
N VAL A 46 -1.06 5.66 3.88
CA VAL A 46 0.34 5.64 3.42
C VAL A 46 0.87 7.08 3.18
N ASN A 47 0.05 8.08 3.56
CA ASN A 47 0.27 9.52 3.26
C ASN A 47 0.29 9.76 1.72
N TYR A 48 -0.91 9.80 1.14
CA TYR A 48 -1.14 9.85 -0.32
C TYR A 48 -2.65 10.14 -0.54
N ASP A 49 -3.06 10.37 -1.78
CA ASP A 49 -4.45 10.78 -2.10
C ASP A 49 -4.88 10.25 -3.48
N GLU A 50 -6.19 10.42 -3.80
CA GLU A 50 -6.79 9.88 -5.04
C GLU A 50 -6.38 10.70 -6.29
N LYS A 51 -5.96 11.97 -6.07
CA LYS A 51 -5.59 12.88 -7.17
C LYS A 51 -4.36 12.32 -7.91
N ASN A 52 -3.23 12.20 -7.17
CA ASN A 52 -1.97 11.66 -7.73
C ASN A 52 -2.02 10.12 -7.90
N LEU A 53 -3.04 9.48 -7.31
CA LEU A 53 -3.36 8.05 -7.55
C LEU A 53 -3.71 7.83 -9.04
N LYS A 54 -4.53 8.75 -9.58
CA LYS A 54 -5.08 8.67 -10.94
C LYS A 54 -4.04 9.06 -12.04
N ILE A 55 -2.77 9.35 -11.65
CA ILE A 55 -1.68 9.69 -12.62
C ILE A 55 -0.36 8.96 -12.27
N LYS A 56 0.14 9.17 -11.04
CA LYS A 56 1.44 8.63 -10.57
C LYS A 56 1.31 7.20 -9.99
N PRO A 57 2.42 6.38 -10.05
CA PRO A 57 2.54 5.09 -9.28
C PRO A 57 2.42 5.28 -7.74
N PHE A 58 2.10 4.17 -7.05
CA PHE A 58 1.71 4.17 -5.63
C PHE A 58 2.12 2.85 -4.94
N TYR A 59 2.79 2.95 -3.77
CA TYR A 59 3.36 1.78 -3.04
C TYR A 59 3.10 1.90 -1.52
N CYS A 60 3.06 0.74 -0.84
CA CYS A 60 2.84 0.63 0.62
C CYS A 60 4.15 0.93 1.41
N PRO A 61 4.07 1.48 2.68
CA PRO A 61 5.27 1.94 3.46
C PRO A 61 6.29 0.82 3.77
N HIS A 62 5.82 -0.45 3.87
CA HIS A 62 6.74 -1.60 4.13
C HIS A 62 7.74 -1.77 2.97
N CYS A 63 7.27 -1.53 1.73
CA CYS A 63 8.15 -1.53 0.53
C CYS A 63 9.19 -0.40 0.62
N LEU A 64 8.75 0.79 1.06
CA LEU A 64 9.60 1.99 1.15
C LEU A 64 10.77 1.76 2.12
N VAL A 65 10.46 1.14 3.28
CA VAL A 65 11.46 0.78 4.29
C VAL A 65 12.38 -0.35 3.77
N ALA A 66 11.80 -1.30 3.02
CA ALA A 66 12.55 -2.46 2.46
C ALA A 66 13.46 -2.05 1.28
N MET A 67 13.26 -0.82 0.75
CA MET A 67 14.13 -0.24 -0.31
C MET A 67 15.31 0.54 0.31
N GLU A 68 15.25 0.82 1.62
CA GLU A 68 16.32 1.50 2.35
C GLU A 68 17.49 0.52 2.63
N PRO A 69 18.76 1.03 2.69
CA PRO A 69 19.97 0.20 2.93
C PRO A 69 19.94 -0.51 4.31
N VAL A 70 20.58 -1.69 4.38
CA VAL A 70 20.74 -2.56 5.59
C VAL A 70 19.41 -2.81 6.36
N SER A 71 18.28 -2.68 5.66
CA SER A 71 16.94 -2.91 6.23
C SER A 71 16.60 -4.41 6.09
N THR A 72 17.35 -5.23 6.85
CA THR A 72 17.26 -6.69 6.83
C THR A 72 17.94 -7.24 8.10
N ARG A 73 18.04 -8.58 8.21
CA ARG A 73 18.67 -9.29 9.34
C ARG A 73 17.93 -8.97 10.68
ZN ZN B . -6.44 1.71 5.83
ZN ZN C . 4.20 -3.03 -1.12
N PHE A 9 0.09 -21.77 8.51
CA PHE A 9 1.50 -21.67 8.08
C PHE A 9 1.60 -21.99 6.58
N ASN A 10 1.06 -23.16 6.20
CA ASN A 10 1.01 -23.60 4.79
C ASN A 10 -0.07 -22.81 4.02
N THR A 11 0.37 -21.79 3.26
CA THR A 11 -0.50 -21.00 2.37
C THR A 11 0.34 -20.15 1.41
N SER A 12 -0.11 -20.05 0.15
CA SER A 12 0.46 -19.14 -0.85
C SER A 12 -0.12 -17.73 -0.66
N ASP A 13 -1.36 -17.68 -0.17
CA ASP A 13 -2.13 -16.43 0.00
C ASP A 13 -1.67 -15.67 1.24
N TYR A 14 -1.27 -14.42 1.01
CA TYR A 14 -0.80 -13.50 2.06
C TYR A 14 -1.98 -12.63 2.53
N ARG A 15 -1.77 -11.82 3.58
CA ARG A 15 -2.82 -10.94 4.12
C ARG A 15 -2.71 -9.58 3.43
N PHE A 16 -2.99 -9.61 2.11
CA PHE A 16 -3.06 -8.41 1.27
C PHE A 16 -4.36 -7.66 1.57
N GLU A 17 -4.30 -6.82 2.59
CA GLU A 17 -5.40 -5.98 3.04
C GLU A 17 -4.77 -4.77 3.74
N CYS A 18 -5.50 -3.65 3.73
CA CYS A 18 -5.05 -2.40 4.33
C CYS A 18 -4.80 -2.54 5.85
N ILE A 19 -3.72 -1.89 6.33
CA ILE A 19 -3.22 -2.03 7.72
C ILE A 19 -4.23 -1.54 8.81
N CYS A 20 -5.25 -0.74 8.43
CA CYS A 20 -6.29 -0.27 9.39
C CYS A 20 -7.39 -1.33 9.59
N GLY A 21 -7.48 -2.29 8.64
CA GLY A 21 -8.46 -3.39 8.70
C GLY A 21 -9.89 -2.98 8.35
N GLU A 22 -10.05 -1.82 7.67
CA GLU A 22 -11.37 -1.26 7.33
C GLU A 22 -11.87 -1.80 5.96
N LEU A 23 -11.27 -1.27 4.88
CA LEU A 23 -11.72 -1.48 3.48
C LEU A 23 -10.52 -1.44 2.53
N ASP A 24 -10.80 -1.66 1.25
CA ASP A 24 -9.91 -1.33 0.14
C ASP A 24 -10.79 -1.02 -1.08
N GLN A 25 -11.07 0.26 -1.27
CA GLN A 25 -11.88 0.80 -2.38
C GLN A 25 -11.53 2.28 -2.60
N ILE A 26 -12.23 2.96 -3.52
CA ILE A 26 -12.05 4.41 -3.75
C ILE A 26 -13.32 5.18 -3.30
N ASP A 27 -14.47 4.49 -3.38
CA ASP A 27 -15.83 5.11 -3.30
C ASP A 27 -16.03 5.98 -2.04
N ARG A 28 -15.82 5.39 -0.85
CA ARG A 28 -15.92 6.11 0.43
C ARG A 28 -14.57 6.76 0.77
N LYS A 29 -13.55 5.91 1.00
CA LYS A 29 -12.17 6.35 1.24
C LYS A 29 -11.27 5.84 0.12
N PRO A 30 -10.35 6.68 -0.43
CA PRO A 30 -9.48 6.28 -1.57
C PRO A 30 -8.51 5.14 -1.23
N ARG A 31 -8.12 4.35 -2.26
CA ARG A 31 -7.14 3.27 -2.13
C ARG A 31 -5.82 3.65 -2.80
N VAL A 32 -4.74 2.97 -2.38
CA VAL A 32 -3.51 2.78 -3.17
C VAL A 32 -3.22 1.30 -3.18
N GLN A 33 -2.87 0.79 -4.35
CA GLN A 33 -2.47 -0.60 -4.52
C GLN A 33 -0.94 -0.67 -4.47
N CYS A 34 -0.38 -1.88 -4.61
CA CYS A 34 1.08 -2.07 -4.66
C CYS A 34 1.42 -3.29 -5.51
N LEU A 35 1.55 -3.03 -6.82
CA LEU A 35 1.84 -4.03 -7.86
C LEU A 35 3.11 -4.85 -7.56
N LYS A 36 4.09 -4.20 -6.90
CA LYS A 36 5.42 -4.77 -6.66
C LYS A 36 5.42 -5.95 -5.65
N CYS A 37 4.39 -6.04 -4.78
CA CYS A 37 4.23 -7.19 -3.84
C CYS A 37 2.77 -7.69 -3.78
N HIS A 38 1.92 -7.19 -4.74
CA HIS A 38 0.46 -7.51 -4.82
C HIS A 38 -0.23 -7.25 -3.46
N LEU A 39 -0.23 -5.97 -3.04
CA LEU A 39 -0.71 -5.53 -1.71
C LEU A 39 -1.77 -4.44 -1.91
N TRP A 40 -2.95 -4.61 -1.28
CA TRP A 40 -4.09 -3.68 -1.42
C TRP A 40 -4.17 -2.82 -0.14
N GLN A 41 -4.27 -1.47 -0.29
CA GLN A 41 -4.20 -0.52 0.86
C GLN A 41 -5.05 0.76 0.58
N HIS A 42 -5.23 1.66 1.60
CA HIS A 42 -5.86 3.00 1.40
C HIS A 42 -4.80 4.06 1.13
N ALA A 43 -5.19 5.11 0.39
CA ALA A 43 -4.31 6.25 0.06
C ALA A 43 -3.91 7.05 1.32
N LYS A 44 -4.92 7.46 2.10
CA LYS A 44 -4.71 8.26 3.34
C LYS A 44 -3.94 7.46 4.41
N CYS A 45 -4.03 6.12 4.33
CA CYS A 45 -3.38 5.21 5.29
C CYS A 45 -1.86 5.08 5.05
N VAL A 46 -1.37 5.58 3.89
CA VAL A 46 0.07 5.56 3.53
C VAL A 46 0.64 6.99 3.42
N ASN A 47 -0.22 8.00 3.72
CA ASN A 47 0.02 9.43 3.44
C ASN A 47 0.08 9.65 1.91
N TYR A 48 -1.11 9.74 1.28
CA TYR A 48 -1.27 9.88 -0.20
C TYR A 48 -2.76 10.17 -0.50
N ASP A 49 -3.11 10.45 -1.77
CA ASP A 49 -4.51 10.77 -2.18
C ASP A 49 -4.83 10.18 -3.57
N GLU A 50 -6.12 10.26 -3.97
CA GLU A 50 -6.61 9.65 -5.22
C GLU A 50 -6.40 10.55 -6.45
N LYS A 51 -6.21 11.86 -6.23
CA LYS A 51 -6.01 12.83 -7.32
C LYS A 51 -4.65 12.58 -8.01
N ASN A 52 -3.57 12.47 -7.20
CA ASN A 52 -2.22 12.12 -7.73
C ASN A 52 -2.08 10.60 -7.95
N LEU A 53 -3.11 9.83 -7.56
CA LEU A 53 -3.20 8.37 -7.86
C LEU A 53 -3.43 8.16 -9.37
N LYS A 54 -4.23 9.07 -9.98
CA LYS A 54 -4.45 9.09 -11.46
C LYS A 54 -3.13 9.31 -12.24
N ILE A 55 -2.17 10.03 -11.64
CA ILE A 55 -0.92 10.44 -12.32
C ILE A 55 0.22 9.45 -11.97
N LYS A 56 0.54 9.46 -10.68
CA LYS A 56 1.74 8.88 -10.08
C LYS A 56 1.58 7.39 -9.68
N PRO A 57 2.73 6.64 -9.54
CA PRO A 57 2.73 5.26 -8.97
C PRO A 57 2.22 5.18 -7.52
N PHE A 58 1.82 3.96 -7.14
CA PHE A 58 1.23 3.66 -5.83
C PHE A 58 1.92 2.40 -5.26
N TYR A 59 2.51 2.54 -4.06
CA TYR A 59 3.19 1.44 -3.35
C TYR A 59 2.78 1.47 -1.87
N CYS A 60 2.69 0.27 -1.26
CA CYS A 60 2.44 0.12 0.19
C CYS A 60 3.68 0.60 0.98
N PRO A 61 3.51 1.18 2.23
CA PRO A 61 4.62 1.79 3.00
C PRO A 61 5.79 0.82 3.23
N HIS A 62 5.43 -0.46 3.45
CA HIS A 62 6.38 -1.54 3.76
C HIS A 62 7.47 -1.70 2.68
N CYS A 63 7.08 -1.51 1.39
CA CYS A 63 8.04 -1.60 0.26
C CYS A 63 9.03 -0.43 0.26
N LEU A 64 8.52 0.78 0.54
CA LEU A 64 9.33 2.01 0.58
C LEU A 64 10.36 1.91 1.73
N VAL A 65 9.88 1.45 2.88
CA VAL A 65 10.66 1.23 4.11
C VAL A 65 11.68 0.08 3.92
N ALA A 66 11.30 -0.93 3.12
CA ALA A 66 12.19 -2.07 2.78
C ALA A 66 13.40 -1.58 1.96
N MET A 67 13.14 -0.67 1.00
CA MET A 67 14.18 -0.07 0.14
C MET A 67 15.05 0.94 0.94
N GLU A 68 14.44 1.58 1.96
CA GLU A 68 15.15 2.52 2.85
C GLU A 68 16.14 1.79 3.79
N PRO A 69 17.29 2.44 4.15
CA PRO A 69 18.25 1.90 5.14
C PRO A 69 17.72 2.01 6.59
N VAL A 70 18.23 1.13 7.48
CA VAL A 70 17.78 1.02 8.89
C VAL A 70 18.78 1.70 9.85
N SER A 71 18.27 2.17 10.99
CA SER A 71 19.06 2.80 12.05
C SER A 71 19.54 1.73 13.06
N THR A 72 20.85 1.62 13.22
CA THR A 72 21.46 0.66 14.15
C THR A 72 21.32 1.17 15.61
N ARG A 73 20.44 0.51 16.38
CA ARG A 73 20.09 0.94 17.75
C ARG A 73 20.94 0.15 18.79
ZN ZN B . -6.88 1.81 5.47
ZN ZN C . 4.32 -3.47 -1.37
N PHE A 9 7.74 -23.07 12.74
CA PHE A 9 6.68 -22.45 11.92
C PHE A 9 6.77 -22.98 10.47
N ASN A 10 5.85 -23.90 10.12
CA ASN A 10 5.71 -24.42 8.75
C ASN A 10 4.43 -23.83 8.13
N THR A 11 4.58 -22.63 7.54
CA THR A 11 3.45 -21.83 7.05
C THR A 11 3.84 -21.04 5.78
N SER A 12 2.86 -20.82 4.88
CA SER A 12 3.02 -20.00 3.68
C SER A 12 1.63 -19.51 3.23
N ASP A 13 1.29 -18.26 3.59
CA ASP A 13 0.00 -17.63 3.25
C ASP A 13 0.15 -16.09 3.26
N TYR A 14 -0.50 -15.42 2.29
CA TYR A 14 -0.36 -13.97 2.05
C TYR A 14 -1.67 -13.25 2.41
N ARG A 15 -1.63 -12.40 3.45
CA ARG A 15 -2.81 -11.67 3.93
C ARG A 15 -2.76 -10.22 3.40
N PHE A 16 -3.28 -10.03 2.17
CA PHE A 16 -3.27 -8.71 1.49
C PHE A 16 -4.58 -7.94 1.77
N GLU A 17 -4.52 -7.09 2.81
CA GLU A 17 -5.52 -6.04 3.08
C GLU A 17 -4.84 -4.99 3.96
N CYS A 18 -5.31 -3.74 3.86
CA CYS A 18 -4.75 -2.55 4.51
C CYS A 18 -4.57 -2.67 6.04
N ILE A 19 -3.53 -1.95 6.55
CA ILE A 19 -3.13 -1.97 7.97
C ILE A 19 -4.29 -1.62 8.95
N CYS A 20 -5.22 -0.73 8.51
CA CYS A 20 -6.38 -0.32 9.36
C CYS A 20 -7.49 -1.38 9.37
N GLY A 21 -7.67 -2.08 8.23
CA GLY A 21 -8.78 -3.02 8.04
C GLY A 21 -10.10 -2.32 7.75
N GLU A 22 -10.28 -1.88 6.49
CA GLU A 22 -11.49 -1.15 6.02
C GLU A 22 -11.93 -1.70 4.64
N LEU A 23 -12.97 -1.06 4.06
CA LEU A 23 -13.43 -1.32 2.69
C LEU A 23 -12.43 -0.74 1.68
N ASP A 24 -11.94 -1.60 0.79
CA ASP A 24 -10.90 -1.27 -0.18
C ASP A 24 -11.53 -0.98 -1.57
N GLN A 25 -12.26 0.15 -1.64
CA GLN A 25 -12.67 0.77 -2.93
C GLN A 25 -12.76 2.32 -2.74
N ILE A 26 -12.34 3.08 -3.78
CA ILE A 26 -12.17 4.57 -3.73
C ILE A 26 -13.52 5.27 -3.48
N ASP A 27 -14.62 4.59 -3.85
CA ASP A 27 -16.01 5.05 -3.64
C ASP A 27 -16.29 5.34 -2.13
N ARG A 28 -15.69 4.52 -1.25
CA ARG A 28 -15.69 4.72 0.22
C ARG A 28 -14.39 5.42 0.65
N LYS A 29 -13.27 4.69 0.56
CA LYS A 29 -11.94 5.19 0.96
C LYS A 29 -10.96 5.07 -0.20
N PRO A 30 -10.21 6.18 -0.58
CA PRO A 30 -9.19 6.11 -1.64
C PRO A 30 -8.11 5.09 -1.27
N ARG A 31 -7.78 4.20 -2.23
CA ARG A 31 -7.02 2.97 -1.95
C ARG A 31 -5.89 2.75 -2.96
N VAL A 32 -4.69 2.52 -2.41
CA VAL A 32 -3.44 2.32 -3.15
C VAL A 32 -3.10 0.81 -3.21
N GLN A 33 -3.34 0.22 -4.38
CA GLN A 33 -2.99 -1.16 -4.68
C GLN A 33 -1.51 -1.23 -5.03
N CYS A 34 -0.69 -1.58 -4.02
CA CYS A 34 0.76 -1.63 -4.15
C CYS A 34 1.14 -2.80 -5.06
N LEU A 35 1.16 -2.50 -6.36
CA LEU A 35 1.30 -3.48 -7.45
C LEU A 35 2.58 -4.34 -7.33
N LYS A 36 3.65 -3.76 -6.77
CA LYS A 36 4.96 -4.41 -6.67
C LYS A 36 4.96 -5.58 -5.64
N CYS A 37 4.03 -5.57 -4.66
CA CYS A 37 3.90 -6.69 -3.67
C CYS A 37 2.44 -7.15 -3.51
N HIS A 38 1.55 -6.73 -4.45
CA HIS A 38 0.10 -7.13 -4.49
C HIS A 38 -0.63 -6.85 -3.16
N LEU A 39 -0.22 -5.77 -2.46
CA LEU A 39 -0.72 -5.45 -1.11
C LEU A 39 -1.72 -4.30 -1.23
N TRP A 40 -2.96 -4.54 -0.77
CA TRP A 40 -4.05 -3.57 -0.87
C TRP A 40 -3.99 -2.64 0.36
N GLN A 41 -3.90 -1.32 0.13
CA GLN A 41 -3.83 -0.32 1.23
C GLN A 41 -4.66 0.92 0.86
N HIS A 42 -4.68 1.94 1.75
CA HIS A 42 -5.39 3.22 1.48
C HIS A 42 -4.40 4.37 1.31
N ALA A 43 -4.79 5.34 0.47
CA ALA A 43 -4.00 6.53 0.18
C ALA A 43 -3.69 7.34 1.47
N LYS A 44 -4.75 7.79 2.16
CA LYS A 44 -4.61 8.58 3.40
C LYS A 44 -3.94 7.76 4.54
N CYS A 45 -4.02 6.42 4.45
CA CYS A 45 -3.37 5.51 5.43
C CYS A 45 -1.85 5.51 5.29
N VAL A 46 -1.35 5.73 4.05
CA VAL A 46 0.11 5.74 3.75
C VAL A 46 0.63 7.18 3.55
N ASN A 47 -0.22 8.18 3.92
CA ASN A 47 0.00 9.62 3.65
C ASN A 47 0.10 9.89 2.14
N TYR A 48 -1.07 10.01 1.50
CA TYR A 48 -1.21 10.08 0.02
C TYR A 48 -2.68 10.48 -0.31
N ASP A 49 -2.99 10.72 -1.59
CA ASP A 49 -4.38 11.05 -2.04
C ASP A 49 -4.69 10.36 -3.37
N GLU A 50 -5.99 10.34 -3.75
CA GLU A 50 -6.45 9.68 -5.00
C GLU A 50 -6.14 10.55 -6.24
N LYS A 51 -5.99 11.88 -6.04
CA LYS A 51 -5.75 12.83 -7.14
C LYS A 51 -4.44 12.47 -7.89
N ASN A 52 -3.38 12.16 -7.12
CA ASN A 52 -2.07 11.77 -7.67
C ASN A 52 -1.91 10.24 -7.71
N LEU A 53 -2.96 9.51 -7.35
CA LEU A 53 -3.03 8.03 -7.46
C LEU A 53 -3.25 7.67 -8.95
N LYS A 54 -4.13 8.44 -9.60
CA LYS A 54 -4.44 8.30 -11.05
C LYS A 54 -3.32 8.88 -11.96
N ILE A 55 -2.22 9.36 -11.35
CA ILE A 55 -1.06 9.94 -12.08
C ILE A 55 0.21 9.15 -11.76
N LYS A 56 0.55 9.18 -10.47
CA LYS A 56 1.82 8.72 -9.93
C LYS A 56 1.75 7.26 -9.39
N PRO A 57 2.88 6.47 -9.50
CA PRO A 57 2.98 5.08 -8.96
C PRO A 57 2.82 5.01 -7.43
N PHE A 58 1.80 4.26 -6.97
CA PHE A 58 1.38 4.21 -5.56
C PHE A 58 1.84 2.90 -4.91
N TYR A 59 2.53 3.01 -3.74
CA TYR A 59 3.07 1.85 -3.02
C TYR A 59 2.83 1.97 -1.50
N CYS A 60 2.92 0.82 -0.82
CA CYS A 60 2.81 0.70 0.65
C CYS A 60 4.14 1.14 1.33
N PRO A 61 4.11 1.60 2.64
CA PRO A 61 5.31 2.06 3.38
C PRO A 61 6.42 0.99 3.45
N HIS A 62 6.01 -0.29 3.49
CA HIS A 62 6.93 -1.45 3.61
C HIS A 62 7.89 -1.56 2.42
N CYS A 63 7.41 -1.20 1.20
CA CYS A 63 8.26 -1.22 -0.02
C CYS A 63 9.26 -0.05 -0.01
N LEU A 64 8.86 1.07 0.61
CA LEU A 64 9.73 2.27 0.74
C LEU A 64 10.89 1.98 1.73
N VAL A 65 10.60 1.10 2.71
CA VAL A 65 11.61 0.60 3.68
C VAL A 65 12.44 -0.54 3.04
N ALA A 66 11.79 -1.34 2.17
CA ALA A 66 12.44 -2.47 1.48
C ALA A 66 13.54 -1.99 0.51
N MET A 67 13.36 -0.79 -0.04
CA MET A 67 14.32 -0.15 -0.94
C MET A 67 15.36 0.66 -0.15
N GLU A 68 14.87 1.48 0.83
CA GLU A 68 15.67 2.47 1.59
C GLU A 68 16.23 3.60 0.67
N PRO A 69 16.19 4.89 1.13
CA PRO A 69 16.88 6.01 0.44
C PRO A 69 18.42 5.80 0.46
N VAL A 70 18.98 5.51 -0.72
CA VAL A 70 20.39 5.12 -0.90
C VAL A 70 21.36 6.28 -0.54
N SER A 71 21.92 6.21 0.68
CA SER A 71 22.84 7.22 1.22
C SER A 71 23.94 6.55 2.06
N THR A 72 25.16 7.11 2.01
CA THR A 72 26.37 6.52 2.64
C THR A 72 27.05 7.53 3.59
N ARG A 73 28.02 7.03 4.37
CA ARG A 73 28.86 7.85 5.26
C ARG A 73 30.01 8.52 4.44
ZN ZN B . -6.59 1.74 5.43
ZN ZN C . 4.31 -2.88 -1.23
N PHE A 9 -2.66 -26.63 4.90
CA PHE A 9 -1.95 -25.33 5.10
C PHE A 9 -0.52 -25.45 4.55
N ASN A 10 -0.22 -24.68 3.48
CA ASN A 10 1.10 -24.71 2.80
C ASN A 10 1.90 -23.41 3.05
N THR A 11 1.37 -22.56 3.96
CA THR A 11 2.01 -21.30 4.43
C THR A 11 2.47 -20.36 3.28
N SER A 12 1.79 -20.43 2.13
CA SER A 12 2.09 -19.59 0.93
C SER A 12 0.97 -18.57 0.69
N ASP A 13 0.03 -18.49 1.63
CA ASP A 13 -1.22 -17.73 1.49
C ASP A 13 -1.02 -16.31 2.03
N TYR A 14 -0.42 -15.46 1.17
CA TYR A 14 -0.04 -14.08 1.52
C TYR A 14 -1.28 -13.19 1.68
N ARG A 15 -1.22 -12.27 2.66
CA ARG A 15 -2.33 -11.36 2.97
C ARG A 15 -2.13 -10.05 2.22
N PHE A 16 -3.20 -9.57 1.54
CA PHE A 16 -3.19 -8.34 0.73
C PHE A 16 -4.44 -7.51 1.03
N GLU A 17 -4.43 -6.85 2.19
CA GLU A 17 -5.50 -5.93 2.64
C GLU A 17 -4.85 -4.76 3.40
N CYS A 18 -5.62 -3.66 3.61
CA CYS A 18 -5.10 -2.45 4.29
C CYS A 18 -4.69 -2.75 5.74
N ILE A 19 -3.71 -1.97 6.26
CA ILE A 19 -3.21 -2.12 7.65
C ILE A 19 -4.30 -1.81 8.71
N CYS A 20 -5.26 -0.89 8.39
CA CYS A 20 -6.44 -0.64 9.28
C CYS A 20 -7.54 -1.69 9.06
N GLY A 21 -7.42 -2.43 7.96
CA GLY A 21 -8.45 -3.33 7.45
C GLY A 21 -9.53 -2.50 6.77
N GLU A 22 -10.48 -2.08 7.61
CA GLU A 22 -11.68 -1.25 7.26
C GLU A 22 -12.34 -1.62 5.89
N LEU A 23 -11.72 -1.15 4.80
CA LEU A 23 -12.19 -1.28 3.41
C LEU A 23 -10.97 -1.29 2.47
N ASP A 24 -11.20 -1.55 1.19
CA ASP A 24 -10.27 -1.23 0.09
C ASP A 24 -11.10 -0.92 -1.17
N GLN A 25 -11.54 0.36 -1.24
CA GLN A 25 -12.31 0.93 -2.37
C GLN A 25 -11.81 2.38 -2.61
N ILE A 26 -12.47 3.14 -3.49
CA ILE A 26 -12.15 4.58 -3.72
C ILE A 26 -13.39 5.46 -3.45
N ASP A 27 -14.56 4.79 -3.27
CA ASP A 27 -15.89 5.44 -3.11
C ASP A 27 -15.93 6.47 -1.96
N ARG A 28 -15.27 6.13 -0.85
CA ARG A 28 -15.19 6.98 0.34
C ARG A 28 -13.71 7.16 0.73
N LYS A 29 -13.07 6.02 1.04
CA LYS A 29 -11.66 5.98 1.48
C LYS A 29 -10.81 5.39 0.36
N PRO A 30 -9.96 6.19 -0.33
CA PRO A 30 -9.22 5.72 -1.53
C PRO A 30 -8.16 4.68 -1.20
N ARG A 31 -7.75 3.90 -2.22
CA ARG A 31 -6.87 2.73 -2.05
C ARG A 31 -5.64 2.79 -2.98
N VAL A 32 -4.48 2.34 -2.46
CA VAL A 32 -3.25 2.19 -3.26
C VAL A 32 -2.94 0.69 -3.47
N GLN A 33 -3.11 0.24 -4.72
CA GLN A 33 -2.75 -1.11 -5.17
C GLN A 33 -1.23 -1.17 -5.40
N CYS A 34 -0.47 -1.57 -4.35
CA CYS A 34 0.99 -1.61 -4.42
C CYS A 34 1.42 -2.77 -5.33
N LEU A 35 1.41 -2.44 -6.64
CA LEU A 35 1.50 -3.39 -7.76
C LEU A 35 2.73 -4.31 -7.68
N LYS A 36 3.82 -3.78 -7.14
CA LYS A 36 5.13 -4.45 -7.12
C LYS A 36 5.11 -5.68 -6.17
N CYS A 37 4.44 -5.56 -5.00
CA CYS A 37 4.31 -6.70 -4.04
C CYS A 37 2.86 -7.21 -3.94
N HIS A 38 1.97 -6.60 -4.76
CA HIS A 38 0.53 -6.95 -4.85
C HIS A 38 -0.18 -6.81 -3.47
N LEU A 39 0.14 -5.72 -2.75
CA LEU A 39 -0.40 -5.44 -1.39
C LEU A 39 -1.37 -4.26 -1.51
N TRP A 40 -2.65 -4.49 -1.16
CA TRP A 40 -3.69 -3.46 -1.24
C TRP A 40 -3.71 -2.65 0.08
N GLN A 41 -3.75 -1.32 -0.01
CA GLN A 41 -3.81 -0.44 1.17
C GLN A 41 -4.71 0.77 0.85
N HIS A 42 -4.85 1.72 1.80
CA HIS A 42 -5.53 3.01 1.53
C HIS A 42 -4.50 4.12 1.24
N ALA A 43 -4.90 5.10 0.41
CA ALA A 43 -4.06 6.27 0.07
C ALA A 43 -3.82 7.17 1.30
N LYS A 44 -4.91 7.50 2.02
CA LYS A 44 -4.84 8.34 3.25
C LYS A 44 -4.38 7.51 4.48
N CYS A 45 -3.96 6.24 4.26
CA CYS A 45 -3.29 5.40 5.29
C CYS A 45 -1.78 5.32 5.02
N VAL A 46 -1.31 5.84 3.85
CA VAL A 46 0.11 5.78 3.43
C VAL A 46 0.66 7.19 3.11
N ASN A 47 -0.14 8.24 3.44
CA ASN A 47 0.15 9.67 3.12
C ASN A 47 0.20 9.86 1.59
N TYR A 48 -0.99 9.94 0.98
CA TYR A 48 -1.17 9.91 -0.49
C TYR A 48 -2.64 10.27 -0.79
N ASP A 49 -2.93 10.84 -1.96
CA ASP A 49 -4.32 11.25 -2.32
C ASP A 49 -4.73 10.57 -3.64
N GLU A 50 -6.06 10.44 -3.84
CA GLU A 50 -6.62 9.78 -5.04
C GLU A 50 -6.46 10.64 -6.30
N LYS A 51 -6.34 11.97 -6.09
CA LYS A 51 -6.10 12.96 -7.17
C LYS A 51 -4.85 12.55 -8.00
N ASN A 52 -3.82 12.09 -7.29
CA ASN A 52 -2.53 11.66 -7.90
C ASN A 52 -2.40 10.11 -7.94
N LEU A 53 -3.44 9.40 -7.45
CA LEU A 53 -3.53 7.92 -7.54
C LEU A 53 -3.77 7.48 -8.97
N LYS A 54 -4.70 8.19 -9.62
CA LYS A 54 -5.08 7.95 -11.02
C LYS A 54 -4.00 8.43 -12.03
N ILE A 55 -2.93 9.08 -11.52
CA ILE A 55 -1.84 9.63 -12.37
C ILE A 55 -0.52 8.86 -12.13
N LYS A 56 -0.03 8.97 -10.90
CA LYS A 56 1.33 8.58 -10.49
C LYS A 56 1.39 7.17 -9.85
N PRO A 57 2.62 6.53 -9.78
CA PRO A 57 2.85 5.26 -9.01
C PRO A 57 2.51 5.38 -7.50
N PHE A 58 2.23 4.22 -6.87
CA PHE A 58 1.77 4.13 -5.47
C PHE A 58 2.21 2.80 -4.85
N TYR A 59 2.79 2.87 -3.64
CA TYR A 59 3.37 1.71 -2.94
C TYR A 59 2.98 1.73 -1.44
N CYS A 60 3.00 0.53 -0.81
CA CYS A 60 2.66 0.35 0.62
C CYS A 60 3.91 0.62 1.49
N PRO A 61 3.76 1.13 2.77
CA PRO A 61 4.89 1.55 3.65
C PRO A 61 5.96 0.46 3.87
N HIS A 62 5.53 -0.82 3.83
CA HIS A 62 6.44 -1.97 3.98
C HIS A 62 7.53 -1.96 2.89
N CYS A 63 7.14 -1.61 1.66
CA CYS A 63 8.09 -1.49 0.52
C CYS A 63 8.98 -0.25 0.66
N LEU A 64 8.43 0.84 1.22
CA LEU A 64 9.20 2.07 1.45
C LEU A 64 10.36 1.81 2.43
N VAL A 65 10.04 1.11 3.55
CA VAL A 65 11.01 0.73 4.58
C VAL A 65 11.99 -0.35 4.04
N ALA A 66 11.49 -1.22 3.14
CA ALA A 66 12.30 -2.28 2.49
C ALA A 66 13.28 -1.68 1.47
N MET A 67 12.93 -0.52 0.90
CA MET A 67 13.80 0.23 -0.03
C MET A 67 14.84 1.05 0.74
N GLU A 68 14.48 1.48 1.97
CA GLU A 68 15.43 2.15 2.87
C GLU A 68 16.40 1.12 3.48
N PRO A 69 17.72 1.45 3.66
CA PRO A 69 18.71 0.52 4.26
C PRO A 69 18.42 0.26 5.76
N VAL A 70 19.01 -0.83 6.30
CA VAL A 70 18.74 -1.28 7.68
C VAL A 70 19.51 -0.44 8.71
N SER A 71 18.91 -0.27 9.90
CA SER A 71 19.51 0.44 11.04
C SER A 71 19.58 -0.52 12.24
N THR A 72 20.76 -1.11 12.44
CA THR A 72 21.03 -1.93 13.63
C THR A 72 21.20 -1.01 14.85
N ARG A 73 20.20 -1.02 15.74
CA ARG A 73 20.18 -0.22 16.97
C ARG A 73 20.06 -1.16 18.19
ZN ZN B . -6.77 1.89 5.66
ZN ZN C . 4.26 -3.11 -1.25
#